data_1H86
#
_entry.id   1H86
#
_cell.length_a   184.290
_cell.length_b   184.290
_cell.length_c   279.610
_cell.angle_alpha   90.00
_cell.angle_beta   90.00
_cell.angle_gamma   120.00
#
_symmetry.space_group_name_H-M   'P 65 2 2'
#
loop_
_entity.id
_entity.type
_entity.pdbx_description
1 polymer 'POLYAMINE OXIDASE'
2 branched 2-acetamido-2-deoxy-beta-D-glucopyranose-(1-4)-2-acetamido-2-deoxy-beta-D-glucopyranose
3 branched alpha-D-mannopyranose-(1-6)-alpha-D-mannopyranose-(1-4)-2-acetamido-2-deoxy-beta-D-glucopyranose-(1-4)-[alpha-D-fucopyranose-(1-3)]2-acetamido-2-deoxy-beta-D-glucopyranose
4 non-polymer 'FLAVIN-ADENINE DINUCLEOTIDE'
5 non-polymer 3-[(3-{[3-(METHYLAMINO)PROPYL]AMINO}PROPYL)AMINO]PROPANE-1,1-DIOL
6 non-polymer 2-acetamido-2-deoxy-beta-D-glucopyranose
7 water water
#
_entity_poly.entity_id   1
_entity_poly.type   'polypeptide(L)'
_entity_poly.pdbx_seq_one_letter_code
;ATVGPRVIVVGAGMSGISAAKRLSEAGITDLLILEATDHIGGRMHKTNFAGINVELGANWVEGVNGGKMNPIWPIVNSTL
KLRNFRSDFDYLAQNVYKEDGGVYDEDYVQKRIELADSVEEMGEKLSATLHASGRDDMSILAMQRLNEHQPNGPATPVDM
VVDYYKFDYEFAEPPRVTSLQNTVPLATFSDFGDDVYFVADQRGYEAVVYYLAGQYLKTDDKSGKIVDPRLQLNKVVREI
KYSPGGVTVKTEDNSVYSADYVMVSASLGVLQSDLIQFKPKLPTWKVRAIYQFDMAVYTKIFLKFPRKFWPEGKGREFFL
YASSRRGYYGVWQEFEKQYPDANVLLVTVTDEESRRIEQQSDEQTKAEIMQVLRKMFPGKDVPDATDILVPRWWSDRFYK
GTFSNWPVGVNRYEYDQLRAPVGRVYFTGEHTSEHYNGYVHGAYLSGIDSAEILINCAQKKMCKYHVQGKYD
;
_entity_poly.pdbx_strand_id   A,B,C
#
loop_
_chem_comp.id
_chem_comp.type
_chem_comp.name
_chem_comp.formula
FAD non-polymer 'FLAVIN-ADENINE DINUCLEOTIDE' 'C27 H33 N9 O15 P2'
FCA D-saccharide, alpha linking alpha-D-fucopyranose 'C6 H12 O5'
MAN D-saccharide, alpha linking alpha-D-mannopyranose 'C6 H12 O6'
NAG D-saccharide, beta linking 2-acetamido-2-deoxy-beta-D-glucopyranose 'C8 H15 N O6'
NBA non-polymer 3-[(3-{[3-(METHYLAMINO)PROPYL]AMINO}PROPYL)AMINO]PROPANE-1,1-DIOL 'C10 H25 N3 O2'
#
# COMPACT_ATOMS: atom_id res chain seq x y z
N PRO A 5 18.63 32.08 -47.26
CA PRO A 5 19.33 30.80 -47.37
C PRO A 5 18.35 29.65 -47.62
N ARG A 6 18.77 28.59 -48.30
CA ARG A 6 17.89 27.46 -48.52
C ARG A 6 18.15 26.50 -47.39
N VAL A 7 17.06 26.03 -46.77
CA VAL A 7 17.19 25.09 -45.64
C VAL A 7 16.34 23.85 -45.81
N ILE A 8 16.96 22.68 -45.65
CA ILE A 8 16.18 21.46 -45.72
C ILE A 8 15.83 21.03 -44.30
N VAL A 9 14.55 20.76 -44.09
CA VAL A 9 14.06 20.29 -42.78
C VAL A 9 13.78 18.79 -42.84
N VAL A 10 14.45 17.99 -42.02
CA VAL A 10 14.18 16.56 -42.10
C VAL A 10 13.10 16.25 -41.07
N GLY A 11 11.96 15.87 -41.62
CA GLY A 11 10.78 15.48 -40.84
C GLY A 11 9.71 16.54 -40.63
N ALA A 12 8.44 16.12 -40.77
CA ALA A 12 7.30 17.03 -40.60
C ALA A 12 6.44 16.73 -39.38
N GLY A 13 7.09 16.38 -38.28
CA GLY A 13 6.42 16.19 -37.00
C GLY A 13 6.20 17.60 -36.42
N MET A 14 5.87 17.65 -35.14
CA MET A 14 5.65 18.96 -34.54
C MET A 14 6.84 19.93 -34.61
N SER A 15 8.03 19.44 -34.27
CA SER A 15 9.20 20.33 -34.25
C SER A 15 9.63 20.75 -35.65
N GLY A 16 9.54 19.85 -36.61
CA GLY A 16 9.93 20.29 -37.95
C GLY A 16 9.02 21.39 -38.48
N ILE A 17 7.73 21.14 -38.26
CA ILE A 17 6.76 22.10 -38.76
C ILE A 17 6.94 23.42 -38.05
N SER A 18 7.12 23.27 -36.75
CA SER A 18 7.31 24.46 -35.93
C SER A 18 8.62 25.21 -36.27
N ALA A 19 9.67 24.48 -36.60
CA ALA A 19 10.93 25.18 -36.88
C ALA A 19 10.78 25.85 -38.25
N ALA A 20 10.23 25.12 -39.23
CA ALA A 20 10.04 25.65 -40.58
C ALA A 20 9.18 26.91 -40.53
N LYS A 21 8.25 26.89 -39.60
CA LYS A 21 7.41 28.06 -39.44
C LYS A 21 8.16 29.30 -38.92
N ARG A 22 9.06 29.07 -37.95
CA ARG A 22 9.78 30.21 -37.37
C ARG A 22 10.79 30.78 -38.40
N LEU A 23 11.34 29.86 -39.20
CA LEU A 23 12.29 30.26 -40.21
C LEU A 23 11.51 31.13 -41.18
N SER A 24 10.35 30.60 -41.57
CA SER A 24 9.53 31.35 -42.51
C SER A 24 9.26 32.75 -41.97
N GLU A 25 8.93 32.82 -40.69
CA GLU A 25 8.67 34.14 -40.17
C GLU A 25 9.90 34.99 -40.21
N ALA A 26 11.08 34.38 -40.21
CA ALA A 26 12.28 35.21 -40.22
C ALA A 26 12.55 35.55 -41.68
N GLY A 27 11.75 35.05 -42.60
CA GLY A 27 12.08 35.47 -43.95
C GLY A 27 12.78 34.34 -44.67
N ILE A 28 13.07 33.29 -43.91
CA ILE A 28 13.70 32.20 -44.60
C ILE A 28 12.63 31.29 -45.13
N THR A 29 12.24 31.60 -46.36
CA THR A 29 11.19 30.85 -47.04
C THR A 29 11.64 29.84 -48.07
N ASP A 30 12.93 29.78 -48.35
CA ASP A 30 13.30 28.79 -49.34
C ASP A 30 13.56 27.52 -48.53
N LEU A 31 12.44 26.87 -48.24
CA LEU A 31 12.45 25.66 -47.41
C LEU A 31 12.07 24.42 -48.17
N LEU A 32 12.57 23.28 -47.71
CA LEU A 32 12.22 22.01 -48.30
C LEU A 32 12.11 21.08 -47.08
N ILE A 33 10.88 20.67 -46.81
CA ILE A 33 10.58 19.76 -45.70
C ILE A 33 10.45 18.36 -46.25
N LEU A 34 11.36 17.47 -45.85
CA LEU A 34 11.32 16.09 -46.34
C LEU A 34 10.78 15.16 -45.27
N GLU A 35 9.61 14.57 -45.48
CA GLU A 35 9.02 13.70 -44.47
C GLU A 35 8.97 12.26 -44.91
N ALA A 36 9.44 11.37 -44.05
CA ALA A 36 9.48 9.96 -44.42
C ALA A 36 8.14 9.29 -44.72
N THR A 37 7.12 9.55 -43.90
CA THR A 37 5.83 8.90 -44.04
C THR A 37 4.92 9.64 -45.00
N ASP A 38 3.71 9.12 -45.15
CA ASP A 38 2.79 9.76 -46.07
C ASP A 38 2.00 10.84 -45.42
N HIS A 39 2.47 11.32 -44.28
CA HIS A 39 1.72 12.41 -43.69
C HIS A 39 2.60 13.15 -42.69
N ILE A 40 2.12 14.33 -42.30
CA ILE A 40 2.78 15.15 -41.31
C ILE A 40 2.19 14.83 -39.92
N GLY A 41 2.77 15.36 -38.84
CA GLY A 41 2.35 15.14 -37.45
C GLY A 41 3.26 14.18 -36.62
N GLY A 42 3.95 13.26 -37.27
CA GLY A 42 4.88 12.33 -36.60
C GLY A 42 4.25 11.65 -35.38
N ARG A 43 4.78 11.92 -34.18
CA ARG A 43 4.30 11.33 -32.95
C ARG A 43 2.90 11.75 -32.47
N MET A 44 2.28 12.74 -33.13
CA MET A 44 0.90 13.10 -32.77
C MET A 44 0.20 12.47 -33.96
N HIS A 45 -0.36 11.28 -33.71
CA HIS A 45 -0.98 10.58 -34.82
C HIS A 45 -2.17 9.70 -34.47
N LYS A 46 -3.29 9.91 -35.19
CA LYS A 46 -4.51 9.20 -34.86
C LYS A 46 -4.66 8.05 -35.79
N THR A 47 -5.63 7.22 -35.42
CA THR A 47 -6.01 6.03 -36.18
C THR A 47 -7.44 5.59 -35.82
N ASN A 48 -8.07 4.97 -36.80
CA ASN A 48 -9.43 4.49 -36.56
C ASN A 48 -9.35 3.14 -35.85
N PHE A 49 -10.10 2.94 -34.77
CA PHE A 49 -10.04 1.65 -34.12
C PHE A 49 -11.50 1.52 -33.70
N ALA A 50 -12.10 0.38 -34.06
CA ALA A 50 -13.49 0.12 -33.72
C ALA A 50 -14.34 1.31 -34.15
N GLY A 51 -14.16 1.81 -35.37
CA GLY A 51 -15.01 2.93 -35.74
C GLY A 51 -14.83 4.26 -35.06
N ILE A 52 -13.77 4.39 -34.27
CA ILE A 52 -13.46 5.73 -33.74
C ILE A 52 -11.99 5.94 -33.97
N ASN A 53 -11.60 7.21 -33.93
CA ASN A 53 -10.20 7.55 -34.10
C ASN A 53 -9.62 7.68 -32.71
N VAL A 54 -8.59 6.91 -32.40
CA VAL A 54 -7.95 7.04 -31.09
C VAL A 54 -6.50 7.46 -31.43
N GLU A 55 -5.78 7.98 -30.44
CA GLU A 55 -4.42 8.48 -30.65
C GLU A 55 -3.43 7.37 -30.43
N LEU A 56 -2.59 7.12 -31.43
CA LEU A 56 -1.55 6.10 -31.35
C LEU A 56 -0.39 6.66 -30.49
N GLY A 57 -0.22 7.98 -30.50
CA GLY A 57 0.89 8.66 -29.80
C GLY A 57 0.44 9.58 -28.67
N ALA A 58 0.90 10.84 -28.72
CA ALA A 58 0.55 11.78 -27.67
C ALA A 58 -0.97 11.87 -27.57
N ASN A 59 -1.43 12.06 -26.33
CA ASN A 59 -2.87 12.16 -26.11
C ASN A 59 -3.28 13.33 -25.22
N TRP A 60 -2.36 13.79 -24.36
CA TRP A 60 -2.65 14.87 -23.46
C TRP A 60 -1.93 16.17 -23.74
N VAL A 61 -2.53 17.25 -23.26
CA VAL A 61 -1.85 18.52 -23.21
C VAL A 61 -1.45 18.45 -21.73
N GLU A 62 -0.16 18.32 -21.44
CA GLU A 62 0.29 18.17 -20.07
C GLU A 62 0.91 19.48 -19.59
N GLY A 63 0.43 19.94 -18.45
CA GLY A 63 0.85 21.20 -17.84
C GLY A 63 -0.19 22.23 -18.24
N VAL A 64 -1.24 22.35 -17.41
CA VAL A 64 -2.30 23.34 -17.67
C VAL A 64 -2.73 23.96 -16.35
N ASN A 65 -3.17 25.22 -16.42
CA ASN A 65 -3.62 25.93 -15.24
C ASN A 65 -2.52 26.41 -14.31
N GLY A 66 -1.26 26.43 -14.75
CA GLY A 66 -0.17 26.84 -13.85
C GLY A 66 0.22 28.31 -14.01
N GLY A 67 1.42 28.62 -13.56
CA GLY A 67 1.90 29.99 -13.60
C GLY A 67 2.13 30.57 -14.98
N LYS A 68 2.45 29.70 -15.92
CA LYS A 68 2.69 30.22 -17.26
C LYS A 68 1.78 29.38 -18.12
N MET A 69 1.53 29.93 -19.31
CA MET A 69 0.67 29.27 -20.27
C MET A 69 1.39 28.29 -21.19
N ASN A 70 1.05 27.01 -21.12
CA ASN A 70 1.64 26.04 -22.03
C ASN A 70 1.15 26.50 -23.38
N PRO A 71 2.07 26.81 -24.29
CA PRO A 71 1.71 27.28 -25.61
C PRO A 71 0.82 26.33 -26.38
N ILE A 72 0.86 25.05 -26.06
CA ILE A 72 -0.03 24.21 -26.86
C ILE A 72 -1.48 24.41 -26.47
N TRP A 73 -1.68 24.82 -25.23
CA TRP A 73 -3.05 24.86 -24.74
C TRP A 73 -4.11 25.74 -25.42
N PRO A 74 -3.79 26.99 -25.66
CA PRO A 74 -4.73 27.89 -26.29
C PRO A 74 -5.03 27.33 -27.65
N ILE A 75 -4.02 26.73 -28.27
CA ILE A 75 -4.31 26.28 -29.63
C ILE A 75 -5.33 25.16 -29.54
N VAL A 76 -5.10 24.32 -28.56
CA VAL A 76 -6.02 23.20 -28.47
C VAL A 76 -7.40 23.63 -27.98
N ASN A 77 -7.41 24.37 -26.88
CA ASN A 77 -8.68 24.74 -26.27
C ASN A 77 -9.38 26.00 -26.75
N SER A 78 -8.76 26.86 -27.54
CA SER A 78 -9.43 28.09 -28.00
C SER A 78 -9.35 28.20 -29.50
N THR A 79 -8.18 27.92 -30.05
CA THR A 79 -8.13 28.09 -31.47
C THR A 79 -8.90 27.02 -32.18
N LEU A 80 -8.55 25.77 -31.92
CA LEU A 80 -9.21 24.72 -32.67
C LEU A 80 -10.41 24.17 -31.93
N LYS A 81 -10.42 24.45 -30.63
CA LYS A 81 -11.43 23.86 -29.76
C LYS A 81 -11.47 22.34 -29.94
N LEU A 82 -10.34 21.67 -29.76
CA LEU A 82 -10.41 20.23 -29.91
C LEU A 82 -11.12 19.72 -28.63
N ARG A 83 -11.93 18.70 -28.79
CA ARG A 83 -12.67 18.18 -27.66
C ARG A 83 -11.67 17.57 -26.69
N ASN A 84 -11.81 17.88 -25.41
CA ASN A 84 -10.87 17.36 -24.41
C ASN A 84 -11.46 17.32 -23.02
N PHE A 85 -10.79 16.61 -22.10
CA PHE A 85 -11.27 16.48 -20.72
C PHE A 85 -10.15 16.45 -19.69
N ARG A 86 -10.28 17.18 -18.57
CA ARG A 86 -9.24 17.18 -17.54
C ARG A 86 -9.17 15.79 -16.94
N SER A 87 -7.99 15.18 -16.81
CA SER A 87 -7.93 13.86 -16.17
C SER A 87 -7.96 14.03 -14.66
N ASP A 88 -8.75 13.26 -13.91
CA ASP A 88 -8.76 13.41 -12.46
C ASP A 88 -8.26 12.13 -11.88
N PHE A 89 -7.18 12.18 -11.11
CA PHE A 89 -6.60 10.95 -10.56
C PHE A 89 -6.93 10.82 -9.10
N ASP A 90 -7.85 11.65 -8.67
CA ASP A 90 -8.11 11.59 -7.26
C ASP A 90 -8.71 10.33 -6.70
N TYR A 91 -9.33 9.53 -7.55
CA TYR A 91 -10.00 8.35 -7.00
C TYR A 91 -9.23 7.08 -7.16
N LEU A 92 -7.98 7.21 -7.59
CA LEU A 92 -7.16 6.04 -7.84
C LEU A 92 -7.22 5.02 -6.71
N ALA A 93 -7.20 5.47 -5.45
CA ALA A 93 -7.23 4.57 -4.30
C ALA A 93 -8.40 3.63 -4.23
N GLN A 94 -9.44 3.99 -4.99
CA GLN A 94 -10.58 3.08 -5.01
C GLN A 94 -10.48 2.13 -6.20
N ASN A 95 -9.44 2.22 -7.01
CA ASN A 95 -9.42 1.41 -8.21
C ASN A 95 -8.12 0.66 -8.45
N VAL A 96 -7.55 0.06 -7.43
CA VAL A 96 -6.31 -0.69 -7.61
C VAL A 96 -6.65 -2.13 -7.32
N TYR A 97 -6.55 -2.94 -8.37
CA TYR A 97 -6.90 -4.34 -8.32
C TYR A 97 -5.80 -5.23 -7.85
N LYS A 98 -6.19 -6.22 -7.06
CA LYS A 98 -5.31 -7.26 -6.56
C LYS A 98 -4.97 -8.22 -7.72
N GLU A 99 -3.83 -8.88 -7.69
CA GLU A 99 -3.44 -9.74 -8.80
C GLU A 99 -4.43 -10.84 -9.05
N ASP A 100 -5.06 -11.30 -7.98
CA ASP A 100 -6.05 -12.36 -8.10
C ASP A 100 -7.20 -11.79 -7.30
N GLY A 101 -8.07 -11.18 -8.11
CA GLY A 101 -9.34 -10.54 -7.83
C GLY A 101 -9.76 -9.44 -6.85
N GLY A 102 -10.55 -8.49 -7.35
CA GLY A 102 -11.04 -7.45 -6.47
C GLY A 102 -10.00 -6.35 -6.25
N VAL A 103 -10.52 -5.27 -5.68
CA VAL A 103 -9.74 -4.10 -5.41
C VAL A 103 -9.26 -4.19 -3.99
N TYR A 104 -8.17 -3.50 -3.71
CA TYR A 104 -7.61 -3.44 -2.38
C TYR A 104 -8.47 -2.49 -1.59
N ASP A 105 -8.34 -2.58 -0.26
CA ASP A 105 -9.02 -1.66 0.65
C ASP A 105 -8.59 -0.22 0.29
N GLU A 106 -9.58 0.62 0.10
CA GLU A 106 -9.24 1.97 -0.32
C GLU A 106 -8.37 2.80 0.63
N ASP A 107 -8.68 2.74 1.91
CA ASP A 107 -7.89 3.54 2.82
C ASP A 107 -6.43 3.03 2.80
N TYR A 108 -6.24 1.72 2.71
CA TYR A 108 -4.88 1.23 2.69
C TYR A 108 -4.17 1.80 1.46
N VAL A 109 -4.81 1.70 0.31
CA VAL A 109 -4.11 2.17 -0.89
C VAL A 109 -3.86 3.68 -0.83
N GLN A 110 -4.82 4.42 -0.27
CA GLN A 110 -4.66 5.87 -0.23
C GLN A 110 -3.45 6.23 0.60
N LYS A 111 -3.20 5.48 1.66
CA LYS A 111 -2.02 5.80 2.47
C LYS A 111 -0.73 5.45 1.71
N ARG A 112 -0.71 4.36 0.93
CA ARG A 112 0.50 3.98 0.17
C ARG A 112 0.76 5.10 -0.84
N ILE A 113 -0.30 5.62 -1.44
CA ILE A 113 -0.14 6.70 -2.41
C ILE A 113 0.43 7.95 -1.74
N GLU A 114 -0.08 8.27 -0.56
CA GLU A 114 0.41 9.46 0.14
C GLU A 114 1.85 9.28 0.52
N LEU A 115 2.19 8.06 0.94
CA LEU A 115 3.59 7.78 1.33
C LEU A 115 4.47 8.04 0.09
N ALA A 116 4.09 7.45 -1.04
CA ALA A 116 4.83 7.64 -2.30
C ALA A 116 5.01 9.12 -2.70
N ASP A 117 3.90 9.84 -2.62
CA ASP A 117 3.94 11.27 -2.92
C ASP A 117 4.80 11.99 -1.90
N SER A 118 4.72 11.61 -0.63
CA SER A 118 5.53 12.34 0.32
C SER A 118 7.01 12.10 0.01
N VAL A 119 7.35 10.87 -0.35
CA VAL A 119 8.75 10.58 -0.64
C VAL A 119 9.18 11.42 -1.84
N GLU A 120 8.30 11.49 -2.81
CA GLU A 120 8.71 12.29 -3.95
C GLU A 120 8.87 13.74 -3.60
N GLU A 121 8.06 14.22 -2.67
CA GLU A 121 8.15 15.63 -2.29
C GLU A 121 9.50 15.89 -1.65
N MET A 122 9.93 14.92 -0.87
CA MET A 122 11.20 15.09 -0.21
C MET A 122 12.25 15.05 -1.31
N GLY A 123 12.00 14.25 -2.34
CA GLY A 123 13.03 14.22 -3.37
C GLY A 123 13.13 15.57 -4.05
N GLU A 124 12.00 16.26 -4.13
CA GLU A 124 12.07 17.55 -4.81
C GLU A 124 12.91 18.49 -3.99
N LYS A 125 12.79 18.39 -2.68
CA LYS A 125 13.61 19.26 -1.86
C LYS A 125 15.09 18.94 -2.04
N LEU A 126 15.38 17.64 -2.04
CA LEU A 126 16.76 17.21 -2.19
C LEU A 126 17.30 17.73 -3.50
N SER A 127 16.51 17.50 -4.54
CA SER A 127 16.92 17.85 -5.90
C SER A 127 17.38 19.32 -6.01
N ALA A 128 16.63 20.15 -5.32
CA ALA A 128 16.91 21.57 -5.35
C ALA A 128 18.28 21.89 -4.81
N THR A 129 18.79 21.01 -3.96
CA THR A 129 20.08 21.31 -3.38
C THR A 129 21.23 20.65 -4.13
N LEU A 130 21.00 19.90 -5.21
CA LEU A 130 22.13 19.25 -5.92
C LEU A 130 23.03 20.19 -6.75
N HIS A 131 24.35 19.97 -6.75
CA HIS A 131 25.23 20.88 -7.52
C HIS A 131 24.75 20.95 -8.96
N ALA A 132 24.81 22.14 -9.54
CA ALA A 132 24.38 22.33 -10.93
C ALA A 132 25.16 21.52 -11.97
N SER A 133 26.40 21.19 -11.65
CA SER A 133 27.21 20.40 -12.56
C SER A 133 26.60 19.03 -12.69
N GLY A 134 25.76 18.59 -11.76
CA GLY A 134 25.26 17.23 -11.91
C GLY A 134 26.15 16.28 -11.10
N ARG A 135 27.23 16.74 -10.48
CA ARG A 135 28.01 15.73 -9.75
C ARG A 135 27.32 15.01 -8.59
N ASP A 136 26.22 15.56 -8.08
CA ASP A 136 25.57 14.89 -6.94
C ASP A 136 24.30 14.19 -7.39
N ASP A 137 24.06 14.19 -8.68
CA ASP A 137 22.81 13.55 -9.15
C ASP A 137 22.69 12.06 -8.80
N MET A 138 21.48 11.53 -8.78
CA MET A 138 21.32 10.11 -8.47
C MET A 138 20.00 9.72 -9.11
N SER A 139 19.70 8.41 -9.17
CA SER A 139 18.44 8.00 -9.77
C SER A 139 17.28 8.33 -8.85
N ILE A 140 16.07 8.37 -9.38
CA ILE A 140 14.92 8.58 -8.51
C ILE A 140 14.87 7.43 -7.49
N LEU A 141 15.26 6.23 -7.93
CA LEU A 141 15.24 5.12 -6.97
C LEU A 141 16.19 5.32 -5.81
N ALA A 142 17.38 5.85 -6.08
CA ALA A 142 18.34 6.08 -4.98
C ALA A 142 17.74 7.08 -3.96
N MET A 143 17.03 8.08 -4.46
CA MET A 143 16.38 9.08 -3.64
C MET A 143 15.32 8.37 -2.81
N GLN A 144 14.63 7.41 -3.41
CA GLN A 144 13.60 6.68 -2.65
C GLN A 144 14.23 5.88 -1.52
N ARG A 145 15.38 5.23 -1.78
CA ARG A 145 16.02 4.44 -0.74
C ARG A 145 16.43 5.36 0.41
N LEU A 146 16.99 6.50 0.03
CA LEU A 146 17.52 7.45 1.01
C LEU A 146 16.42 8.01 1.86
N ASN A 147 15.33 8.32 1.18
CA ASN A 147 14.23 8.98 1.90
C ASN A 147 13.48 8.04 2.79
N GLU A 148 13.44 6.77 2.48
CA GLU A 148 12.76 5.91 3.42
C GLU A 148 13.72 5.04 4.22
N HIS A 149 15.03 5.19 4.01
CA HIS A 149 15.92 4.27 4.71
C HIS A 149 15.76 2.78 4.47
N GLN A 150 15.80 2.37 3.20
CA GLN A 150 15.70 0.95 2.94
C GLN A 150 16.69 0.69 1.86
N PRO A 151 17.01 -0.58 1.64
CA PRO A 151 17.91 -1.06 0.60
C PRO A 151 17.19 -1.23 -0.74
N ASN A 152 15.92 -0.86 -0.79
CA ASN A 152 15.16 -0.99 -2.02
C ASN A 152 14.05 0.06 -2.14
N GLY A 153 13.47 0.27 -3.31
CA GLY A 153 12.38 1.24 -3.42
C GLY A 153 11.11 0.38 -3.24
N PRO A 154 9.99 0.87 -3.77
CA PRO A 154 8.72 0.16 -3.72
C PRO A 154 8.95 -1.27 -4.18
N ALA A 155 8.42 -2.24 -3.45
CA ALA A 155 8.68 -3.65 -3.77
C ALA A 155 7.49 -4.58 -3.59
N THR A 156 6.41 -4.13 -2.96
CA THR A 156 5.25 -5.03 -2.88
C THR A 156 4.49 -4.70 -4.18
N PRO A 157 3.60 -5.59 -4.62
CA PRO A 157 2.87 -5.33 -5.87
C PRO A 157 2.13 -4.04 -5.85
N VAL A 158 1.53 -3.73 -4.71
CA VAL A 158 0.76 -2.51 -4.68
C VAL A 158 1.66 -1.26 -4.74
N ASP A 159 2.71 -1.25 -3.92
CA ASP A 159 3.64 -0.11 -3.97
C ASP A 159 4.28 0.02 -5.35
N MET A 160 4.60 -1.12 -5.94
CA MET A 160 5.20 -1.08 -7.26
C MET A 160 4.27 -0.53 -8.34
N VAL A 161 2.98 -0.87 -8.30
CA VAL A 161 2.11 -0.35 -9.35
C VAL A 161 1.86 1.14 -9.11
N VAL A 162 1.89 1.56 -7.86
CA VAL A 162 1.69 2.98 -7.62
C VAL A 162 2.94 3.70 -8.13
N ASP A 163 4.09 3.07 -7.86
CA ASP A 163 5.34 3.67 -8.28
C ASP A 163 5.34 3.79 -9.83
N TYR A 164 4.85 2.72 -10.46
CA TYR A 164 4.78 2.66 -11.92
C TYR A 164 3.83 3.72 -12.48
N TYR A 165 2.68 3.82 -11.84
CA TYR A 165 1.76 4.84 -12.29
C TYR A 165 2.36 6.22 -12.00
N LYS A 166 3.13 6.40 -10.93
CA LYS A 166 3.64 7.76 -10.73
C LYS A 166 4.80 8.12 -11.65
N PHE A 167 5.67 7.16 -11.95
CA PHE A 167 6.84 7.51 -12.76
C PHE A 167 6.88 6.91 -14.14
N ASP A 168 6.87 5.58 -14.23
CA ASP A 168 6.98 4.97 -15.56
C ASP A 168 5.88 5.42 -16.52
N TYR A 169 4.71 5.63 -15.94
CA TYR A 169 3.58 6.04 -16.77
C TYR A 169 3.80 7.44 -17.32
N GLU A 170 4.72 8.19 -16.71
CA GLU A 170 4.96 9.54 -17.21
C GLU A 170 6.24 9.47 -18.07
N PHE A 171 7.30 8.84 -17.54
CA PHE A 171 8.61 8.77 -18.20
C PHE A 171 8.90 7.59 -19.13
N ALA A 172 8.10 6.53 -19.03
CA ALA A 172 8.31 5.36 -19.86
C ALA A 172 9.56 4.54 -19.51
N GLU A 173 10.23 4.80 -18.39
CA GLU A 173 11.32 3.95 -17.94
C GLU A 173 11.22 3.97 -16.41
N PRO A 174 11.82 3.00 -15.72
CA PRO A 174 11.71 3.05 -14.26
C PRO A 174 12.50 4.15 -13.56
N PRO A 175 12.11 4.42 -12.33
CA PRO A 175 12.83 5.43 -11.55
C PRO A 175 14.31 5.07 -11.41
N ARG A 176 14.67 3.79 -11.35
CA ARG A 176 16.09 3.48 -11.13
C ARG A 176 17.04 3.84 -12.25
N VAL A 177 16.47 4.21 -13.37
CA VAL A 177 17.27 4.62 -14.52
C VAL A 177 17.08 6.12 -14.73
N THR A 178 16.13 6.73 -14.04
CA THR A 178 15.84 8.12 -14.32
C THR A 178 16.59 9.12 -13.47
N SER A 179 17.09 10.20 -14.04
CA SER A 179 17.81 11.25 -13.29
C SER A 179 16.89 11.99 -12.32
N LEU A 180 17.24 11.97 -11.05
CA LEU A 180 16.38 12.69 -10.12
C LEU A 180 16.49 14.17 -10.47
N GLN A 181 17.72 14.66 -10.57
CA GLN A 181 17.90 16.10 -10.73
C GLN A 181 17.14 16.68 -11.90
N ASN A 182 17.11 15.89 -12.96
CA ASN A 182 16.48 16.35 -14.18
C ASN A 182 15.03 16.03 -14.44
N THR A 183 14.35 15.44 -13.45
CA THR A 183 12.95 15.09 -13.60
C THR A 183 12.10 15.45 -12.41
N VAL A 184 12.72 15.58 -11.24
CA VAL A 184 11.93 15.88 -10.05
C VAL A 184 12.47 17.15 -9.40
N PRO A 185 11.67 18.20 -9.38
CA PRO A 185 10.33 18.25 -9.97
C PRO A 185 10.49 18.45 -11.47
N LEU A 186 9.40 18.37 -12.22
CA LEU A 186 9.46 18.49 -13.66
C LEU A 186 9.01 19.87 -14.12
N ALA A 187 9.83 20.55 -14.92
CA ALA A 187 9.53 21.91 -15.40
C ALA A 187 8.16 22.08 -16.03
N THR A 188 7.80 21.11 -16.86
CA THR A 188 6.49 21.13 -17.52
C THR A 188 5.39 21.40 -16.50
N PHE A 189 5.39 20.69 -15.38
CA PHE A 189 4.35 20.92 -14.39
C PHE A 189 4.63 22.11 -13.53
N SER A 190 5.89 22.33 -13.15
CA SER A 190 6.20 23.49 -12.31
C SER A 190 5.89 24.76 -13.07
N ASP A 191 6.20 24.80 -14.36
CA ASP A 191 5.91 26.06 -15.03
C ASP A 191 4.48 26.25 -15.50
N PHE A 192 3.96 25.18 -16.09
CA PHE A 192 2.68 25.32 -16.72
C PHE A 192 1.48 24.89 -15.93
N GLY A 193 1.69 24.28 -14.77
CA GLY A 193 0.54 23.79 -14.01
C GLY A 193 0.44 22.26 -13.90
N ASP A 194 -0.24 21.84 -12.84
CA ASP A 194 -0.36 20.42 -12.58
C ASP A 194 -1.39 19.60 -13.37
N ASP A 195 -2.32 20.28 -14.05
CA ASP A 195 -3.34 19.51 -14.75
C ASP A 195 -2.92 18.98 -16.10
N VAL A 196 -3.66 17.99 -16.56
CA VAL A 196 -3.40 17.41 -17.86
C VAL A 196 -4.80 17.24 -18.46
N TYR A 197 -4.94 17.44 -19.77
CA TYR A 197 -6.23 17.34 -20.45
C TYR A 197 -6.05 16.39 -21.59
N PHE A 198 -6.91 15.38 -21.57
CA PHE A 198 -6.88 14.31 -22.57
C PHE A 198 -7.64 14.81 -23.77
N VAL A 199 -6.99 14.78 -24.92
CA VAL A 199 -7.62 15.27 -26.15
C VAL A 199 -8.36 14.10 -26.77
N ALA A 200 -9.66 14.29 -26.99
CA ALA A 200 -10.41 13.20 -27.59
C ALA A 200 -11.25 13.84 -28.69
N ASP A 201 -10.63 14.15 -29.82
CA ASP A 201 -11.36 14.78 -30.91
C ASP A 201 -11.09 14.04 -32.19
N GLN A 202 -12.11 13.91 -33.03
CA GLN A 202 -11.92 13.08 -34.21
C GLN A 202 -10.95 13.69 -35.21
N ARG A 203 -10.80 15.01 -35.12
CA ARG A 203 -9.84 15.61 -36.04
C ARG A 203 -8.42 15.13 -35.61
N GLY A 204 -8.21 14.75 -34.35
CA GLY A 204 -6.91 14.28 -33.84
C GLY A 204 -6.07 15.36 -33.18
N TYR A 205 -5.25 15.01 -32.19
CA TYR A 205 -4.36 15.97 -31.50
C TYR A 205 -3.48 16.52 -32.62
N GLU A 206 -3.28 15.72 -33.66
CA GLU A 206 -2.43 16.15 -34.77
C GLU A 206 -2.94 17.39 -35.50
N ALA A 207 -4.20 17.75 -35.23
CA ALA A 207 -4.75 18.94 -35.88
C ALA A 207 -3.91 20.18 -35.55
N VAL A 208 -3.30 20.11 -34.37
CA VAL A 208 -2.50 21.25 -33.95
C VAL A 208 -1.38 21.48 -34.96
N VAL A 209 -0.76 20.38 -35.38
CA VAL A 209 0.33 20.47 -36.33
C VAL A 209 -0.17 20.97 -37.69
N TYR A 210 -1.28 20.39 -38.16
CA TYR A 210 -1.86 20.82 -39.43
C TYR A 210 -2.20 22.32 -39.29
N TYR A 211 -2.67 22.74 -38.13
CA TYR A 211 -2.98 24.16 -38.15
C TYR A 211 -1.72 25.00 -38.27
N LEU A 212 -0.65 24.55 -37.61
CA LEU A 212 0.60 25.32 -37.67
C LEU A 212 1.15 25.36 -39.10
N ALA A 213 1.20 24.19 -39.72
CA ALA A 213 1.69 24.10 -41.07
C ALA A 213 0.93 25.05 -41.97
N GLY A 214 -0.40 25.04 -41.82
CA GLY A 214 -1.27 25.90 -42.63
C GLY A 214 -0.97 27.39 -42.44
N GLN A 215 -0.31 27.79 -41.39
CA GLN A 215 -0.07 29.20 -41.32
C GLN A 215 0.98 29.60 -42.35
N TYR A 216 1.67 28.71 -43.04
CA TYR A 216 2.72 29.25 -43.91
C TYR A 216 2.94 28.41 -45.13
N LEU A 217 2.40 27.21 -45.09
CA LEU A 217 2.54 26.31 -46.22
C LEU A 217 1.28 26.49 -47.07
N LYS A 218 1.33 26.23 -48.37
CA LYS A 218 0.10 26.43 -49.13
C LYS A 218 -0.91 25.29 -49.11
N THR A 219 -2.18 25.66 -48.98
CA THR A 219 -3.25 24.64 -49.01
C THR A 219 -4.34 24.95 -50.01
N ASP A 220 -4.91 23.88 -50.52
CA ASP A 220 -5.99 23.94 -51.50
C ASP A 220 -7.16 24.70 -50.91
N ASP A 221 -7.71 25.60 -51.72
CA ASP A 221 -8.85 26.37 -51.26
C ASP A 221 -10.10 25.47 -51.06
N LYS A 222 -10.31 24.42 -51.85
CA LYS A 222 -11.47 23.59 -51.55
C LYS A 222 -11.02 22.69 -50.37
N SER A 223 -10.26 21.69 -50.77
CA SER A 223 -9.61 20.65 -49.98
C SER A 223 -9.15 21.08 -48.62
N GLY A 224 -8.31 22.11 -48.61
CA GLY A 224 -7.72 22.57 -47.36
C GLY A 224 -6.43 21.76 -47.18
N LYS A 225 -6.16 20.82 -48.09
CA LYS A 225 -4.93 20.03 -48.07
C LYS A 225 -3.72 20.89 -48.37
N ILE A 226 -2.60 20.52 -47.77
CA ILE A 226 -1.42 21.32 -47.99
C ILE A 226 -1.01 20.89 -49.36
N VAL A 227 -0.75 21.85 -50.24
CA VAL A 227 -0.32 21.51 -51.60
C VAL A 227 1.03 22.16 -51.97
N ASP A 228 1.62 22.82 -51.00
CA ASP A 228 2.91 23.47 -51.16
C ASP A 228 3.99 22.46 -51.53
N PRO A 229 4.71 22.77 -52.60
CA PRO A 229 5.80 21.94 -53.12
C PRO A 229 6.96 21.88 -52.13
N ARG A 230 7.01 22.82 -51.20
CA ARG A 230 8.06 22.85 -50.17
C ARG A 230 7.89 21.69 -49.18
N LEU A 231 6.73 21.04 -49.22
CA LEU A 231 6.51 19.87 -48.35
C LEU A 231 6.51 18.62 -49.20
N GLN A 232 7.37 17.65 -48.92
CA GLN A 232 7.42 16.43 -49.74
C GLN A 232 7.33 15.21 -48.86
N LEU A 233 6.22 14.50 -49.01
CA LEU A 233 5.99 13.34 -48.22
C LEU A 233 6.68 12.21 -48.90
N ASN A 234 6.65 11.10 -48.18
CA ASN A 234 7.30 9.93 -48.67
C ASN A 234 8.76 10.16 -49.04
N LYS A 235 9.45 11.08 -48.36
CA LYS A 235 10.87 11.32 -48.62
C LYS A 235 11.68 10.85 -47.41
N VAL A 236 12.33 9.69 -47.51
CA VAL A 236 13.11 9.12 -46.41
C VAL A 236 14.60 9.45 -46.56
N VAL A 237 15.02 10.43 -45.79
CA VAL A 237 16.43 10.81 -45.86
C VAL A 237 17.32 9.68 -45.43
N ARG A 238 18.32 9.34 -46.23
CA ARG A 238 19.19 8.28 -45.79
C ARG A 238 20.59 8.81 -45.69
N GLU A 239 20.83 10.00 -46.22
CA GLU A 239 22.21 10.49 -46.14
C GLU A 239 22.27 11.99 -46.18
N ILE A 240 23.11 12.54 -45.32
CA ILE A 240 23.29 13.98 -45.26
C ILE A 240 24.81 14.22 -45.34
N LYS A 241 25.28 14.89 -46.40
CA LYS A 241 26.70 15.24 -46.56
C LYS A 241 26.76 16.73 -46.28
N TYR A 242 27.82 17.15 -45.59
CA TYR A 242 27.95 18.57 -45.29
C TYR A 242 29.41 19.02 -45.41
N SER A 243 29.63 20.30 -45.69
CA SER A 243 31.00 20.82 -45.84
C SER A 243 30.80 22.20 -45.26
N PRO A 244 31.86 23.01 -45.24
CA PRO A 244 31.77 24.32 -44.63
C PRO A 244 30.93 25.18 -45.53
N GLY A 245 30.66 24.68 -46.72
CA GLY A 245 29.89 25.53 -47.62
C GLY A 245 28.41 25.24 -47.84
N GLY A 246 27.97 24.03 -47.51
CA GLY A 246 26.53 23.73 -47.69
C GLY A 246 26.31 22.27 -47.39
N VAL A 247 25.15 21.73 -47.80
CA VAL A 247 24.89 20.33 -47.52
C VAL A 247 24.15 19.71 -48.68
N THR A 248 24.17 18.39 -48.68
CA THR A 248 23.48 17.66 -49.71
C THR A 248 22.81 16.55 -48.95
N VAL A 249 21.57 16.34 -49.35
CA VAL A 249 20.78 15.34 -48.70
C VAL A 249 20.21 14.39 -49.74
N LYS A 250 20.39 13.10 -49.46
CA LYS A 250 19.87 12.05 -50.33
C LYS A 250 18.76 11.21 -49.70
N THR A 251 17.71 10.96 -50.49
CA THR A 251 16.55 10.18 -50.07
C THR A 251 16.52 8.77 -50.58
N GLU A 252 15.75 7.97 -49.88
CA GLU A 252 15.73 6.56 -50.20
C GLU A 252 15.25 6.31 -51.60
N ASP A 253 14.49 7.23 -52.16
CA ASP A 253 14.04 6.92 -53.52
C ASP A 253 15.08 7.42 -54.48
N ASN A 254 16.23 7.82 -54.00
CA ASN A 254 17.22 8.35 -54.91
C ASN A 254 17.20 9.82 -55.25
N SER A 255 16.25 10.58 -54.74
CA SER A 255 16.41 11.99 -55.01
C SER A 255 17.64 12.55 -54.27
N VAL A 256 18.11 13.70 -54.70
CA VAL A 256 19.24 14.37 -54.08
C VAL A 256 18.88 15.82 -54.04
N TYR A 257 19.04 16.45 -52.88
CA TYR A 257 18.68 17.85 -52.77
C TYR A 257 19.90 18.53 -52.19
N SER A 258 19.98 19.83 -52.41
CA SER A 258 21.12 20.56 -51.91
C SER A 258 20.59 21.81 -51.22
N ALA A 259 21.32 22.34 -50.24
CA ALA A 259 20.91 23.54 -49.52
C ALA A 259 22.07 24.15 -48.75
N ASP A 260 21.86 25.28 -48.10
CA ASP A 260 22.92 25.86 -47.28
C ASP A 260 23.02 25.24 -45.90
N TYR A 261 21.87 24.76 -45.41
CA TYR A 261 21.77 24.14 -44.10
C TYR A 261 20.75 23.06 -44.04
N VAL A 262 20.88 22.22 -43.02
CA VAL A 262 19.86 21.20 -42.81
C VAL A 262 19.49 21.21 -41.34
N MET A 263 18.20 21.00 -41.08
CA MET A 263 17.63 21.00 -39.72
C MET A 263 17.05 19.61 -39.52
N VAL A 264 17.66 18.82 -38.65
CA VAL A 264 17.27 17.43 -38.50
C VAL A 264 16.28 17.32 -37.34
N SER A 265 15.03 16.93 -37.60
CA SER A 265 14.04 16.86 -36.52
C SER A 265 13.67 15.42 -36.21
N ALA A 266 14.34 14.46 -36.83
CA ALA A 266 14.01 13.06 -36.56
C ALA A 266 14.20 12.71 -35.08
N SER A 267 13.49 11.72 -34.56
CA SER A 267 13.62 11.41 -33.15
C SER A 267 15.02 10.97 -32.69
N LEU A 268 15.23 11.05 -31.37
CA LEU A 268 16.49 10.59 -30.83
C LEU A 268 16.64 9.11 -31.20
N GLY A 269 15.56 8.32 -31.15
CA GLY A 269 15.74 6.91 -31.50
C GLY A 269 16.22 6.77 -32.95
N VAL A 270 15.74 7.65 -33.82
CA VAL A 270 16.20 7.57 -35.21
C VAL A 270 17.70 7.87 -35.27
N LEU A 271 18.08 8.91 -34.53
CA LEU A 271 19.49 9.28 -34.51
C LEU A 271 20.36 8.15 -33.92
N GLN A 272 19.81 7.37 -32.99
CA GLN A 272 20.58 6.28 -32.38
C GLN A 272 20.62 5.10 -33.32
N SER A 273 19.90 5.19 -34.42
CA SER A 273 19.89 4.02 -35.27
C SER A 273 20.69 3.98 -36.54
N ASP A 274 21.36 5.01 -37.01
CA ASP A 274 21.96 4.76 -38.33
C ASP A 274 21.09 4.75 -39.57
N LEU A 275 19.82 5.12 -39.46
CA LEU A 275 19.00 5.16 -40.66
C LEU A 275 19.59 6.31 -41.51
N ILE A 276 20.06 7.38 -40.89
CA ILE A 276 20.63 8.49 -41.65
C ILE A 276 22.15 8.48 -41.52
N GLN A 277 22.86 8.33 -42.64
CA GLN A 277 24.33 8.37 -42.58
C GLN A 277 24.80 9.82 -42.77
N PHE A 278 25.67 10.32 -41.88
CA PHE A 278 26.25 11.67 -41.95
C PHE A 278 27.61 11.50 -42.59
N LYS A 279 27.94 12.41 -43.51
CA LYS A 279 29.25 12.33 -44.13
C LYS A 279 29.72 13.76 -44.16
N PRO A 280 30.81 14.02 -43.46
CA PRO A 280 31.50 13.00 -42.69
C PRO A 280 30.73 12.60 -41.40
N LYS A 281 31.19 11.55 -40.71
CA LYS A 281 30.51 11.08 -39.51
C LYS A 281 30.45 12.22 -38.53
N LEU A 282 29.44 12.25 -37.67
CA LEU A 282 29.37 13.32 -36.67
C LEU A 282 30.54 13.19 -35.70
N PRO A 283 30.99 14.27 -35.05
CA PRO A 283 32.10 14.13 -34.09
C PRO A 283 31.76 13.19 -32.95
N THR A 284 32.83 12.67 -32.37
CA THR A 284 32.70 11.73 -31.28
C THR A 284 31.87 12.30 -30.16
N TRP A 285 32.08 13.57 -29.84
CA TRP A 285 31.30 14.07 -28.71
C TRP A 285 29.81 14.07 -28.98
N LYS A 286 29.47 14.35 -30.23
CA LYS A 286 28.06 14.41 -30.59
C LYS A 286 27.51 13.01 -30.52
N VAL A 287 28.25 12.11 -31.13
CA VAL A 287 27.79 10.73 -31.13
C VAL A 287 27.62 10.22 -29.68
N ARG A 288 28.54 10.59 -28.81
CA ARG A 288 28.39 10.08 -27.46
C ARG A 288 27.19 10.67 -26.77
N ALA A 289 26.96 11.95 -26.99
CA ALA A 289 25.83 12.59 -26.34
C ALA A 289 24.57 11.90 -26.87
N ILE A 290 24.56 11.57 -28.15
CA ILE A 290 23.36 10.91 -28.70
C ILE A 290 23.03 9.57 -28.05
N TYR A 291 24.01 8.67 -27.97
CA TYR A 291 23.77 7.33 -27.40
C TYR A 291 23.56 7.26 -25.87
N GLN A 292 24.01 8.30 -25.18
CA GLN A 292 23.85 8.38 -23.75
C GLN A 292 22.42 8.70 -23.33
N PHE A 293 21.73 9.52 -24.10
CA PHE A 293 20.37 9.87 -23.72
C PHE A 293 19.47 8.68 -24.00
N ASP A 294 18.31 8.59 -23.35
CA ASP A 294 17.47 7.43 -23.60
C ASP A 294 16.27 7.71 -24.51
N MET A 295 15.94 6.78 -25.41
CA MET A 295 14.74 6.96 -26.22
C MET A 295 13.77 5.93 -25.63
N ALA A 296 12.76 6.39 -24.88
CA ALA A 296 11.82 5.46 -24.24
C ALA A 296 10.67 5.02 -25.15
N VAL A 297 9.99 3.95 -24.75
CA VAL A 297 8.85 3.42 -25.52
C VAL A 297 7.64 3.25 -24.61
N TYR A 298 6.48 3.72 -25.07
CA TYR A 298 5.24 3.73 -24.32
C TYR A 298 4.19 3.19 -25.29
N THR A 299 3.63 2.03 -24.97
CA THR A 299 2.70 1.39 -25.90
C THR A 299 1.26 1.45 -25.44
N LYS A 300 0.42 2.06 -26.26
CA LYS A 300 -0.99 2.24 -25.88
C LYS A 300 -1.83 1.09 -26.45
N ILE A 301 -2.15 0.08 -25.65
CA ILE A 301 -2.86 -1.04 -26.23
C ILE A 301 -4.36 -0.84 -26.09
N PHE A 302 -5.04 -0.60 -27.21
CA PHE A 302 -6.49 -0.39 -27.14
C PHE A 302 -7.21 -1.73 -27.34
N LEU A 303 -8.35 -1.88 -26.67
CA LEU A 303 -9.10 -3.12 -26.82
C LEU A 303 -10.58 -2.78 -26.94
N LYS A 304 -11.24 -3.55 -27.80
CA LYS A 304 -12.70 -3.40 -27.98
C LYS A 304 -13.45 -4.67 -27.53
N PHE A 305 -14.53 -4.44 -26.81
CA PHE A 305 -15.31 -5.57 -26.28
C PHE A 305 -16.79 -5.47 -26.67
N PRO A 306 -17.44 -6.62 -26.76
CA PRO A 306 -18.87 -6.66 -27.15
C PRO A 306 -19.76 -6.02 -26.08
N ARG A 307 -19.29 -5.92 -24.85
CA ARG A 307 -20.05 -5.26 -23.80
C ARG A 307 -19.13 -4.90 -22.65
N LYS A 308 -19.56 -4.00 -21.77
CA LYS A 308 -18.72 -3.54 -20.65
C LYS A 308 -18.80 -4.53 -19.53
N PHE A 309 -17.73 -4.67 -18.76
CA PHE A 309 -17.79 -5.56 -17.61
C PHE A 309 -16.99 -4.86 -16.52
N TRP A 310 -16.56 -3.63 -16.79
CA TRP A 310 -15.78 -2.94 -15.78
C TRP A 310 -16.61 -1.80 -15.25
N PRO A 311 -16.19 -1.23 -14.13
CA PRO A 311 -16.93 -0.14 -13.53
C PRO A 311 -17.00 1.13 -14.33
N GLU A 312 -18.08 1.87 -14.15
CA GLU A 312 -18.20 3.16 -14.82
C GLU A 312 -18.80 4.09 -13.79
N GLY A 313 -18.42 5.37 -13.80
CA GLY A 313 -18.94 6.24 -12.78
C GLY A 313 -17.83 7.14 -12.24
N LYS A 314 -18.15 7.86 -11.16
CA LYS A 314 -17.22 8.80 -10.58
C LYS A 314 -15.96 8.08 -10.19
N GLY A 315 -14.82 8.66 -10.57
CA GLY A 315 -13.50 8.13 -10.25
C GLY A 315 -13.11 6.84 -10.95
N ARG A 316 -13.93 6.31 -11.84
CA ARG A 316 -13.59 5.04 -12.50
C ARG A 316 -12.73 5.10 -13.76
N GLU A 317 -12.42 6.30 -14.26
CA GLU A 317 -11.67 6.41 -15.51
C GLU A 317 -10.34 5.68 -15.48
N PHE A 318 -9.58 5.84 -14.39
CA PHE A 318 -8.26 5.21 -14.25
C PHE A 318 -8.20 4.10 -13.22
N PHE A 319 -7.59 2.98 -13.57
CA PHE A 319 -7.47 1.92 -12.58
C PHE A 319 -6.16 1.15 -12.78
N LEU A 320 -5.60 0.57 -11.72
CA LEU A 320 -4.29 -0.11 -11.75
C LEU A 320 -4.46 -1.60 -11.49
N TYR A 321 -3.56 -2.42 -12.03
CA TYR A 321 -3.60 -3.86 -11.78
C TYR A 321 -2.30 -4.09 -11.05
N ALA A 322 -2.33 -4.49 -9.78
CA ALA A 322 -1.09 -4.70 -9.05
C ALA A 322 -0.52 -6.10 -9.24
N SER A 323 0.10 -6.34 -10.38
CA SER A 323 0.67 -7.68 -10.61
C SER A 323 1.91 -7.82 -9.76
N SER A 324 2.28 -9.04 -9.39
CA SER A 324 3.53 -9.19 -8.66
C SER A 324 4.73 -9.05 -9.64
N ARG A 325 4.44 -9.02 -10.94
CA ARG A 325 5.47 -8.81 -11.95
C ARG A 325 5.42 -7.32 -12.30
N ARG A 326 6.41 -6.56 -11.86
CA ARG A 326 6.33 -5.11 -12.09
C ARG A 326 6.14 -4.74 -13.55
N GLY A 327 5.24 -3.79 -13.80
CA GLY A 327 4.92 -3.23 -15.11
C GLY A 327 4.08 -4.13 -16.00
N TYR A 328 3.59 -5.26 -15.49
CA TYR A 328 2.78 -6.14 -16.33
C TYR A 328 1.33 -5.62 -16.45
N TYR A 329 0.95 -5.20 -17.65
CA TYR A 329 -0.38 -4.67 -17.92
C TYR A 329 -0.94 -3.92 -16.71
N GLY A 330 -0.20 -2.96 -16.18
CA GLY A 330 -0.65 -2.32 -14.95
C GLY A 330 -1.48 -1.03 -14.93
N VAL A 331 -1.55 -0.28 -16.02
CA VAL A 331 -2.27 0.99 -15.99
C VAL A 331 -3.37 1.03 -17.05
N TRP A 332 -4.59 1.12 -16.54
CA TRP A 332 -5.80 1.07 -17.36
C TRP A 332 -6.60 2.36 -17.38
N GLN A 333 -7.35 2.53 -18.46
CA GLN A 333 -8.18 3.72 -18.58
C GLN A 333 -9.42 3.30 -19.38
N GLU A 334 -10.58 3.79 -18.94
CA GLU A 334 -11.87 3.53 -19.59
C GLU A 334 -12.39 4.88 -20.08
N PHE A 335 -13.13 4.81 -21.17
CA PHE A 335 -13.54 6.02 -21.84
C PHE A 335 -15.00 6.42 -21.81
N GLU A 336 -15.65 6.18 -20.68
CA GLU A 336 -17.06 6.55 -20.63
C GLU A 336 -17.28 7.99 -21.09
N LYS A 337 -16.38 8.91 -20.77
CA LYS A 337 -16.64 10.26 -21.26
C LYS A 337 -16.19 10.46 -22.70
N GLN A 338 -15.02 9.94 -23.00
CA GLN A 338 -14.46 10.27 -24.29
C GLN A 338 -15.13 9.62 -25.46
N TYR A 339 -15.41 8.33 -25.31
CA TYR A 339 -15.94 7.60 -26.44
C TYR A 339 -17.12 6.80 -25.87
N PRO A 340 -18.21 7.50 -25.60
CA PRO A 340 -19.43 6.94 -25.00
C PRO A 340 -19.95 5.71 -25.75
N ASP A 341 -20.32 4.72 -24.96
CA ASP A 341 -20.80 3.50 -25.63
C ASP A 341 -19.86 2.77 -26.56
N ALA A 342 -18.59 3.17 -26.67
CA ALA A 342 -17.69 2.36 -27.49
C ALA A 342 -17.15 1.04 -26.86
N ASN A 343 -17.21 0.85 -25.54
CA ASN A 343 -16.70 -0.39 -24.94
C ASN A 343 -15.22 -0.60 -25.21
N VAL A 344 -14.44 0.46 -25.10
CA VAL A 344 -13.01 0.32 -25.35
C VAL A 344 -12.24 0.54 -24.06
N LEU A 345 -11.19 -0.25 -23.87
CA LEU A 345 -10.30 -0.03 -22.73
C LEU A 345 -8.92 0.21 -23.35
N LEU A 346 -8.06 0.87 -22.58
CA LEU A 346 -6.69 1.16 -22.96
C LEU A 346 -5.75 0.70 -21.82
N VAL A 347 -4.85 -0.24 -22.10
CA VAL A 347 -3.91 -0.62 -21.05
C VAL A 347 -2.57 -0.12 -21.63
N THR A 348 -1.79 0.51 -20.77
CA THR A 348 -0.51 1.06 -21.19
C THR A 348 0.72 0.31 -20.60
N VAL A 349 1.72 -0.01 -21.43
CA VAL A 349 2.92 -0.67 -20.93
C VAL A 349 4.09 0.13 -21.53
N THR A 350 5.32 -0.11 -21.08
CA THR A 350 6.45 0.66 -21.62
C THR A 350 7.65 -0.25 -21.49
N ASP A 351 8.77 0.36 -21.89
CA ASP A 351 10.11 -0.19 -21.69
C ASP A 351 10.22 -1.69 -22.00
N GLU A 352 10.68 -2.48 -21.03
CA GLU A 352 10.86 -3.89 -21.36
C GLU A 352 9.62 -4.58 -21.87
N GLU A 353 8.47 -4.29 -21.28
CA GLU A 353 7.26 -4.96 -21.74
C GLU A 353 6.94 -4.45 -23.13
N SER A 354 7.16 -3.17 -23.39
CA SER A 354 6.83 -2.72 -24.74
C SER A 354 7.67 -3.50 -25.77
N ARG A 355 8.97 -3.69 -25.59
CA ARG A 355 9.74 -4.38 -26.63
C ARG A 355 9.35 -5.84 -26.79
N ARG A 356 9.00 -6.49 -25.68
CA ARG A 356 8.66 -7.91 -25.76
C ARG A 356 7.36 -8.01 -26.55
N ILE A 357 6.44 -7.14 -26.17
CA ILE A 357 5.11 -7.17 -26.78
C ILE A 357 5.11 -6.76 -28.26
N GLU A 358 5.97 -5.81 -28.63
CA GLU A 358 5.98 -5.43 -30.04
C GLU A 358 6.49 -6.60 -30.85
N GLN A 359 7.22 -7.51 -30.22
CA GLN A 359 7.80 -8.66 -30.91
C GLN A 359 6.94 -9.89 -30.94
N GLN A 360 5.69 -9.79 -30.50
CA GLN A 360 4.86 -10.99 -30.53
C GLN A 360 3.57 -10.54 -31.22
N SER A 361 2.72 -11.49 -31.60
CA SER A 361 1.51 -11.12 -32.33
C SER A 361 0.45 -10.46 -31.51
N ASP A 362 -0.42 -9.70 -32.17
CA ASP A 362 -1.50 -9.10 -31.41
C ASP A 362 -2.33 -10.16 -30.69
N GLU A 363 -2.50 -11.29 -31.35
CA GLU A 363 -3.32 -12.36 -30.78
C GLU A 363 -2.66 -12.86 -29.52
N GLN A 364 -1.33 -12.98 -29.54
CA GLN A 364 -0.69 -13.45 -28.31
C GLN A 364 -0.89 -12.39 -27.22
N THR A 365 -0.75 -11.14 -27.58
CA THR A 365 -0.90 -10.09 -26.58
C THR A 365 -2.34 -10.06 -26.08
N LYS A 366 -3.27 -10.24 -27.01
CA LYS A 366 -4.67 -10.22 -26.56
C LYS A 366 -4.91 -11.35 -25.57
N ALA A 367 -4.36 -12.50 -25.89
CA ALA A 367 -4.61 -13.57 -24.95
C ALA A 367 -4.01 -13.22 -23.59
N GLU A 368 -2.82 -12.62 -23.54
CA GLU A 368 -2.29 -12.33 -22.21
C GLU A 368 -3.19 -11.36 -21.48
N ILE A 369 -3.67 -10.37 -22.23
CA ILE A 369 -4.51 -9.38 -21.61
C ILE A 369 -5.82 -9.99 -21.14
N MET A 370 -6.34 -10.96 -21.88
CA MET A 370 -7.61 -11.51 -21.40
C MET A 370 -7.37 -12.24 -20.07
N GLN A 371 -6.25 -12.95 -19.90
CA GLN A 371 -6.05 -13.64 -18.62
C GLN A 371 -6.05 -12.61 -17.52
N VAL A 372 -5.39 -11.49 -17.77
CA VAL A 372 -5.36 -10.49 -16.71
C VAL A 372 -6.78 -9.97 -16.33
N LEU A 373 -7.53 -9.55 -17.33
CA LEU A 373 -8.83 -8.97 -17.02
C LEU A 373 -9.69 -10.00 -16.34
N ARG A 374 -9.58 -11.26 -16.71
CA ARG A 374 -10.39 -12.28 -16.04
C ARG A 374 -9.96 -12.35 -14.59
N LYS A 375 -8.66 -12.16 -14.34
CA LYS A 375 -8.25 -12.20 -12.94
C LYS A 375 -8.77 -10.99 -12.21
N MET A 376 -8.85 -9.87 -12.91
CA MET A 376 -9.31 -8.64 -12.26
C MET A 376 -10.79 -8.64 -11.98
N PHE A 377 -11.56 -9.29 -12.83
CA PHE A 377 -12.99 -9.27 -12.62
C PHE A 377 -13.54 -10.69 -12.57
N PRO A 378 -13.07 -11.49 -11.63
CA PRO A 378 -13.53 -12.88 -11.48
C PRO A 378 -15.04 -12.99 -11.35
N GLY A 379 -15.68 -12.01 -10.72
CA GLY A 379 -17.13 -12.10 -10.63
C GLY A 379 -17.86 -11.88 -11.95
N LYS A 380 -17.16 -11.66 -13.06
CA LYS A 380 -17.90 -11.39 -14.29
C LYS A 380 -17.73 -12.39 -15.44
N ASP A 381 -18.62 -12.38 -16.42
CA ASP A 381 -18.34 -13.26 -17.55
C ASP A 381 -17.67 -12.22 -18.46
N VAL A 382 -16.36 -12.37 -18.63
CA VAL A 382 -15.66 -11.37 -19.42
C VAL A 382 -15.51 -11.85 -20.83
N PRO A 383 -16.16 -11.13 -21.74
CA PRO A 383 -16.01 -11.52 -23.14
C PRO A 383 -14.62 -11.25 -23.73
N ASP A 384 -14.14 -12.06 -24.66
CA ASP A 384 -12.89 -11.73 -25.32
C ASP A 384 -13.00 -10.41 -26.06
N ALA A 385 -11.91 -9.68 -26.15
CA ALA A 385 -12.01 -8.42 -26.89
C ALA A 385 -12.18 -8.94 -28.30
N THR A 386 -12.91 -8.12 -29.02
CA THR A 386 -13.22 -8.35 -30.41
C THR A 386 -12.20 -7.71 -31.32
N ASP A 387 -11.51 -6.67 -30.83
CA ASP A 387 -10.47 -6.00 -31.62
C ASP A 387 -9.36 -5.51 -30.68
N ILE A 388 -8.12 -5.41 -31.16
CA ILE A 388 -7.02 -4.97 -30.32
C ILE A 388 -6.09 -4.20 -31.23
N LEU A 389 -5.45 -3.18 -30.68
CA LEU A 389 -4.57 -2.41 -31.52
C LEU A 389 -3.32 -2.29 -30.65
N VAL A 390 -2.19 -2.75 -31.18
CA VAL A 390 -0.92 -2.69 -30.48
C VAL A 390 0.02 -1.78 -31.29
N PRO A 391 0.20 -0.53 -30.92
CA PRO A 391 1.11 0.35 -31.67
C PRO A 391 2.55 -0.21 -31.63
N ARG A 392 3.35 -0.05 -32.67
CA ARG A 392 4.71 -0.59 -32.63
C ARG A 392 5.73 0.47 -32.99
N TRP A 393 5.75 1.50 -32.14
CA TRP A 393 6.66 2.64 -32.34
C TRP A 393 8.16 2.36 -32.26
N TRP A 394 8.54 1.39 -31.42
CA TRP A 394 9.94 1.06 -31.28
C TRP A 394 10.40 0.34 -32.54
N SER A 395 9.54 -0.53 -33.04
CA SER A 395 9.86 -1.28 -34.23
C SER A 395 9.83 -0.35 -35.43
N ASP A 396 9.15 0.79 -35.35
CA ASP A 396 9.10 1.60 -36.56
C ASP A 396 10.38 2.38 -36.84
N ARG A 397 10.97 2.10 -37.98
CA ARG A 397 12.23 2.75 -38.30
C ARG A 397 12.18 4.26 -38.31
N PHE A 398 10.99 4.84 -38.46
CA PHE A 398 11.02 6.30 -38.47
C PHE A 398 10.84 6.91 -37.09
N TYR A 399 10.73 6.07 -36.06
CA TYR A 399 10.52 6.58 -34.70
C TYR A 399 11.47 5.92 -33.69
N LYS A 400 11.51 4.59 -33.73
CA LYS A 400 12.39 3.84 -32.85
C LYS A 400 12.13 4.16 -31.37
N GLY A 401 10.87 4.43 -31.04
CA GLY A 401 10.51 4.71 -29.63
C GLY A 401 9.44 5.77 -29.59
N THR A 402 9.02 6.21 -28.40
CA THR A 402 8.00 7.25 -28.32
C THR A 402 8.44 8.63 -27.83
N PHE A 403 9.34 8.71 -26.85
CA PHE A 403 9.80 10.04 -26.39
C PHE A 403 11.04 9.82 -25.53
N SER A 404 11.89 10.83 -25.47
CA SER A 404 13.14 10.66 -24.74
C SER A 404 12.89 10.66 -23.24
N ASN A 405 13.86 10.17 -22.47
CA ASN A 405 13.80 10.21 -21.00
C ASN A 405 15.21 10.52 -20.50
N TRP A 406 15.36 11.34 -19.47
CA TRP A 406 16.68 11.74 -19.00
C TRP A 406 17.23 10.73 -17.98
N PRO A 407 18.28 10.00 -18.35
CA PRO A 407 18.84 8.97 -17.47
C PRO A 407 19.88 9.52 -16.50
N VAL A 408 20.06 8.86 -15.35
CA VAL A 408 21.06 9.31 -14.37
C VAL A 408 22.40 9.08 -15.06
N GLY A 409 23.31 10.02 -14.89
CA GLY A 409 24.61 9.86 -15.53
C GLY A 409 24.73 10.98 -16.55
N VAL A 410 23.61 11.42 -17.12
CA VAL A 410 23.71 12.50 -18.11
C VAL A 410 23.49 13.82 -17.42
N ASN A 411 24.36 14.78 -17.66
CA ASN A 411 24.20 16.06 -16.98
C ASN A 411 23.78 17.05 -18.01
N ARG A 412 23.59 18.24 -17.52
CA ARG A 412 23.06 19.27 -18.39
C ARG A 412 23.98 19.52 -19.56
N TYR A 413 25.27 19.46 -19.30
CA TYR A 413 26.17 19.71 -20.40
C TYR A 413 26.08 18.64 -21.47
N GLU A 414 26.03 17.39 -21.07
CA GLU A 414 25.99 16.40 -22.13
C GLU A 414 24.61 16.50 -22.80
N TYR A 415 23.58 16.90 -22.05
CA TYR A 415 22.28 17.00 -22.69
C TYR A 415 22.30 18.14 -23.70
N ASP A 416 22.94 19.23 -23.31
CA ASP A 416 22.98 20.32 -24.23
C ASP A 416 23.72 19.94 -25.51
N GLN A 417 24.69 19.05 -25.41
CA GLN A 417 25.40 18.70 -26.62
C GLN A 417 24.43 18.08 -27.59
N LEU A 418 23.36 17.49 -27.06
CA LEU A 418 22.43 16.83 -27.98
C LEU A 418 21.81 17.81 -28.92
N ARG A 419 21.66 19.03 -28.44
CA ARG A 419 21.04 20.06 -29.25
C ARG A 419 22.04 20.77 -30.15
N ALA A 420 23.33 20.65 -29.86
CA ALA A 420 24.29 21.46 -30.62
C ALA A 420 24.43 21.14 -32.09
N PRO A 421 24.60 22.18 -32.88
CA PRO A 421 24.78 21.99 -34.33
C PRO A 421 26.15 21.42 -34.60
N VAL A 422 26.30 20.85 -35.79
CA VAL A 422 27.59 20.33 -36.20
C VAL A 422 27.79 21.05 -37.55
N GLY A 423 28.62 22.10 -37.56
CA GLY A 423 28.85 22.88 -38.78
C GLY A 423 27.51 23.51 -39.18
N ARG A 424 27.09 23.05 -40.35
CA ARG A 424 25.85 23.48 -40.97
C ARG A 424 24.69 22.51 -40.71
N VAL A 425 24.91 21.48 -39.89
CA VAL A 425 23.89 20.49 -39.50
C VAL A 425 23.28 20.89 -38.16
N TYR A 426 22.02 21.33 -38.20
CA TYR A 426 21.29 21.75 -37.00
C TYR A 426 20.35 20.65 -36.53
N PHE A 427 19.99 20.65 -35.25
CA PHE A 427 19.12 19.60 -34.74
C PHE A 427 17.94 20.14 -34.00
N THR A 428 16.78 19.49 -34.11
CA THR A 428 15.65 20.02 -33.33
C THR A 428 14.82 18.80 -32.97
N GLY A 429 13.77 19.02 -32.18
CA GLY A 429 12.91 17.90 -31.76
C GLY A 429 12.78 17.85 -30.24
N GLU A 430 11.90 16.98 -29.74
CA GLU A 430 11.66 16.93 -28.29
C GLU A 430 12.90 16.71 -27.43
N HIS A 431 13.83 15.88 -27.92
CA HIS A 431 15.08 15.57 -27.21
C HIS A 431 16.03 16.74 -27.22
N THR A 432 15.67 17.85 -27.85
CA THR A 432 16.51 19.04 -27.86
C THR A 432 15.85 20.12 -27.04
N SER A 433 14.68 19.82 -26.51
CA SER A 433 14.02 20.85 -25.71
C SER A 433 14.79 21.18 -24.43
N GLU A 434 15.12 22.45 -24.24
CA GLU A 434 15.87 22.80 -23.06
C GLU A 434 15.25 22.35 -21.75
N HIS A 435 13.95 22.57 -21.57
CA HIS A 435 13.36 22.13 -20.31
C HIS A 435 12.17 21.23 -20.44
N TYR A 436 11.77 20.91 -21.66
CA TYR A 436 10.58 20.08 -21.74
C TYR A 436 10.80 18.86 -22.61
N ASN A 437 11.94 18.18 -22.49
CA ASN A 437 12.08 17.01 -23.33
C ASN A 437 10.92 16.05 -23.03
N GLY A 438 10.50 15.33 -24.07
CA GLY A 438 9.49 14.30 -23.96
C GLY A 438 8.05 14.68 -24.25
N TYR A 439 7.76 15.95 -24.52
CA TYR A 439 6.38 16.41 -24.70
C TYR A 439 6.12 17.14 -26.01
N VAL A 440 4.82 17.31 -26.23
CA VAL A 440 4.35 18.03 -27.40
C VAL A 440 4.77 19.49 -27.36
N HIS A 441 4.57 20.15 -26.21
CA HIS A 441 4.98 21.56 -26.13
C HIS A 441 6.51 21.59 -26.22
N GLY A 442 7.17 20.52 -25.79
CA GLY A 442 8.62 20.43 -25.88
C GLY A 442 9.04 20.41 -27.36
N ALA A 443 8.46 19.52 -28.17
CA ALA A 443 8.77 19.51 -29.61
C ALA A 443 8.45 20.92 -30.17
N TYR A 444 7.33 21.50 -29.75
CA TYR A 444 6.93 22.81 -30.27
C TYR A 444 7.95 23.92 -30.04
N LEU A 445 8.33 24.12 -28.79
CA LEU A 445 9.29 25.15 -28.46
C LEU A 445 10.68 24.80 -29.02
N SER A 446 10.94 23.50 -29.16
CA SER A 446 12.26 23.10 -29.65
C SER A 446 12.46 23.58 -31.07
N GLY A 447 11.38 23.46 -31.85
CA GLY A 447 11.40 23.89 -33.25
C GLY A 447 11.75 25.38 -33.28
N ILE A 448 11.04 26.18 -32.51
CA ILE A 448 11.33 27.62 -32.51
C ILE A 448 12.77 27.93 -32.04
N ASP A 449 13.23 27.24 -31.00
CA ASP A 449 14.56 27.48 -30.46
C ASP A 449 15.63 27.10 -31.48
N SER A 450 15.48 25.91 -32.05
CA SER A 450 16.47 25.47 -33.01
C SER A 450 16.50 26.45 -34.15
N ALA A 451 15.33 26.88 -34.62
CA ALA A 451 15.26 27.81 -35.77
C ALA A 451 15.93 29.14 -35.43
N GLU A 452 15.74 29.59 -34.21
CA GLU A 452 16.35 30.86 -33.91
C GLU A 452 17.87 30.75 -33.85
N ILE A 453 18.36 29.59 -33.45
CA ILE A 453 19.82 29.44 -33.38
C ILE A 453 20.36 29.49 -34.80
N LEU A 454 19.71 28.78 -35.72
CA LEU A 454 20.16 28.78 -37.10
C LEU A 454 20.03 30.20 -37.68
N ILE A 455 18.95 30.89 -37.36
CA ILE A 455 18.74 32.25 -37.84
C ILE A 455 19.85 33.21 -37.38
N ASN A 456 20.17 33.13 -36.10
CA ASN A 456 21.23 34.02 -35.68
C ASN A 456 22.55 33.75 -36.40
N CYS A 457 22.89 32.48 -36.52
CA CYS A 457 24.14 32.13 -37.17
C CYS A 457 24.10 32.46 -38.65
N ALA A 458 23.05 32.01 -39.31
CA ALA A 458 23.01 32.27 -40.76
C ALA A 458 22.82 33.72 -41.14
N GLN A 459 21.93 34.38 -40.43
CA GLN A 459 21.62 35.74 -40.79
C GLN A 459 22.42 36.81 -40.08
N LYS A 460 22.83 36.58 -38.85
CA LYS A 460 23.60 37.63 -38.19
C LYS A 460 25.07 37.26 -38.08
N LYS A 461 25.41 36.02 -38.47
CA LYS A 461 26.76 35.46 -38.37
C LYS A 461 27.17 35.54 -36.92
N MET A 462 26.17 35.36 -36.09
CA MET A 462 26.43 35.33 -34.68
C MET A 462 26.03 33.90 -34.29
N CYS A 463 27.00 32.99 -34.37
CA CYS A 463 26.85 31.57 -34.05
C CYS A 463 27.42 31.19 -32.66
N PRO B 5 44.68 -0.67 23.05
CA PRO B 5 43.47 0.03 22.55
C PRO B 5 42.49 -1.11 22.41
N ARG B 6 41.24 -0.88 22.81
CA ARG B 6 40.28 -1.98 22.71
C ARG B 6 39.51 -1.65 21.43
N VAL B 7 39.22 -2.71 20.69
CA VAL B 7 38.45 -2.49 19.47
C VAL B 7 37.28 -3.46 19.37
N ILE B 8 36.11 -2.92 19.10
CA ILE B 8 34.95 -3.81 18.92
C ILE B 8 34.74 -3.99 17.43
N VAL B 9 34.61 -5.24 16.99
CA VAL B 9 34.38 -5.49 15.58
C VAL B 9 32.95 -6.01 15.46
N VAL B 10 32.15 -5.29 14.68
CA VAL B 10 30.77 -5.72 14.48
C VAL B 10 30.68 -6.66 13.27
N GLY B 11 30.35 -7.93 13.49
CA GLY B 11 30.15 -8.92 12.41
C GLY B 11 31.39 -9.79 12.26
N ALA B 12 31.18 -11.10 12.13
CA ALA B 12 32.20 -12.14 11.94
C ALA B 12 32.12 -12.85 10.60
N GLY B 13 31.92 -12.02 9.59
CA GLY B 13 31.94 -12.51 8.23
C GLY B 13 33.44 -12.43 7.86
N MET B 14 33.73 -12.53 6.57
CA MET B 14 35.08 -12.54 6.06
C MET B 14 35.85 -11.27 6.40
N SER B 15 35.21 -10.13 6.19
CA SER B 15 35.90 -8.87 6.43
C SER B 15 36.08 -8.57 7.91
N GLY B 16 35.10 -8.89 8.77
CA GLY B 16 35.30 -8.63 10.21
C GLY B 16 36.39 -9.58 10.76
N ILE B 17 36.38 -10.83 10.30
CA ILE B 17 37.40 -11.76 10.81
C ILE B 17 38.78 -11.35 10.27
N SER B 18 38.79 -10.87 9.03
CA SER B 18 40.03 -10.45 8.39
C SER B 18 40.56 -9.20 9.09
N ALA B 19 39.68 -8.27 9.41
CA ALA B 19 40.09 -7.04 10.06
C ALA B 19 40.67 -7.29 11.44
N ALA B 20 40.00 -8.17 12.16
CA ALA B 20 40.46 -8.48 13.51
C ALA B 20 41.82 -9.17 13.42
N LYS B 21 41.96 -10.07 12.43
CA LYS B 21 43.22 -10.80 12.25
C LYS B 21 44.38 -9.81 12.09
N ARG B 22 44.14 -8.78 11.28
CA ARG B 22 45.20 -7.80 11.05
C ARG B 22 45.50 -6.92 12.27
N LEU B 23 44.48 -6.67 13.09
CA LEU B 23 44.66 -5.82 14.27
C LEU B 23 45.49 -6.64 15.24
N SER B 24 45.16 -7.92 15.33
CA SER B 24 45.89 -8.81 16.23
C SER B 24 47.37 -8.80 15.82
N GLU B 25 47.55 -8.91 14.52
CA GLU B 25 48.88 -8.92 13.93
C GLU B 25 49.65 -7.68 14.31
N ALA B 26 48.94 -6.57 14.46
CA ALA B 26 49.63 -5.35 14.87
C ALA B 26 49.74 -5.33 16.37
N GLY B 27 49.41 -6.44 17.01
CA GLY B 27 49.44 -6.48 18.47
C GLY B 27 48.25 -5.82 19.15
N ILE B 28 47.19 -5.52 18.39
CA ILE B 28 45.99 -4.95 19.00
C ILE B 28 45.16 -6.20 19.27
N THR B 29 45.30 -6.76 20.46
CA THR B 29 44.62 -8.01 20.73
C THR B 29 43.45 -7.90 21.69
N ASP B 30 43.21 -6.69 22.22
CA ASP B 30 42.09 -6.50 23.12
C ASP B 30 40.90 -6.20 22.19
N LEU B 31 40.37 -7.29 21.66
CA LEU B 31 39.30 -7.24 20.66
C LEU B 31 38.00 -7.87 21.14
N LEU B 32 36.86 -7.42 20.61
CA LEU B 32 35.60 -8.06 20.95
C LEU B 32 34.83 -8.14 19.63
N ILE B 33 34.63 -9.35 19.14
CA ILE B 33 33.95 -9.47 17.86
C ILE B 33 32.53 -9.93 18.17
N LEU B 34 31.58 -9.06 17.82
CA LEU B 34 30.16 -9.32 18.04
C LEU B 34 29.47 -9.71 16.73
N GLU B 35 29.02 -10.96 16.66
CA GLU B 35 28.33 -11.51 15.51
C GLU B 35 26.84 -11.77 15.80
N ALA B 36 26.01 -11.24 14.90
CA ALA B 36 24.56 -11.36 14.99
C ALA B 36 24.07 -12.79 15.02
N THR B 37 24.52 -13.65 14.10
CA THR B 37 24.04 -15.03 14.07
C THR B 37 24.77 -15.96 15.04
N ASP B 38 24.40 -17.22 14.97
CA ASP B 38 25.01 -18.20 15.84
C ASP B 38 26.23 -18.79 15.16
N HIS B 39 26.76 -18.14 14.12
CA HIS B 39 27.98 -18.70 13.50
C HIS B 39 28.79 -17.62 12.78
N ILE B 40 30.00 -17.97 12.35
CA ILE B 40 30.77 -16.96 11.63
C ILE B 40 30.71 -17.32 10.14
N GLY B 41 31.19 -16.42 9.28
CA GLY B 41 31.21 -16.75 7.86
C GLY B 41 30.33 -15.80 7.05
N GLY B 42 29.28 -15.27 7.67
CA GLY B 42 28.41 -14.30 6.96
C GLY B 42 27.84 -14.85 5.65
N ARG B 43 28.12 -14.11 4.57
CA ARG B 43 27.68 -14.45 3.22
C ARG B 43 28.36 -15.66 2.61
N MET B 44 29.26 -16.29 3.36
CA MET B 44 29.87 -17.52 2.82
C MET B 44 29.16 -18.48 3.79
N HIS B 45 28.14 -19.20 3.33
CA HIS B 45 27.41 -20.07 4.25
C HIS B 45 26.68 -21.20 3.53
N LYS B 46 26.94 -22.42 3.99
CA LYS B 46 26.37 -23.60 3.35
C LYS B 46 25.14 -24.03 4.10
N THR B 47 24.43 -24.92 3.44
CA THR B 47 23.24 -25.47 4.02
C THR B 47 22.95 -26.86 3.45
N ASN B 48 22.22 -27.64 4.23
CA ASN B 48 21.96 -28.97 3.72
C ASN B 48 20.84 -28.86 2.71
N PHE B 49 21.02 -29.51 1.58
CA PHE B 49 19.88 -29.51 0.70
C PHE B 49 19.90 -30.88 0.08
N ALA B 50 18.80 -31.61 0.21
CA ALA B 50 18.81 -32.89 -0.46
C ALA B 50 19.93 -33.80 -0.01
N GLY B 51 20.30 -33.84 1.25
CA GLY B 51 21.39 -34.79 1.45
C GLY B 51 22.78 -34.27 1.14
N ILE B 52 22.92 -33.05 0.67
CA ILE B 52 24.27 -32.54 0.48
C ILE B 52 24.27 -31.11 0.98
N ASN B 53 25.48 -30.62 1.19
CA ASN B 53 25.63 -29.26 1.64
C ASN B 53 25.86 -28.49 0.37
N VAL B 54 25.11 -27.42 0.17
CA VAL B 54 25.26 -26.56 -1.00
C VAL B 54 25.47 -25.17 -0.42
N GLU B 55 25.96 -24.28 -1.25
CA GLU B 55 26.29 -22.97 -0.73
C GLU B 55 25.08 -22.08 -0.92
N LEU B 56 24.59 -21.39 0.12
CA LEU B 56 23.49 -20.46 -0.08
C LEU B 56 24.02 -19.14 -0.65
N GLY B 57 25.26 -18.80 -0.31
CA GLY B 57 25.92 -17.54 -0.68
C GLY B 57 27.06 -17.72 -1.71
N ALA B 58 28.21 -17.12 -1.46
CA ALA B 58 29.34 -17.19 -2.39
C ALA B 58 29.58 -18.66 -2.76
N ASN B 59 29.96 -18.90 -4.01
CA ASN B 59 30.25 -20.28 -4.41
C ASN B 59 31.57 -20.38 -5.19
N TRP B 60 32.04 -19.27 -5.76
CA TRP B 60 33.29 -19.34 -6.51
C TRP B 60 34.45 -18.52 -5.96
N VAL B 61 35.66 -18.98 -6.26
CA VAL B 61 36.85 -18.16 -6.04
C VAL B 61 36.93 -17.60 -7.48
N GLU B 62 36.67 -16.30 -7.61
CA GLU B 62 36.66 -15.69 -8.93
C GLU B 62 37.93 -14.91 -9.16
N GLY B 63 38.55 -15.10 -10.32
CA GLY B 63 39.77 -14.34 -10.61
C GLY B 63 40.92 -15.27 -10.20
N VAL B 64 41.29 -16.15 -11.13
CA VAL B 64 42.35 -17.11 -10.86
C VAL B 64 43.19 -17.25 -12.12
N ASN B 65 44.47 -17.56 -11.87
CA ASN B 65 45.52 -17.83 -12.84
C ASN B 65 46.00 -16.61 -13.62
N GLY B 66 45.86 -15.40 -13.07
CA GLY B 66 46.30 -14.20 -13.78
C GLY B 66 47.66 -13.77 -13.24
N GLY B 67 48.00 -12.50 -13.44
CA GLY B 67 49.28 -11.96 -12.99
C GLY B 67 49.50 -11.77 -11.51
N LYS B 68 48.42 -11.55 -10.77
CA LYS B 68 48.59 -11.40 -9.33
C LYS B 68 47.89 -12.58 -8.68
N MET B 69 48.29 -12.99 -7.48
CA MET B 69 47.60 -14.10 -6.83
C MET B 69 46.40 -13.64 -5.99
N ASN B 70 45.22 -14.15 -6.33
CA ASN B 70 44.06 -13.79 -5.54
C ASN B 70 44.37 -14.39 -4.16
N PRO B 71 44.42 -13.59 -3.10
CA PRO B 71 44.75 -14.08 -1.73
C PRO B 71 43.85 -15.17 -1.19
N ILE B 72 42.68 -15.34 -1.80
CA ILE B 72 41.79 -16.39 -1.31
C ILE B 72 42.21 -17.73 -1.90
N TRP B 73 42.73 -17.68 -3.13
CA TRP B 73 43.01 -18.92 -3.83
C TRP B 73 43.92 -19.97 -3.15
N PRO B 74 45.06 -19.51 -2.66
CA PRO B 74 45.98 -20.43 -1.97
C PRO B 74 45.27 -21.05 -0.75
N ILE B 75 44.50 -20.24 -0.03
CA ILE B 75 43.83 -20.80 1.15
C ILE B 75 42.92 -21.96 0.75
N VAL B 76 42.16 -21.63 -0.27
CA VAL B 76 41.22 -22.64 -0.72
C VAL B 76 41.86 -23.84 -1.39
N ASN B 77 42.72 -23.56 -2.37
CA ASN B 77 43.25 -24.66 -3.15
C ASN B 77 44.45 -25.34 -2.51
N SER B 78 45.14 -24.66 -1.62
CA SER B 78 46.31 -25.27 -1.03
C SER B 78 46.24 -25.57 0.44
N THR B 79 45.97 -24.54 1.22
CA THR B 79 45.96 -24.76 2.65
C THR B 79 44.86 -25.70 3.09
N LEU B 80 43.63 -25.42 2.69
CA LEU B 80 42.52 -26.26 3.11
C LEU B 80 42.18 -27.36 2.14
N LYS B 81 42.65 -27.20 0.91
CA LYS B 81 42.33 -28.23 -0.08
C LYS B 81 40.83 -28.40 -0.21
N LEU B 82 40.11 -27.27 -0.33
CA LEU B 82 38.66 -27.36 -0.48
C LEU B 82 38.42 -27.90 -1.90
N ARG B 83 37.58 -28.92 -2.00
CA ARG B 83 37.28 -29.47 -3.32
C ARG B 83 36.69 -28.38 -4.23
N ASN B 84 37.18 -28.31 -5.48
CA ASN B 84 36.72 -27.24 -6.36
C ASN B 84 36.90 -27.60 -7.84
N PHE B 85 36.20 -26.95 -8.78
CA PHE B 85 36.33 -27.28 -10.22
C PHE B 85 36.29 -25.98 -11.03
N ARG B 86 37.18 -25.83 -12.00
CA ARG B 86 37.26 -24.62 -12.82
C ARG B 86 35.98 -24.56 -13.64
N SER B 87 35.30 -23.44 -13.70
CA SER B 87 34.06 -23.47 -14.50
C SER B 87 34.49 -23.16 -15.93
N ASP B 88 33.93 -23.89 -16.89
CA ASP B 88 34.25 -23.68 -18.31
C ASP B 88 33.03 -23.20 -19.06
N PHE B 89 33.09 -21.99 -19.58
CA PHE B 89 31.96 -21.45 -20.30
C PHE B 89 32.09 -21.59 -21.80
N ASP B 90 33.15 -22.26 -22.23
CA ASP B 90 33.27 -22.37 -23.67
C ASP B 90 32.15 -22.99 -24.49
N TYR B 91 31.38 -23.88 -23.89
CA TYR B 91 30.32 -24.57 -24.64
C TYR B 91 28.91 -23.97 -24.54
N LEU B 92 28.83 -22.72 -24.06
CA LEU B 92 27.52 -22.10 -23.91
C LEU B 92 26.71 -22.11 -25.18
N ALA B 93 27.36 -21.84 -26.31
CA ALA B 93 26.60 -21.74 -27.53
C ALA B 93 25.85 -23.02 -27.87
N GLN B 94 26.25 -24.16 -27.32
CA GLN B 94 25.51 -25.38 -27.67
C GLN B 94 24.38 -25.60 -26.67
N ASN B 95 24.22 -24.65 -25.77
CA ASN B 95 23.27 -24.90 -24.69
C ASN B 95 22.30 -23.79 -24.40
N VAL B 96 21.83 -23.15 -25.47
CA VAL B 96 20.86 -22.10 -25.24
C VAL B 96 19.48 -22.57 -25.67
N TYR B 97 18.57 -22.70 -24.71
CA TYR B 97 17.24 -23.21 -25.04
C TYR B 97 16.23 -22.19 -25.52
N LYS B 98 15.45 -22.61 -26.51
CA LYS B 98 14.40 -21.76 -27.04
C LYS B 98 13.27 -21.73 -26.03
N GLU B 99 12.59 -20.58 -25.98
CA GLU B 99 11.49 -20.41 -25.04
C GLU B 99 10.54 -21.60 -25.09
N ASP B 100 10.30 -22.07 -26.31
CA ASP B 100 9.43 -23.21 -26.57
C ASP B 100 10.04 -24.52 -27.07
N GLY B 101 11.18 -24.91 -26.50
CA GLY B 101 11.79 -26.18 -26.83
C GLY B 101 12.97 -26.29 -27.79
N GLY B 102 13.93 -27.07 -27.31
CA GLY B 102 15.15 -27.33 -28.04
C GLY B 102 16.09 -26.16 -27.95
N VAL B 103 17.32 -26.42 -28.37
CA VAL B 103 18.34 -25.40 -28.32
C VAL B 103 18.49 -24.69 -29.65
N TYR B 104 19.04 -23.51 -29.60
CA TYR B 104 19.23 -22.80 -30.85
C TYR B 104 20.47 -23.40 -31.52
N ASP B 105 20.70 -23.02 -32.77
CA ASP B 105 21.82 -23.47 -33.58
C ASP B 105 23.08 -22.88 -32.93
N GLU B 106 24.04 -23.78 -32.72
CA GLU B 106 25.29 -23.39 -32.08
C GLU B 106 25.99 -22.23 -32.73
N ASP B 107 26.11 -22.31 -34.04
CA ASP B 107 26.88 -21.25 -34.70
C ASP B 107 26.17 -19.91 -34.58
N TYR B 108 24.85 -20.00 -34.60
CA TYR B 108 24.08 -18.79 -34.48
C TYR B 108 24.31 -18.18 -33.10
N VAL B 109 24.25 -19.01 -32.05
CA VAL B 109 24.47 -18.49 -30.69
C VAL B 109 25.90 -18.00 -30.56
N GLN B 110 26.85 -18.79 -31.05
CA GLN B 110 28.24 -18.37 -30.92
C GLN B 110 28.46 -16.98 -31.50
N LYS B 111 27.78 -16.71 -32.62
CA LYS B 111 27.98 -15.41 -33.21
C LYS B 111 27.44 -14.29 -32.32
N ARG B 112 26.28 -14.55 -31.71
CA ARG B 112 25.69 -13.57 -30.81
C ARG B 112 26.59 -13.35 -29.59
N ILE B 113 27.20 -14.42 -29.10
CA ILE B 113 28.08 -14.25 -27.97
C ILE B 113 29.32 -13.47 -28.36
N GLU B 114 29.87 -13.74 -29.52
CA GLU B 114 31.06 -13.00 -29.90
C GLU B 114 30.74 -11.53 -30.14
N LEU B 115 29.55 -11.26 -30.67
CA LEU B 115 29.19 -9.88 -30.86
C LEU B 115 29.15 -9.19 -29.48
N ALA B 116 28.46 -9.80 -28.51
CA ALA B 116 28.32 -9.20 -27.19
C ALA B 116 29.69 -8.96 -26.54
N ASP B 117 30.59 -9.91 -26.72
CA ASP B 117 31.92 -9.73 -26.13
C ASP B 117 32.72 -8.57 -26.76
N SER B 118 32.57 -8.47 -28.07
CA SER B 118 33.34 -7.40 -28.72
C SER B 118 32.81 -6.02 -28.31
N VAL B 119 31.50 -5.96 -28.05
CA VAL B 119 30.98 -4.67 -27.58
C VAL B 119 31.62 -4.33 -26.25
N GLU B 120 31.75 -5.33 -25.41
CA GLU B 120 32.33 -5.09 -24.10
C GLU B 120 33.79 -4.70 -24.27
N GLU B 121 34.49 -5.36 -25.17
CA GLU B 121 35.89 -4.97 -25.36
C GLU B 121 35.99 -3.52 -25.81
N MET B 122 35.13 -3.10 -26.72
CA MET B 122 35.24 -1.69 -27.08
C MET B 122 34.87 -0.91 -25.83
N GLY B 123 34.02 -1.47 -24.97
CA GLY B 123 33.65 -0.73 -23.78
C GLY B 123 34.86 -0.49 -22.87
N GLU B 124 35.73 -1.48 -22.80
CA GLU B 124 36.90 -1.30 -21.95
C GLU B 124 37.81 -0.16 -22.40
N LYS B 125 37.93 0.05 -23.72
CA LYS B 125 38.76 1.16 -24.21
C LYS B 125 38.15 2.50 -23.86
N LEU B 126 36.84 2.61 -23.93
CA LEU B 126 36.24 3.89 -23.59
C LEU B 126 36.46 4.17 -22.11
N SER B 127 36.20 3.13 -21.34
CA SER B 127 36.28 3.26 -19.87
C SER B 127 37.64 3.80 -19.40
N ALA B 128 38.72 3.30 -20.02
CA ALA B 128 40.07 3.67 -19.65
C ALA B 128 40.25 5.17 -19.74
N THR B 129 39.53 5.78 -20.67
CA THR B 129 39.72 7.23 -20.89
C THR B 129 38.88 8.15 -20.07
N LEU B 130 37.82 7.65 -19.44
CA LEU B 130 36.92 8.50 -18.64
C LEU B 130 37.55 9.20 -17.46
N HIS B 131 37.10 10.41 -17.15
CA HIS B 131 37.70 11.15 -16.06
C HIS B 131 37.60 10.36 -14.76
N ALA B 132 38.72 10.36 -14.05
CA ALA B 132 38.83 9.59 -12.82
C ALA B 132 37.81 9.97 -11.78
N SER B 133 37.28 11.18 -11.86
CA SER B 133 36.31 11.61 -10.88
C SER B 133 35.05 10.75 -11.00
N GLY B 134 34.87 10.09 -12.14
CA GLY B 134 33.69 9.27 -12.35
C GLY B 134 32.62 10.20 -12.93
N ARG B 135 32.93 11.47 -13.02
CA ARG B 135 31.92 12.35 -13.58
C ARG B 135 31.48 12.09 -15.02
N ASP B 136 32.26 11.44 -15.86
CA ASP B 136 31.73 11.24 -17.20
C ASP B 136 31.21 9.79 -17.32
N ASP B 137 30.99 9.10 -16.22
CA ASP B 137 30.58 7.69 -16.29
C ASP B 137 29.24 7.54 -17.06
N MET B 138 28.92 6.31 -17.44
CA MET B 138 27.67 6.05 -18.13
C MET B 138 27.35 4.58 -17.82
N SER B 139 26.12 4.15 -18.10
CA SER B 139 25.78 2.77 -17.83
C SER B 139 26.40 1.85 -18.83
N ILE B 140 26.49 0.57 -18.48
CA ILE B 140 27.01 -0.38 -19.45
C ILE B 140 26.07 -0.31 -20.66
N LEU B 141 24.78 -0.16 -20.39
CA LEU B 141 23.79 -0.12 -21.49
C LEU B 141 24.10 1.03 -22.45
N ALA B 142 24.40 2.20 -21.89
CA ALA B 142 24.64 3.32 -22.79
C ALA B 142 25.81 2.94 -23.69
N MET B 143 26.78 2.23 -23.12
CA MET B 143 27.92 1.83 -23.93
C MET B 143 27.50 0.84 -25.01
N GLN B 144 26.60 -0.08 -24.68
CA GLN B 144 26.14 -1.06 -25.68
C GLN B 144 25.42 -0.35 -26.82
N ARG B 145 24.58 0.62 -26.49
CA ARG B 145 23.91 1.36 -27.58
C ARG B 145 24.92 2.05 -28.50
N LEU B 146 25.87 2.74 -27.86
CA LEU B 146 26.92 3.51 -28.55
C LEU B 146 27.65 2.59 -29.53
N ASN B 147 28.06 1.47 -28.99
CA ASN B 147 28.77 0.49 -29.77
C ASN B 147 28.00 -0.27 -30.80
N GLU B 148 26.71 -0.51 -30.64
CA GLU B 148 26.12 -1.20 -31.77
C GLU B 148 25.28 -0.21 -32.55
N HIS B 149 25.24 1.05 -32.16
CA HIS B 149 24.35 1.92 -32.90
C HIS B 149 22.91 1.49 -32.93
N GLN B 150 22.28 1.38 -31.77
CA GLN B 150 20.89 1.00 -31.70
C GLN B 150 20.31 1.80 -30.54
N PRO B 151 19.01 2.02 -30.54
CA PRO B 151 18.38 2.80 -29.48
C PRO B 151 18.02 1.89 -28.30
N ASN B 152 18.61 0.68 -28.30
CA ASN B 152 18.36 -0.25 -27.21
C ASN B 152 19.54 -1.17 -27.12
N GLY B 153 19.64 -1.92 -26.03
CA GLY B 153 20.70 -2.94 -25.90
C GLY B 153 20.13 -4.29 -26.38
N PRO B 154 20.73 -5.44 -26.01
CA PRO B 154 20.22 -6.75 -26.45
C PRO B 154 18.71 -6.76 -26.21
N ALA B 155 17.92 -7.16 -27.20
CA ALA B 155 16.48 -7.09 -27.02
C ALA B 155 15.69 -8.28 -27.55
N THR B 156 16.37 -9.28 -28.10
CA THR B 156 15.69 -10.48 -28.59
C THR B 156 15.96 -11.48 -27.47
N PRO B 157 15.17 -12.54 -27.39
CA PRO B 157 15.38 -13.53 -26.37
C PRO B 157 16.80 -14.06 -26.23
N VAL B 158 17.44 -14.46 -27.32
CA VAL B 158 18.79 -15.00 -27.23
C VAL B 158 19.75 -13.92 -26.78
N ASP B 159 19.75 -12.76 -27.45
CA ASP B 159 20.72 -11.75 -27.02
C ASP B 159 20.51 -11.29 -25.58
N MET B 160 19.25 -11.22 -25.14
CA MET B 160 19.00 -10.82 -23.74
C MET B 160 19.53 -11.87 -22.73
N VAL B 161 19.34 -13.16 -23.01
CA VAL B 161 19.84 -14.11 -22.02
C VAL B 161 21.36 -14.14 -22.12
N VAL B 162 21.94 -13.82 -23.26
CA VAL B 162 23.40 -13.80 -23.28
C VAL B 162 23.88 -12.59 -22.46
N ASP B 163 23.15 -11.49 -22.64
CA ASP B 163 23.47 -10.25 -21.89
C ASP B 163 23.34 -10.50 -20.37
N TYR B 164 22.25 -11.17 -20.01
CA TYR B 164 21.97 -11.50 -18.61
C TYR B 164 23.06 -12.38 -18.05
N TYR B 165 23.48 -13.36 -18.84
CA TYR B 165 24.58 -14.26 -18.43
C TYR B 165 25.91 -13.47 -18.33
N LYS B 166 26.14 -12.55 -19.26
CA LYS B 166 27.40 -11.80 -19.14
C LYS B 166 27.46 -10.82 -18.00
N PHE B 167 26.36 -10.09 -17.78
CA PHE B 167 26.36 -9.07 -16.78
C PHE B 167 25.57 -9.33 -15.50
N ASP B 168 24.25 -9.48 -15.62
CA ASP B 168 23.44 -9.67 -14.42
C ASP B 168 23.92 -10.84 -13.57
N TYR B 169 24.38 -11.92 -14.20
CA TYR B 169 24.79 -13.14 -13.49
C TYR B 169 26.06 -12.90 -12.70
N GLU B 170 26.75 -11.81 -13.02
CA GLU B 170 27.98 -11.43 -12.33
C GLU B 170 27.64 -10.36 -11.30
N PHE B 171 26.97 -9.31 -11.74
CA PHE B 171 26.67 -8.13 -10.92
C PHE B 171 25.34 -8.08 -10.18
N ALA B 172 24.39 -8.92 -10.61
CA ALA B 172 23.09 -9.00 -9.97
C ALA B 172 22.14 -7.83 -10.18
N GLU B 173 22.45 -6.95 -11.12
CA GLU B 173 21.52 -5.91 -11.52
C GLU B 173 21.79 -5.77 -13.02
N PRO B 174 20.91 -5.16 -13.80
CA PRO B 174 21.15 -5.03 -15.24
C PRO B 174 22.22 -3.99 -15.62
N PRO B 175 22.71 -4.12 -16.85
CA PRO B 175 23.73 -3.20 -17.36
C PRO B 175 23.21 -1.77 -17.28
N ARG B 176 21.91 -1.58 -17.52
CA ARG B 176 21.48 -0.20 -17.50
C ARG B 176 21.56 0.53 -16.19
N VAL B 177 21.78 -0.26 -15.16
CA VAL B 177 21.87 0.46 -13.89
C VAL B 177 23.33 0.46 -13.44
N THR B 178 24.15 -0.43 -14.01
CA THR B 178 25.53 -0.61 -13.58
C THR B 178 26.55 0.37 -14.17
N SER B 179 27.49 0.82 -13.35
CA SER B 179 28.56 1.72 -13.80
C SER B 179 29.55 1.07 -14.80
N LEU B 180 29.67 1.67 -15.97
CA LEU B 180 30.67 1.15 -16.91
C LEU B 180 32.10 1.25 -16.36
N GLN B 181 32.40 2.47 -15.92
CA GLN B 181 33.75 2.81 -15.48
C GLN B 181 34.26 1.88 -14.40
N ASN B 182 33.35 1.48 -13.51
CA ASN B 182 33.75 0.60 -12.41
C ASN B 182 33.56 -0.89 -12.59
N THR B 183 33.02 -1.29 -13.74
CA THR B 183 32.91 -2.74 -13.96
C THR B 183 33.48 -3.22 -15.28
N VAL B 184 33.73 -2.36 -16.27
CA VAL B 184 34.26 -2.98 -17.51
C VAL B 184 35.54 -2.18 -17.82
N PRO B 185 36.73 -2.74 -17.72
CA PRO B 185 36.95 -4.12 -17.32
C PRO B 185 36.85 -4.19 -15.82
N LEU B 186 36.79 -5.40 -15.30
CA LEU B 186 36.69 -5.55 -13.85
C LEU B 186 38.02 -6.00 -13.30
N ALA B 187 38.44 -5.26 -12.28
CA ALA B 187 39.73 -5.50 -11.64
C ALA B 187 39.99 -6.92 -11.16
N THR B 188 38.94 -7.55 -10.64
CA THR B 188 39.07 -8.90 -10.13
C THR B 188 39.70 -9.72 -11.23
N PHE B 189 39.17 -9.59 -12.45
CA PHE B 189 39.68 -10.41 -13.55
C PHE B 189 40.96 -9.89 -14.17
N SER B 190 41.08 -8.58 -14.28
CA SER B 190 42.29 -8.01 -14.84
C SER B 190 43.40 -8.39 -13.91
N ASP B 191 43.23 -8.23 -12.62
CA ASP B 191 44.35 -8.50 -11.70
C ASP B 191 44.67 -9.95 -11.44
N PHE B 192 43.61 -10.67 -11.14
CA PHE B 192 43.75 -12.04 -10.69
C PHE B 192 43.64 -13.14 -11.71
N GLY B 193 43.16 -12.77 -12.89
CA GLY B 193 43.01 -13.86 -13.84
C GLY B 193 41.54 -14.05 -14.21
N ASP B 194 41.33 -14.62 -15.38
CA ASP B 194 39.99 -14.77 -15.89
C ASP B 194 39.26 -15.97 -15.42
N ASP B 195 39.95 -16.89 -14.78
CA ASP B 195 39.15 -18.07 -14.44
C ASP B 195 38.38 -17.94 -13.12
N VAL B 196 37.42 -18.84 -12.94
CA VAL B 196 36.70 -18.85 -11.67
C VAL B 196 36.58 -20.32 -11.33
N TYR B 197 36.77 -20.60 -10.03
CA TYR B 197 36.68 -22.00 -9.56
C TYR B 197 35.50 -22.19 -8.60
N PHE B 198 34.59 -23.11 -8.85
CA PHE B 198 33.41 -23.33 -8.02
C PHE B 198 33.78 -24.25 -6.86
N VAL B 199 33.54 -23.84 -5.62
CA VAL B 199 33.91 -24.66 -4.48
C VAL B 199 32.73 -25.56 -4.20
N ALA B 200 32.99 -26.85 -4.02
CA ALA B 200 31.91 -27.78 -3.74
C ALA B 200 32.53 -28.79 -2.79
N ASP B 201 32.59 -28.39 -1.53
CA ASP B 201 33.19 -29.20 -0.47
C ASP B 201 32.21 -29.23 0.71
N GLN B 202 32.01 -30.41 1.27
CA GLN B 202 31.09 -30.51 2.40
C GLN B 202 31.43 -29.57 3.53
N ARG B 203 32.68 -29.17 3.69
CA ARG B 203 33.03 -28.30 4.81
C ARG B 203 32.55 -26.87 4.56
N GLY B 204 32.26 -26.59 3.29
CA GLY B 204 31.81 -25.24 2.92
C GLY B 204 32.92 -24.24 2.61
N TYR B 205 32.65 -23.34 1.67
CA TYR B 205 33.59 -22.27 1.31
C TYR B 205 33.87 -21.47 2.60
N GLU B 206 32.93 -21.49 3.55
CA GLU B 206 33.10 -20.72 4.78
C GLU B 206 34.28 -21.31 5.56
N ALA B 207 34.74 -22.51 5.21
CA ALA B 207 35.93 -23.03 5.91
C ALA B 207 37.10 -22.03 5.85
N VAL B 208 37.10 -21.21 4.79
CA VAL B 208 38.17 -20.22 4.67
C VAL B 208 38.12 -19.24 5.85
N VAL B 209 36.91 -18.79 6.17
CA VAL B 209 36.80 -17.88 7.31
C VAL B 209 37.19 -18.54 8.65
N TYR B 210 36.79 -19.78 8.89
CA TYR B 210 37.14 -20.50 10.13
C TYR B 210 38.65 -20.61 10.22
N TYR B 211 39.27 -20.86 9.07
CA TYR B 211 40.74 -20.97 9.02
C TYR B 211 41.41 -19.67 9.47
N LEU B 212 40.96 -18.57 8.89
CA LEU B 212 41.58 -17.31 9.28
C LEU B 212 41.39 -16.96 10.75
N ALA B 213 40.19 -17.29 11.19
CA ALA B 213 39.82 -17.00 12.58
C ALA B 213 40.73 -17.82 13.49
N GLY B 214 40.83 -19.12 13.19
CA GLY B 214 41.65 -19.95 14.08
C GLY B 214 43.11 -19.48 14.11
N GLN B 215 43.54 -18.55 13.27
CA GLN B 215 44.96 -18.13 13.30
C GLN B 215 45.21 -17.20 14.44
N TYR B 216 44.15 -16.69 15.05
CA TYR B 216 44.36 -15.79 16.18
C TYR B 216 43.38 -15.97 17.34
N LEU B 217 42.33 -16.75 17.14
CA LEU B 217 41.38 -16.94 18.23
C LEU B 217 41.61 -18.34 18.72
N LYS B 218 41.53 -18.48 20.03
CA LYS B 218 41.70 -19.78 20.65
C LYS B 218 40.60 -20.75 20.21
N THR B 219 41.03 -21.97 19.92
CA THR B 219 40.10 -23.04 19.53
C THR B 219 40.29 -24.23 20.45
N ASP B 220 39.27 -25.07 20.50
CA ASP B 220 39.30 -26.25 21.34
C ASP B 220 40.24 -27.24 20.67
N ASP B 221 41.17 -27.78 21.45
CA ASP B 221 42.07 -28.81 20.94
C ASP B 221 41.37 -30.04 20.36
N LYS B 222 40.39 -30.65 21.03
CA LYS B 222 39.79 -31.79 20.33
C LYS B 222 38.86 -31.48 19.16
N SER B 223 37.96 -30.52 19.36
CA SER B 223 36.96 -30.24 18.34
C SER B 223 37.44 -29.16 17.40
N GLY B 224 38.36 -28.33 17.85
CA GLY B 224 38.81 -27.22 17.03
C GLY B 224 37.76 -26.10 16.94
N LYS B 225 36.73 -26.13 17.77
CA LYS B 225 35.73 -25.10 17.69
C LYS B 225 36.39 -23.91 18.32
N ILE B 226 36.01 -22.71 17.90
CA ILE B 226 36.60 -21.53 18.50
C ILE B 226 35.99 -21.34 19.88
N VAL B 227 36.80 -21.09 20.93
CA VAL B 227 36.29 -20.93 22.28
C VAL B 227 36.80 -19.62 22.86
N ASP B 228 37.41 -18.82 22.00
CA ASP B 228 37.91 -17.57 22.51
C ASP B 228 36.76 -16.69 22.96
N PRO B 229 36.87 -16.13 24.16
CA PRO B 229 35.84 -15.25 24.65
C PRO B 229 35.83 -13.97 23.87
N ARG B 230 36.83 -13.72 23.03
CA ARG B 230 36.86 -12.48 22.28
C ARG B 230 35.84 -12.48 21.13
N LEU B 231 35.37 -13.68 20.87
CA LEU B 231 34.37 -13.83 19.82
C LEU B 231 33.07 -14.09 20.58
N GLN B 232 32.02 -13.30 20.34
CA GLN B 232 30.73 -13.57 20.99
C GLN B 232 29.61 -13.61 19.92
N LEU B 233 29.07 -14.79 19.73
CA LEU B 233 28.01 -15.05 18.77
C LEU B 233 26.63 -14.72 19.34
N ASN B 234 25.64 -14.66 18.46
CA ASN B 234 24.30 -14.30 18.88
C ASN B 234 24.32 -12.94 19.54
N LYS B 235 25.10 -12.00 19.02
CA LYS B 235 25.11 -10.68 19.66
C LYS B 235 24.79 -9.69 18.53
N VAL B 236 23.59 -9.15 18.51
CA VAL B 236 23.20 -8.25 17.43
C VAL B 236 23.38 -6.85 17.86
N VAL B 237 24.33 -6.16 17.24
CA VAL B 237 24.55 -4.77 17.62
C VAL B 237 23.40 -3.89 17.16
N ARG B 238 22.84 -3.13 18.09
CA ARG B 238 21.76 -2.27 17.63
C ARG B 238 22.05 -0.82 17.90
N GLU B 239 23.11 -0.50 18.63
CA GLU B 239 23.35 0.92 18.81
C GLU B 239 24.86 1.11 18.94
N ILE B 240 25.36 2.19 18.35
CA ILE B 240 26.77 2.54 18.47
C ILE B 240 26.83 4.01 18.88
N LYS B 241 27.28 4.36 20.09
CA LYS B 241 27.35 5.78 20.45
C LYS B 241 28.87 5.99 20.40
N TYR B 242 29.29 7.13 19.87
CA TYR B 242 30.73 7.34 19.76
C TYR B 242 30.99 8.78 20.15
N SER B 243 32.15 9.04 20.74
CA SER B 243 32.49 10.40 21.14
C SER B 243 34.00 10.51 21.03
N PRO B 244 34.51 11.71 21.24
CA PRO B 244 35.93 12.00 21.09
C PRO B 244 36.74 11.06 21.92
N GLY B 245 36.18 10.67 23.06
CA GLY B 245 37.01 9.79 23.86
C GLY B 245 36.87 8.31 23.65
N GLY B 246 35.76 7.89 23.05
CA GLY B 246 35.58 6.44 22.90
C GLY B 246 34.22 6.10 22.30
N VAL B 247 33.87 4.81 22.35
CA VAL B 247 32.60 4.35 21.82
C VAL B 247 31.97 3.36 22.80
N THR B 248 30.65 3.28 22.72
CA THR B 248 29.86 2.34 23.50
C THR B 248 28.89 1.64 22.55
N VAL B 249 28.82 0.32 22.66
CA VAL B 249 28.00 -0.45 21.74
C VAL B 249 26.98 -1.28 22.50
N LYS B 250 25.71 -1.27 22.09
CA LYS B 250 24.69 -2.05 22.78
C LYS B 250 24.11 -3.14 21.90
N THR B 251 23.89 -4.32 22.47
CA THR B 251 23.28 -5.39 21.70
C THR B 251 21.80 -5.51 22.09
N GLU B 252 21.04 -6.25 21.30
CA GLU B 252 19.62 -6.42 21.55
C GLU B 252 19.33 -7.07 22.89
N ASP B 253 20.18 -7.99 23.32
CA ASP B 253 19.92 -8.60 24.61
C ASP B 253 20.40 -7.60 25.64
N ASN B 254 20.57 -6.34 25.24
CA ASN B 254 20.95 -5.36 26.25
C ASN B 254 22.39 -5.31 26.79
N SER B 255 23.28 -6.14 26.28
CA SER B 255 24.66 -6.05 26.74
C SER B 255 25.22 -4.71 26.30
N VAL B 256 26.17 -4.19 27.07
CA VAL B 256 26.73 -2.93 26.67
C VAL B 256 28.23 -3.16 26.77
N TYR B 257 28.97 -2.67 25.78
CA TYR B 257 30.40 -2.89 25.71
C TYR B 257 30.97 -1.55 25.35
N SER B 258 32.23 -1.31 25.76
CA SER B 258 32.96 -0.06 25.55
C SER B 258 34.31 -0.38 24.90
N ALA B 259 34.82 0.59 24.15
CA ALA B 259 36.10 0.40 23.47
C ALA B 259 36.66 1.72 22.97
N ASP B 260 37.92 1.69 22.50
CA ASP B 260 38.51 2.94 21.98
C ASP B 260 38.00 3.20 20.60
N TYR B 261 37.76 2.10 19.90
CA TYR B 261 37.21 2.15 18.54
C TYR B 261 36.24 1.02 18.16
N VAL B 262 35.49 1.29 17.10
CA VAL B 262 34.62 0.23 16.58
C VAL B 262 34.83 0.02 15.07
N MET B 263 34.75 -1.23 14.62
CA MET B 263 34.96 -1.51 13.20
C MET B 263 33.67 -2.18 12.76
N VAL B 264 32.95 -1.48 11.90
CA VAL B 264 31.65 -2.00 11.44
C VAL B 264 31.73 -2.82 10.17
N SER B 265 31.45 -4.12 10.19
CA SER B 265 31.58 -4.86 8.93
C SER B 265 30.27 -5.38 8.33
N ALA B 266 29.18 -4.88 8.88
CA ALA B 266 27.84 -5.27 8.45
C ALA B 266 27.65 -4.88 6.97
N SER B 267 26.80 -5.61 6.25
CA SER B 267 26.64 -5.32 4.83
C SER B 267 26.11 -3.95 4.49
N LEU B 268 26.32 -3.57 3.24
CA LEU B 268 25.76 -2.26 2.83
C LEU B 268 24.24 -2.34 3.01
N GLY B 269 23.64 -3.50 2.77
CA GLY B 269 22.18 -3.60 2.94
C GLY B 269 21.82 -3.33 4.41
N VAL B 270 22.62 -3.84 5.34
CA VAL B 270 22.30 -3.59 6.73
C VAL B 270 22.45 -2.11 7.00
N LEU B 271 23.51 -1.49 6.50
CA LEU B 271 23.64 -0.06 6.79
C LEU B 271 22.47 0.69 6.19
N GLN B 272 21.97 0.23 5.04
CA GLN B 272 20.82 0.94 4.38
C GLN B 272 19.52 0.77 5.20
N SER B 273 19.46 -0.30 5.96
CA SER B 273 18.25 -0.55 6.72
C SER B 273 18.15 0.10 8.07
N ASP B 274 19.13 0.83 8.59
CA ASP B 274 18.84 1.31 9.94
C ASP B 274 18.75 0.34 11.10
N LEU B 275 19.23 -0.89 10.95
CA LEU B 275 19.25 -1.81 12.07
C LEU B 275 20.18 -1.19 13.14
N ILE B 276 21.35 -0.68 12.76
CA ILE B 276 22.26 -0.11 13.74
C ILE B 276 21.99 1.39 13.87
N GLN B 277 21.64 1.83 15.07
CA GLN B 277 21.40 3.24 15.28
C GLN B 277 22.71 3.83 15.76
N PHE B 278 23.10 4.90 15.09
CA PHE B 278 24.31 5.65 15.40
C PHE B 278 24.00 6.88 16.26
N LYS B 279 24.83 7.12 17.27
CA LYS B 279 24.60 8.28 18.12
C LYS B 279 25.95 8.90 18.41
N PRO B 280 26.12 10.12 17.93
CA PRO B 280 25.11 10.77 17.11
C PRO B 280 24.92 10.15 15.72
N LYS B 281 23.86 10.60 15.06
CA LYS B 281 23.52 10.09 13.75
C LYS B 281 24.72 10.36 12.80
N LEU B 282 24.98 9.49 11.85
CA LEU B 282 26.07 9.68 10.90
C LEU B 282 25.84 10.98 10.15
N PRO B 283 26.90 11.60 9.65
CA PRO B 283 26.70 12.83 8.91
C PRO B 283 25.94 12.59 7.62
N THR B 284 25.33 13.67 7.15
CA THR B 284 24.57 13.57 5.92
C THR B 284 25.39 13.06 4.73
N TRP B 285 26.61 13.55 4.62
CA TRP B 285 27.39 13.11 3.46
C TRP B 285 27.55 11.61 3.55
N LYS B 286 27.65 11.11 4.78
CA LYS B 286 27.87 9.67 4.91
C LYS B 286 26.58 8.92 4.61
N VAL B 287 25.49 9.47 5.15
CA VAL B 287 24.18 8.84 4.90
C VAL B 287 23.87 8.79 3.41
N ARG B 288 24.11 9.89 2.73
CA ARG B 288 23.88 9.87 1.29
C ARG B 288 24.76 8.87 0.57
N ALA B 289 26.03 8.81 0.97
CA ALA B 289 26.92 7.85 0.31
C ALA B 289 26.30 6.45 0.49
N ILE B 290 25.86 6.16 1.71
CA ILE B 290 25.30 4.84 1.94
C ILE B 290 24.11 4.53 1.01
N TYR B 291 23.18 5.48 0.88
CA TYR B 291 21.98 5.13 0.09
C TYR B 291 22.12 5.12 -1.43
N GLN B 292 23.16 5.81 -1.88
CA GLN B 292 23.40 5.95 -3.32
C GLN B 292 24.00 4.70 -3.89
N PHE B 293 24.71 3.91 -3.09
CA PHE B 293 25.34 2.71 -3.62
C PHE B 293 24.27 1.61 -3.67
N ASP B 294 24.40 0.61 -4.52
CA ASP B 294 23.36 -0.41 -4.57
C ASP B 294 23.68 -1.69 -3.80
N MET B 295 22.73 -2.28 -3.10
CA MET B 295 22.97 -3.60 -2.49
C MET B 295 22.13 -4.54 -3.37
N ALA B 296 22.79 -5.40 -4.14
CA ALA B 296 22.03 -6.30 -5.01
C ALA B 296 21.59 -7.59 -4.36
N VAL B 297 20.78 -8.37 -5.08
CA VAL B 297 20.32 -9.68 -4.61
C VAL B 297 20.49 -10.72 -5.70
N TYR B 298 21.00 -11.88 -5.30
CA TYR B 298 21.30 -12.96 -6.24
C TYR B 298 20.76 -14.21 -5.58
N THR B 299 19.69 -14.77 -6.14
CA THR B 299 19.02 -15.91 -5.51
C THR B 299 19.32 -17.22 -6.20
N LYS B 300 19.91 -18.15 -5.46
CA LYS B 300 20.31 -19.41 -6.06
C LYS B 300 19.24 -20.42 -5.72
N ILE B 301 18.36 -20.73 -6.66
CA ILE B 301 17.27 -21.67 -6.35
C ILE B 301 17.67 -23.09 -6.68
N PHE B 302 17.86 -23.92 -5.67
CA PHE B 302 18.21 -25.30 -5.95
C PHE B 302 16.94 -26.12 -6.03
N LEU B 303 17.01 -27.13 -6.88
CA LEU B 303 15.89 -28.07 -7.11
C LEU B 303 16.40 -29.51 -7.11
N LYS B 304 15.66 -30.41 -6.46
CA LYS B 304 16.02 -31.84 -6.42
C LYS B 304 14.95 -32.63 -7.18
N PHE B 305 15.36 -33.58 -8.02
CA PHE B 305 14.43 -34.36 -8.81
C PHE B 305 14.62 -35.85 -8.57
N PRO B 306 13.55 -36.61 -8.80
CA PRO B 306 13.60 -38.03 -8.59
C PRO B 306 14.35 -38.69 -9.73
N ARG B 307 14.58 -37.99 -10.84
CA ARG B 307 15.39 -38.56 -11.91
C ARG B 307 15.95 -37.49 -12.81
N LYS B 308 17.07 -37.73 -13.49
CA LYS B 308 17.70 -36.73 -14.37
C LYS B 308 16.97 -36.59 -15.69
N PHE B 309 16.78 -35.39 -16.20
CA PHE B 309 16.13 -35.44 -17.50
C PHE B 309 16.78 -34.44 -18.41
N TRP B 310 17.87 -33.85 -17.91
CA TRP B 310 18.66 -32.86 -18.65
C TRP B 310 19.95 -33.51 -19.15
N PRO B 311 20.61 -32.83 -20.07
CA PRO B 311 21.86 -33.34 -20.61
C PRO B 311 23.04 -33.26 -19.63
N GLU B 312 23.96 -34.23 -19.68
CA GLU B 312 25.20 -34.24 -18.91
C GLU B 312 26.34 -34.57 -19.88
N GLY B 313 27.53 -34.05 -19.68
CA GLY B 313 28.51 -34.42 -20.69
C GLY B 313 29.36 -33.21 -20.92
N LYS B 314 30.11 -33.28 -22.00
CA LYS B 314 31.03 -32.21 -22.30
C LYS B 314 30.26 -30.93 -22.55
N GLY B 315 30.67 -29.89 -21.85
CA GLY B 315 30.03 -28.60 -22.08
C GLY B 315 28.59 -28.53 -21.57
N ARG B 316 28.12 -29.51 -20.82
CA ARG B 316 26.74 -29.38 -20.38
C ARG B 316 26.51 -28.68 -19.02
N GLU B 317 27.55 -28.35 -18.27
CA GLU B 317 27.39 -27.79 -16.93
C GLU B 317 26.48 -26.57 -16.85
N PHE B 318 26.67 -25.67 -17.80
CA PHE B 318 25.93 -24.43 -17.84
C PHE B 318 25.00 -24.35 -19.02
N PHE B 319 23.78 -23.90 -18.79
CA PHE B 319 22.86 -23.75 -19.91
C PHE B 319 21.93 -22.56 -19.67
N LEU B 320 21.46 -21.94 -20.75
CA LEU B 320 20.59 -20.79 -20.65
C LEU B 320 19.16 -21.03 -21.17
N TYR B 321 18.22 -20.29 -20.59
CA TYR B 321 16.84 -20.35 -21.08
C TYR B 321 16.52 -18.98 -21.71
N ALA B 322 16.29 -18.95 -23.02
CA ALA B 322 16.03 -17.71 -23.73
C ALA B 322 14.58 -17.27 -23.60
N SER B 323 14.13 -16.86 -22.41
CA SER B 323 12.73 -16.44 -22.27
C SER B 323 12.47 -15.14 -23.04
N SER B 324 11.23 -14.87 -23.47
CA SER B 324 11.01 -13.59 -24.10
C SER B 324 10.90 -12.53 -23.00
N ARG B 325 10.89 -12.98 -21.74
CA ARG B 325 10.80 -12.07 -20.59
C ARG B 325 12.21 -12.00 -19.98
N ARG B 326 12.89 -10.88 -20.11
CA ARG B 326 14.27 -10.81 -19.62
C ARG B 326 14.49 -11.28 -18.18
N GLY B 327 15.52 -12.10 -17.94
CA GLY B 327 15.88 -12.54 -16.61
C GLY B 327 14.96 -13.57 -15.99
N TYR B 328 14.02 -14.12 -16.77
CA TYR B 328 13.09 -15.12 -16.21
C TYR B 328 13.73 -16.50 -16.20
N TYR B 329 14.06 -17.00 -15.01
CA TYR B 329 14.71 -18.34 -14.88
C TYR B 329 15.69 -18.64 -16.02
N GLY B 330 16.65 -17.74 -16.20
CA GLY B 330 17.55 -17.82 -17.34
C GLY B 330 18.86 -18.59 -17.30
N VAL B 331 19.53 -18.62 -16.13
CA VAL B 331 20.84 -19.22 -15.99
C VAL B 331 20.84 -20.47 -15.16
N TRP B 332 21.17 -21.58 -15.83
CA TRP B 332 21.09 -22.91 -15.24
C TRP B 332 22.41 -23.60 -15.06
N GLN B 333 22.54 -24.48 -14.08
CA GLN B 333 23.81 -25.20 -13.91
C GLN B 333 23.40 -26.58 -13.42
N GLU B 334 24.12 -27.61 -13.85
CA GLU B 334 23.83 -28.99 -13.47
C GLU B 334 25.15 -29.48 -12.88
N PHE B 335 25.02 -30.33 -11.89
CA PHE B 335 26.15 -30.77 -11.09
C PHE B 335 26.71 -32.16 -11.25
N GLU B 336 26.86 -32.63 -12.48
CA GLU B 336 27.42 -33.95 -12.70
C GLU B 336 28.79 -34.04 -11.99
N LYS B 337 29.52 -32.93 -11.94
CA LYS B 337 30.82 -33.05 -11.28
C LYS B 337 30.76 -32.79 -9.78
N GLN B 338 30.13 -31.67 -9.41
CA GLN B 338 30.09 -31.30 -8.00
C GLN B 338 29.30 -32.25 -7.12
N TYR B 339 28.11 -32.61 -7.56
CA TYR B 339 27.29 -33.44 -6.69
C TYR B 339 26.80 -34.62 -7.49
N PRO B 340 27.73 -35.46 -7.91
CA PRO B 340 27.31 -36.61 -8.71
C PRO B 340 26.14 -37.46 -8.24
N ASP B 341 25.97 -37.84 -6.98
CA ASP B 341 24.79 -38.70 -6.72
C ASP B 341 23.42 -38.00 -6.80
N ALA B 342 23.51 -36.68 -6.71
CA ALA B 342 22.38 -35.78 -6.63
C ALA B 342 21.06 -35.51 -7.34
N ASN B 343 21.06 -35.39 -8.64
CA ASN B 343 19.79 -35.03 -9.28
C ASN B 343 19.39 -33.60 -8.91
N VAL B 344 20.36 -32.71 -8.80
CA VAL B 344 20.00 -31.34 -8.46
C VAL B 344 20.33 -30.44 -9.61
N LEU B 345 19.58 -29.34 -9.72
CA LEU B 345 19.82 -28.31 -10.71
C LEU B 345 19.81 -27.02 -9.89
N LEU B 346 20.44 -25.98 -10.43
CA LEU B 346 20.48 -24.66 -9.81
C LEU B 346 20.15 -23.63 -10.88
N VAL B 347 19.09 -22.88 -10.64
CA VAL B 347 18.72 -21.83 -11.58
C VAL B 347 18.92 -20.57 -10.72
N THR B 348 19.57 -19.58 -11.34
CA THR B 348 19.87 -18.34 -10.64
C THR B 348 19.05 -17.14 -11.14
N VAL B 349 18.52 -16.34 -10.22
CA VAL B 349 17.76 -15.15 -10.58
C VAL B 349 18.32 -14.01 -9.74
N THR B 350 17.99 -12.76 -10.07
CA THR B 350 18.53 -11.67 -9.28
C THR B 350 17.55 -10.51 -9.26
N ASP B 351 17.91 -9.46 -8.53
CA ASP B 351 17.16 -8.23 -8.68
C ASP B 351 15.65 -8.32 -8.62
N GLU B 352 15.02 -7.77 -9.65
CA GLU B 352 13.54 -7.76 -9.64
C GLU B 352 12.87 -9.11 -9.43
N GLU B 353 13.40 -10.12 -10.10
CA GLU B 353 12.84 -11.45 -9.93
C GLU B 353 13.14 -11.94 -8.52
N SER B 354 14.34 -11.64 -8.03
CA SER B 354 14.67 -12.12 -6.67
C SER B 354 13.63 -11.53 -5.69
N ARG B 355 13.28 -10.25 -5.79
CA ARG B 355 12.34 -9.68 -4.80
C ARG B 355 10.94 -10.27 -4.89
N ARG B 356 10.55 -10.55 -6.13
CA ARG B 356 9.23 -11.13 -6.37
C ARG B 356 9.25 -12.53 -5.78
N ILE B 357 10.27 -13.30 -6.11
CA ILE B 357 10.25 -14.67 -5.63
C ILE B 357 10.41 -14.81 -4.12
N GLU B 358 11.19 -13.92 -3.49
CA GLU B 358 11.34 -14.05 -2.05
C GLU B 358 9.96 -13.81 -1.42
N GLN B 359 9.13 -12.99 -2.05
CA GLN B 359 7.79 -12.68 -1.52
C GLN B 359 6.71 -13.73 -1.78
N GLN B 360 6.98 -14.90 -2.34
CA GLN B 360 5.86 -15.80 -2.57
C GLN B 360 6.31 -17.17 -2.08
N SER B 361 5.42 -18.14 -2.07
CA SER B 361 5.82 -19.44 -1.56
C SER B 361 6.85 -20.19 -2.40
N ASP B 362 7.60 -21.10 -1.77
CA ASP B 362 8.57 -21.89 -2.54
C ASP B 362 7.77 -22.74 -3.53
N GLU B 363 6.54 -23.11 -3.16
CA GLU B 363 5.75 -23.95 -4.09
C GLU B 363 5.35 -23.24 -5.34
N GLN B 364 5.03 -21.97 -5.17
CA GLN B 364 4.62 -21.21 -6.35
C GLN B 364 5.84 -21.08 -7.25
N THR B 365 6.98 -20.76 -6.67
CA THR B 365 8.20 -20.70 -7.48
C THR B 365 8.45 -22.06 -8.13
N LYS B 366 8.33 -23.16 -7.39
CA LYS B 366 8.59 -24.46 -8.01
C LYS B 366 7.67 -24.65 -9.22
N ALA B 367 6.42 -24.24 -9.08
CA ALA B 367 5.53 -24.46 -10.20
C ALA B 367 5.92 -23.63 -11.41
N GLU B 368 6.36 -22.38 -11.22
CA GLU B 368 6.75 -21.59 -12.39
C GLU B 368 7.96 -22.27 -13.05
N ILE B 369 8.90 -22.73 -12.26
CA ILE B 369 10.08 -23.38 -12.81
C ILE B 369 9.73 -24.68 -13.56
N MET B 370 8.79 -25.45 -13.04
CA MET B 370 8.48 -26.69 -13.72
C MET B 370 7.88 -26.33 -15.07
N GLN B 371 7.16 -25.21 -15.16
CA GLN B 371 6.60 -24.87 -16.48
C GLN B 371 7.73 -24.58 -17.45
N VAL B 372 8.75 -23.87 -16.96
CA VAL B 372 9.90 -23.54 -17.82
C VAL B 372 10.62 -24.85 -18.21
N LEU B 373 10.86 -25.73 -17.25
CA LEU B 373 11.56 -26.99 -17.54
C LEU B 373 10.86 -27.87 -18.58
N ARG B 374 9.53 -27.92 -18.51
CA ARG B 374 8.75 -28.73 -19.43
C ARG B 374 8.81 -28.14 -20.82
N LYS B 375 8.93 -26.82 -20.89
CA LYS B 375 9.02 -26.21 -22.20
C LYS B 375 10.39 -26.47 -22.82
N MET B 376 11.43 -26.41 -21.98
CA MET B 376 12.80 -26.64 -22.44
C MET B 376 13.02 -28.08 -22.88
N PHE B 377 12.34 -29.01 -22.20
CA PHE B 377 12.52 -30.44 -22.42
C PHE B 377 11.23 -31.16 -22.75
N PRO B 378 10.60 -30.66 -23.80
CA PRO B 378 9.34 -31.23 -24.22
C PRO B 378 9.46 -32.68 -24.61
N GLY B 379 10.63 -33.14 -25.01
CA GLY B 379 10.67 -34.55 -25.38
C GLY B 379 10.80 -35.50 -24.19
N LYS B 380 11.03 -34.90 -23.03
CA LYS B 380 11.23 -35.74 -21.89
C LYS B 380 10.02 -35.86 -20.98
N ASP B 381 10.08 -36.83 -20.06
CA ASP B 381 9.01 -36.92 -19.09
C ASP B 381 9.68 -36.26 -17.88
N VAL B 382 9.33 -34.99 -17.72
CA VAL B 382 9.93 -34.20 -16.66
C VAL B 382 9.17 -34.35 -15.35
N PRO B 383 9.78 -35.05 -14.41
CA PRO B 383 9.10 -35.18 -13.13
C PRO B 383 9.20 -33.86 -12.32
N ASP B 384 8.22 -33.59 -11.46
CA ASP B 384 8.26 -32.44 -10.57
C ASP B 384 9.40 -32.54 -9.55
N ALA B 385 9.98 -31.40 -9.18
CA ALA B 385 11.10 -31.37 -8.24
C ALA B 385 10.48 -31.86 -6.96
N THR B 386 11.18 -32.67 -6.18
CA THR B 386 10.61 -33.13 -4.92
C THR B 386 11.15 -32.21 -3.86
N ASP B 387 12.03 -31.30 -4.22
CA ASP B 387 12.53 -30.42 -3.16
C ASP B 387 13.02 -29.15 -3.84
N ILE B 388 12.92 -28.02 -3.14
CA ILE B 388 13.38 -26.76 -3.71
C ILE B 388 13.90 -25.91 -2.58
N LEU B 389 14.92 -25.11 -2.83
CA LEU B 389 15.46 -24.28 -1.75
C LEU B 389 15.59 -22.89 -2.37
N VAL B 390 14.92 -21.91 -1.75
CA VAL B 390 14.98 -20.54 -2.23
C VAL B 390 15.63 -19.68 -1.16
N PRO B 391 16.89 -19.27 -1.32
CA PRO B 391 17.54 -18.45 -0.30
C PRO B 391 16.81 -17.12 -0.23
N ARG B 392 16.71 -16.51 0.95
CA ARG B 392 15.98 -15.23 1.00
C ARG B 392 16.92 -14.22 1.65
N TRP B 393 18.04 -13.91 1.00
CA TRP B 393 18.98 -12.99 1.59
C TRP B 393 18.42 -11.57 1.70
N TRP B 394 17.62 -11.12 0.73
CA TRP B 394 17.15 -9.74 0.84
C TRP B 394 16.25 -9.63 2.06
N SER B 395 15.45 -10.65 2.37
CA SER B 395 14.55 -10.57 3.52
C SER B 395 15.25 -10.75 4.86
N ASP B 396 16.48 -11.21 4.87
CA ASP B 396 17.14 -11.46 6.16
C ASP B 396 17.71 -10.15 6.67
N ARG B 397 17.24 -9.76 7.84
CA ARG B 397 17.67 -8.48 8.38
C ARG B 397 19.17 -8.36 8.61
N PHE B 398 19.90 -9.46 8.70
CA PHE B 398 21.35 -9.34 8.93
C PHE B 398 22.10 -9.21 7.60
N TYR B 399 21.39 -9.18 6.47
CA TYR B 399 22.09 -9.08 5.18
C TYR B 399 21.40 -8.11 4.22
N LYS B 400 20.10 -8.28 4.08
CA LYS B 400 19.37 -7.35 3.22
C LYS B 400 19.93 -7.30 1.79
N GLY B 401 20.34 -8.45 1.28
CA GLY B 401 20.81 -8.52 -0.10
C GLY B 401 22.00 -9.50 -0.09
N THR B 402 22.70 -9.65 -1.23
CA THR B 402 23.83 -10.57 -1.35
C THR B 402 25.14 -9.86 -1.61
N PHE B 403 25.16 -8.79 -2.39
CA PHE B 403 26.46 -8.09 -2.58
C PHE B 403 26.21 -6.78 -3.28
N SER B 404 27.11 -5.83 -3.03
CA SER B 404 27.01 -4.54 -3.63
C SER B 404 27.24 -4.54 -5.12
N ASN B 405 26.75 -3.49 -5.79
CA ASN B 405 26.97 -3.29 -7.21
C ASN B 405 27.13 -1.78 -7.38
N TRP B 406 28.17 -1.41 -8.12
CA TRP B 406 28.50 -0.01 -8.33
C TRP B 406 27.53 0.53 -9.38
N PRO B 407 26.66 1.43 -8.98
CA PRO B 407 25.74 1.95 -9.96
C PRO B 407 26.19 3.20 -10.66
N VAL B 408 25.62 3.42 -11.84
CA VAL B 408 25.96 4.65 -12.54
C VAL B 408 25.35 5.70 -11.63
N GLY B 409 26.11 6.74 -11.34
CA GLY B 409 25.61 7.73 -10.39
C GLY B 409 26.41 7.82 -9.09
N VAL B 410 27.30 6.88 -8.87
CA VAL B 410 28.16 6.98 -7.68
C VAL B 410 29.55 7.28 -8.24
N ASN B 411 30.05 8.44 -7.84
CA ASN B 411 31.37 8.86 -8.29
C ASN B 411 32.47 8.43 -7.35
N ARG B 412 33.69 8.71 -7.78
CA ARG B 412 34.81 8.29 -6.98
C ARG B 412 34.79 8.85 -5.58
N TYR B 413 34.52 10.14 -5.47
CA TYR B 413 34.52 10.73 -4.14
C TYR B 413 33.38 10.18 -3.26
N GLU B 414 32.21 9.95 -3.85
CA GLU B 414 31.08 9.39 -3.10
C GLU B 414 31.44 7.99 -2.66
N TYR B 415 32.15 7.26 -3.50
CA TYR B 415 32.45 5.94 -2.99
C TYR B 415 33.46 6.09 -1.86
N ASP B 416 34.34 7.08 -1.84
CA ASP B 416 35.28 7.15 -0.72
C ASP B 416 34.51 7.50 0.56
N GLN B 417 33.44 8.25 0.38
CA GLN B 417 32.68 8.65 1.55
C GLN B 417 31.98 7.47 2.19
N LEU B 418 31.68 6.50 1.35
CA LEU B 418 31.03 5.31 1.87
C LEU B 418 32.04 4.60 2.76
N ARG B 419 33.34 4.63 2.46
CA ARG B 419 34.24 3.85 3.33
C ARG B 419 34.74 4.69 4.50
N ALA B 420 34.73 6.01 4.35
CA ALA B 420 35.36 6.91 5.33
C ALA B 420 34.95 6.66 6.78
N PRO B 421 35.89 6.73 7.72
CA PRO B 421 35.52 6.54 9.13
C PRO B 421 34.79 7.78 9.61
N VAL B 422 34.12 7.73 10.75
CA VAL B 422 33.41 8.89 11.31
C VAL B 422 33.84 8.79 12.75
N GLY B 423 34.71 9.72 13.14
CA GLY B 423 35.28 9.70 14.48
C GLY B 423 35.95 8.35 14.69
N ARG B 424 35.58 7.75 15.80
CA ARG B 424 36.16 6.48 16.16
C ARG B 424 35.41 5.34 15.52
N VAL B 425 34.50 5.63 14.61
CA VAL B 425 33.78 4.50 13.98
C VAL B 425 34.38 4.20 12.62
N TYR B 426 34.88 2.99 12.44
CA TYR B 426 35.46 2.65 11.13
C TYR B 426 34.55 1.67 10.40
N PHE B 427 34.62 1.69 9.08
CA PHE B 427 33.84 0.76 8.29
C PHE B 427 34.64 -0.21 7.47
N THR B 428 34.16 -1.43 7.31
CA THR B 428 34.89 -2.34 6.44
C THR B 428 33.81 -3.23 5.74
N GLY B 429 34.17 -4.22 4.94
CA GLY B 429 33.19 -5.07 4.26
C GLY B 429 33.40 -4.89 2.76
N GLU B 430 32.84 -5.84 2.03
CA GLU B 430 32.99 -5.82 0.58
C GLU B 430 32.66 -4.52 -0.13
N HIS B 431 31.66 -3.80 0.37
CA HIS B 431 31.23 -2.52 -0.23
C HIS B 431 32.27 -1.45 0.10
N THR B 432 33.30 -1.78 0.87
CA THR B 432 34.32 -0.73 1.07
C THR B 432 35.60 -1.09 0.28
N SER B 433 35.58 -2.15 -0.52
CA SER B 433 36.76 -2.56 -1.32
C SER B 433 36.87 -1.63 -2.54
N GLU B 434 37.98 -0.90 -2.58
CA GLU B 434 38.23 0.08 -3.64
C GLU B 434 38.06 -0.53 -5.02
N HIS B 435 38.64 -1.69 -5.24
CA HIS B 435 38.59 -2.29 -6.56
C HIS B 435 37.99 -3.68 -6.59
N TYR B 436 37.62 -4.24 -5.45
CA TYR B 436 37.02 -5.57 -5.58
C TYR B 436 35.65 -5.65 -4.92
N ASN B 437 34.86 -4.58 -4.90
CA ASN B 437 33.54 -4.62 -4.26
C ASN B 437 32.75 -5.78 -4.85
N GLY B 438 31.97 -6.46 -4.01
CA GLY B 438 31.13 -7.58 -4.38
C GLY B 438 31.70 -9.00 -4.26
N TYR B 439 32.94 -9.16 -3.83
CA TYR B 439 33.61 -10.49 -3.77
C TYR B 439 34.18 -10.90 -2.43
N VAL B 440 34.43 -12.20 -2.29
CA VAL B 440 34.99 -12.71 -1.05
C VAL B 440 36.39 -12.11 -0.92
N HIS B 441 37.16 -12.05 -2.01
CA HIS B 441 38.49 -11.48 -1.84
C HIS B 441 38.37 -9.98 -1.56
N GLY B 442 37.31 -9.40 -2.09
CA GLY B 442 37.13 -7.98 -1.84
C GLY B 442 36.83 -7.84 -0.34
N ALA B 443 36.01 -8.70 0.25
CA ALA B 443 35.78 -8.58 1.69
C ALA B 443 37.08 -8.75 2.51
N TYR B 444 37.83 -9.79 2.10
CA TYR B 444 39.08 -10.15 2.78
C TYR B 444 40.05 -9.00 2.81
N LEU B 445 40.30 -8.44 1.62
CA LEU B 445 41.23 -7.32 1.57
C LEU B 445 40.64 -6.05 2.23
N SER B 446 39.32 -5.87 2.22
CA SER B 446 38.77 -4.65 2.80
C SER B 446 39.05 -4.73 4.29
N GLY B 447 39.00 -5.94 4.85
CA GLY B 447 39.26 -6.08 6.29
C GLY B 447 40.67 -5.59 6.65
N ILE B 448 41.68 -5.99 5.88
CA ILE B 448 43.06 -5.58 6.17
C ILE B 448 43.16 -4.07 5.98
N ASP B 449 42.59 -3.60 4.88
CA ASP B 449 42.74 -2.16 4.69
C ASP B 449 42.14 -1.29 5.76
N SER B 450 40.94 -1.69 6.17
CA SER B 450 40.25 -0.87 7.17
C SER B 450 41.06 -0.91 8.47
N ALA B 451 41.51 -2.11 8.83
CA ALA B 451 42.30 -2.32 10.04
C ALA B 451 43.55 -1.42 10.05
N GLU B 452 44.23 -1.38 8.90
CA GLU B 452 45.46 -0.59 8.76
C GLU B 452 45.18 0.90 8.95
N ILE B 453 44.05 1.32 8.41
CA ILE B 453 43.70 2.72 8.62
C ILE B 453 43.57 2.92 10.12
N LEU B 454 42.94 1.95 10.75
CA LEU B 454 42.75 2.11 12.19
C LEU B 454 44.09 2.00 12.92
N ILE B 455 44.95 1.12 12.44
CA ILE B 455 46.24 0.97 13.10
C ILE B 455 47.02 2.29 13.05
N ASN B 456 46.93 2.91 11.90
CA ASN B 456 47.61 4.19 11.76
C ASN B 456 47.22 5.23 12.80
N CYS B 457 45.92 5.41 12.96
CA CYS B 457 45.44 6.39 13.92
C CYS B 457 45.84 5.95 15.33
N ALA B 458 45.52 4.70 15.68
CA ALA B 458 45.79 4.22 17.02
C ALA B 458 47.27 4.09 17.35
N GLN B 459 48.08 3.60 16.44
CA GLN B 459 49.46 3.41 16.82
C GLN B 459 50.38 4.51 16.37
N LYS B 460 50.10 5.05 15.21
CA LYS B 460 50.97 6.09 14.70
C LYS B 460 50.38 7.45 14.88
N LYS B 461 49.35 7.49 15.71
CA LYS B 461 48.65 8.74 15.95
C LYS B 461 48.39 9.55 14.67
N MET B 462 48.13 8.83 13.58
CA MET B 462 47.82 9.41 12.27
C MET B 462 46.34 9.08 12.02
N CYS B 463 45.48 10.05 12.34
CA CYS B 463 44.06 9.85 12.33
C CYS B 463 43.29 10.56 11.25
N LYS B 464 43.95 11.42 10.49
CA LYS B 464 43.25 12.16 9.44
C LYS B 464 43.04 11.21 8.27
N TYR B 465 41.83 11.20 7.73
CA TYR B 465 41.63 10.26 6.63
C TYR B 465 41.44 11.05 5.34
N HIS B 466 42.29 10.79 4.35
CA HIS B 466 42.17 11.49 3.05
C HIS B 466 42.09 13.01 3.15
N PRO C 5 -44.04 28.73 42.17
CA PRO C 5 -42.64 28.74 41.71
C PRO C 5 -42.66 28.19 40.32
N ARG C 6 -41.71 28.66 39.55
CA ARG C 6 -41.66 28.21 38.19
C ARG C 6 -40.63 27.10 38.20
N VAL C 7 -40.93 25.98 37.54
CA VAL C 7 -39.98 24.87 37.47
C VAL C 7 -39.78 24.54 36.01
N ILE C 8 -38.54 24.48 35.60
CA ILE C 8 -38.19 24.07 34.25
C ILE C 8 -37.89 22.57 34.32
N VAL C 9 -38.53 21.81 33.43
CA VAL C 9 -38.31 20.38 33.33
C VAL C 9 -37.53 20.08 32.05
N VAL C 10 -36.35 19.50 32.22
CA VAL C 10 -35.52 19.19 31.05
C VAL C 10 -35.87 17.76 30.61
N GLY C 11 -36.39 17.69 29.39
CA GLY C 11 -36.77 16.42 28.74
C GLY C 11 -38.25 16.04 28.92
N ALA C 12 -38.87 15.55 27.85
CA ALA C 12 -40.28 15.14 27.91
C ALA C 12 -40.45 13.63 27.70
N GLY C 13 -39.60 12.82 28.32
CA GLY C 13 -39.74 11.38 28.18
C GLY C 13 -40.75 11.02 29.29
N MET C 14 -40.88 9.75 29.61
CA MET C 14 -41.86 9.34 30.61
C MET C 14 -41.67 10.08 31.94
N SER C 15 -40.46 10.11 32.49
CA SER C 15 -40.24 10.71 33.81
C SER C 15 -40.49 12.23 33.75
N GLY C 16 -40.11 12.90 32.66
CA GLY C 16 -40.31 14.35 32.60
C GLY C 16 -41.81 14.62 32.63
N ILE C 17 -42.54 13.85 31.84
CA ILE C 17 -43.96 14.10 31.72
C ILE C 17 -44.66 13.75 33.01
N SER C 18 -44.23 12.64 33.58
CA SER C 18 -44.83 12.19 34.84
C SER C 18 -44.56 13.21 35.96
N ALA C 19 -43.34 13.75 36.00
CA ALA C 19 -42.99 14.70 37.06
C ALA C 19 -43.79 15.98 36.84
N ALA C 20 -43.82 16.47 35.60
CA ALA C 20 -44.56 17.68 35.31
C ALA C 20 -46.03 17.49 35.69
N LYS C 21 -46.49 16.26 35.52
CA LYS C 21 -47.87 16.02 35.88
C LYS C 21 -48.06 16.08 37.39
N ARG C 22 -47.20 15.45 38.17
CA ARG C 22 -47.38 15.46 39.62
C ARG C 22 -47.28 16.91 40.14
N LEU C 23 -46.39 17.69 39.53
CA LEU C 23 -46.23 19.09 39.93
C LEU C 23 -47.53 19.84 39.69
N SER C 24 -48.05 19.68 38.48
CA SER C 24 -49.28 20.35 38.10
C SER C 24 -50.32 20.00 39.13
N GLU C 25 -50.34 18.73 39.49
CA GLU C 25 -51.35 18.37 40.45
C GLU C 25 -51.17 19.01 41.82
N ALA C 26 -49.97 19.46 42.19
CA ALA C 26 -49.75 20.07 43.51
C ALA C 26 -50.00 21.55 43.42
N GLY C 27 -50.41 21.93 42.22
CA GLY C 27 -50.71 23.33 41.96
C GLY C 27 -49.54 24.06 41.35
N ILE C 28 -48.45 23.34 41.11
CA ILE C 28 -47.29 24.01 40.54
C ILE C 28 -47.50 23.94 39.04
N THR C 29 -48.09 25.00 38.50
CA THR C 29 -48.37 24.99 37.09
C THR C 29 -47.49 25.91 36.29
N ASP C 30 -46.61 26.67 36.94
CA ASP C 30 -45.78 27.54 36.10
C ASP C 30 -44.59 26.67 35.71
N LEU C 31 -44.85 25.82 34.70
CA LEU C 31 -43.85 24.85 34.25
C LEU C 31 -43.32 25.13 32.85
N LEU C 32 -42.10 24.70 32.56
CA LEU C 32 -41.58 24.85 31.22
C LEU C 32 -40.80 23.54 30.96
N ILE C 33 -41.35 22.70 30.09
CA ILE C 33 -40.69 21.46 29.69
C ILE C 33 -39.88 21.66 28.41
N LEU C 34 -38.58 21.55 28.54
CA LEU C 34 -37.73 21.77 27.37
C LEU C 34 -37.31 20.37 26.86
N GLU C 35 -37.71 20.03 25.62
CA GLU C 35 -37.38 18.70 25.06
C GLU C 35 -36.49 18.85 23.86
N ALA C 36 -35.37 18.12 23.91
CA ALA C 36 -34.39 18.20 22.84
C ALA C 36 -34.93 17.82 21.46
N THR C 37 -35.66 16.72 21.34
CA THR C 37 -36.13 16.25 20.03
C THR C 37 -37.39 16.96 19.57
N ASP C 38 -37.92 16.50 18.44
CA ASP C 38 -39.14 17.08 17.94
C ASP C 38 -40.33 16.33 18.50
N HIS C 39 -40.19 15.51 19.53
CA HIS C 39 -41.43 14.89 20.00
C HIS C 39 -41.25 14.49 21.45
N ILE C 40 -42.33 14.04 22.07
CA ILE C 40 -42.25 13.58 23.45
C ILE C 40 -42.13 12.03 23.50
N GLY C 41 -41.88 11.43 24.67
CA GLY C 41 -41.86 9.98 24.80
C GLY C 41 -40.45 9.41 25.02
N GLY C 42 -39.44 10.16 24.59
CA GLY C 42 -38.08 9.69 24.86
C GLY C 42 -37.78 8.24 24.43
N ARG C 43 -37.33 7.42 25.37
CA ARG C 43 -36.98 6.04 25.09
C ARG C 43 -38.15 5.10 24.75
N MET C 44 -39.36 5.66 24.77
CA MET C 44 -40.58 4.95 24.32
C MET C 44 -40.88 5.65 22.99
N HIS C 45 -40.47 4.99 21.91
CA HIS C 45 -40.58 5.64 20.62
C HIS C 45 -40.64 4.65 19.45
N LYS C 46 -41.65 4.86 18.61
CA LYS C 46 -41.89 3.94 17.50
C LYS C 46 -41.37 4.53 16.20
N THR C 47 -41.34 3.65 15.21
CA THR C 47 -40.91 4.08 13.89
C THR C 47 -41.50 3.17 12.81
N ASN C 48 -41.73 3.73 11.62
CA ASN C 48 -42.31 2.83 10.64
C ASN C 48 -41.24 1.92 10.06
N PHE C 49 -41.43 0.62 10.03
CA PHE C 49 -40.37 -0.17 9.39
C PHE C 49 -41.15 -1.18 8.59
N ALA C 50 -40.76 -1.36 7.35
CA ALA C 50 -41.44 -2.38 6.53
C ALA C 50 -42.96 -2.25 6.61
N GLY C 51 -43.40 -1.01 6.57
CA GLY C 51 -44.82 -0.75 6.61
C GLY C 51 -45.52 -1.02 7.93
N ILE C 52 -44.79 -1.17 9.03
CA ILE C 52 -45.51 -1.32 10.28
C ILE C 52 -44.71 -0.46 11.21
N ASN C 53 -45.35 -0.04 12.29
CA ASN C 53 -44.65 0.76 13.31
C ASN C 53 -44.06 -0.26 14.26
N VAL C 54 -42.76 -0.17 14.54
CA VAL C 54 -42.16 -1.11 15.50
C VAL C 54 -41.56 -0.15 16.52
N GLU C 55 -41.23 -0.73 17.67
CA GLU C 55 -40.65 0.03 18.78
C GLU C 55 -39.13 0.01 18.69
N LEU C 56 -38.53 1.20 18.58
CA LEU C 56 -37.07 1.33 18.56
C LEU C 56 -36.55 1.22 19.99
N GLY C 57 -37.39 1.53 20.98
CA GLY C 57 -36.99 1.49 22.40
C GLY C 57 -37.77 0.47 23.20
N ALA C 58 -38.30 0.88 24.36
CA ALA C 58 -39.04 -0.07 25.18
C ALA C 58 -40.12 -0.80 24.37
N ASN C 59 -40.39 -2.06 24.71
CA ASN C 59 -41.43 -2.79 24.00
C ASN C 59 -42.38 -3.55 24.93
N TRP C 60 -41.93 -3.87 26.14
CA TRP C 60 -42.77 -4.62 27.05
C TRP C 60 -43.20 -3.87 28.32
N VAL C 61 -44.30 -4.37 28.88
CA VAL C 61 -44.76 -3.95 30.18
C VAL C 61 -44.16 -5.13 30.97
N GLU C 62 -43.13 -4.88 31.76
CA GLU C 62 -42.53 -6.01 32.45
C GLU C 62 -42.97 -5.98 33.91
N GLY C 63 -43.37 -7.12 34.46
CA GLY C 63 -43.83 -7.18 35.84
C GLY C 63 -45.36 -7.01 35.77
N VAL C 64 -46.06 -8.14 35.55
CA VAL C 64 -47.50 -8.12 35.47
C VAL C 64 -48.02 -9.38 36.14
N ASN C 65 -49.21 -9.27 36.72
CA ASN C 65 -49.82 -10.42 37.37
C ASN C 65 -49.31 -10.78 38.73
N GLY C 66 -48.53 -9.91 39.36
CA GLY C 66 -47.99 -10.15 40.70
C GLY C 66 -48.82 -9.60 41.87
N GLY C 67 -48.22 -9.53 43.04
CA GLY C 67 -48.94 -9.08 44.21
C GLY C 67 -49.28 -7.62 44.18
N LYS C 68 -48.56 -6.82 43.42
CA LYS C 68 -48.91 -5.42 43.37
C LYS C 68 -49.07 -5.15 41.89
N MET C 69 -49.79 -4.08 41.61
CA MET C 69 -50.05 -3.75 40.23
C MET C 69 -49.04 -2.80 39.64
N ASN C 70 -48.45 -3.20 38.53
CA ASN C 70 -47.48 -2.32 37.91
C ASN C 70 -48.35 -1.16 37.41
N PRO C 71 -48.03 0.05 37.82
CA PRO C 71 -48.88 1.17 37.42
C PRO C 71 -49.02 1.36 35.95
N ILE C 72 -48.05 0.93 35.15
CA ILE C 72 -48.19 1.16 33.72
C ILE C 72 -49.26 0.21 33.12
N TRP C 73 -49.44 -0.95 33.75
CA TRP C 73 -50.32 -1.92 33.15
C TRP C 73 -51.79 -1.55 32.86
N PRO C 74 -52.44 -0.93 33.82
CA PRO C 74 -53.83 -0.59 33.57
C PRO C 74 -53.90 0.43 32.48
N ILE C 75 -52.91 1.30 32.43
CA ILE C 75 -53.05 2.31 31.37
C ILE C 75 -52.94 1.60 30.00
N VAL C 76 -52.10 0.59 29.97
CA VAL C 76 -51.89 -0.04 28.67
C VAL C 76 -53.03 -0.98 28.29
N ASN C 77 -53.35 -1.85 29.23
CA ASN C 77 -54.32 -2.90 29.00
C ASN C 77 -55.77 -2.49 29.25
N SER C 78 -56.01 -1.36 29.90
CA SER C 78 -57.38 -0.96 30.15
C SER C 78 -57.73 0.41 29.64
N THR C 79 -56.94 1.40 30.02
CA THR C 79 -57.31 2.72 29.57
C THR C 79 -57.13 2.85 28.10
N LEU C 80 -55.96 2.46 27.59
CA LEU C 80 -55.71 2.63 26.16
C LEU C 80 -56.03 1.39 25.33
N LYS C 81 -56.01 0.25 26.00
CA LYS C 81 -56.21 -1.04 25.34
C LYS C 81 -55.21 -1.16 24.22
N LEU C 82 -53.94 -0.94 24.49
CA LEU C 82 -52.97 -1.09 23.39
C LEU C 82 -52.88 -2.61 23.15
N ARG C 83 -52.79 -2.99 21.87
CA ARG C 83 -52.70 -4.41 21.49
C ARG C 83 -51.47 -5.06 22.14
N ASN C 84 -51.58 -6.21 22.77
CA ASN C 84 -50.40 -6.74 23.41
C ASN C 84 -50.47 -8.23 23.58
N PHE C 85 -49.31 -8.84 23.86
CA PHE C 85 -49.20 -10.31 23.90
C PHE C 85 -48.30 -10.76 25.04
N ARG C 86 -48.73 -11.73 25.84
CA ARG C 86 -47.86 -12.19 26.92
C ARG C 86 -46.65 -12.96 26.32
N SER C 87 -45.40 -12.69 26.66
CA SER C 87 -44.30 -13.47 26.06
C SER C 87 -44.20 -14.73 26.87
N ASP C 88 -44.01 -15.86 26.20
CA ASP C 88 -43.93 -17.13 26.92
C ASP C 88 -42.58 -17.74 26.52
N PHE C 89 -41.73 -17.99 27.51
CA PHE C 89 -40.41 -18.50 27.20
C PHE C 89 -40.35 -19.99 27.51
N ASP C 90 -41.50 -20.60 27.73
CA ASP C 90 -41.48 -22.02 28.05
C ASP C 90 -40.95 -22.97 27.00
N TYR C 91 -40.91 -22.58 25.74
CA TYR C 91 -40.46 -23.53 24.74
C TYR C 91 -39.05 -23.30 24.28
N LEU C 92 -38.31 -22.48 25.01
CA LEU C 92 -36.94 -22.13 24.59
C LEU C 92 -36.11 -23.36 24.27
N ALA C 93 -36.29 -24.39 25.08
CA ALA C 93 -35.47 -25.58 24.93
C ALA C 93 -35.56 -26.20 23.55
N GLN C 94 -36.66 -25.92 22.88
CA GLN C 94 -36.88 -26.47 21.55
C GLN C 94 -36.35 -25.50 20.50
N ASN C 95 -35.78 -24.37 20.91
CA ASN C 95 -35.38 -23.39 19.91
C ASN C 95 -33.99 -22.80 20.03
N VAL C 96 -33.03 -23.66 20.33
CA VAL C 96 -31.65 -23.20 20.46
C VAL C 96 -30.85 -23.80 19.30
N TYR C 97 -30.38 -22.94 18.41
CA TYR C 97 -29.68 -23.39 17.21
C TYR C 97 -28.19 -23.56 17.42
N LYS C 98 -27.60 -24.64 16.91
CA LYS C 98 -26.15 -24.84 16.98
C LYS C 98 -25.49 -23.81 16.08
N GLU C 99 -24.25 -23.47 16.38
CA GLU C 99 -23.52 -22.49 15.57
C GLU C 99 -23.55 -22.84 14.07
N ASP C 100 -23.40 -24.12 13.76
CA ASP C 100 -23.45 -24.62 12.38
C ASP C 100 -24.77 -25.16 11.86
N GLY C 101 -25.82 -24.89 12.62
CA GLY C 101 -27.14 -25.24 12.14
C GLY C 101 -27.88 -26.38 12.78
N GLY C 102 -29.20 -26.23 12.79
CA GLY C 102 -30.04 -27.24 13.42
C GLY C 102 -30.21 -26.89 14.91
N VAL C 103 -31.28 -27.34 15.55
CA VAL C 103 -31.46 -27.01 16.95
C VAL C 103 -30.85 -28.11 17.77
N TYR C 104 -30.45 -27.83 19.01
CA TYR C 104 -29.95 -28.89 19.87
C TYR C 104 -31.14 -29.73 20.36
N ASP C 105 -30.83 -30.87 20.95
CA ASP C 105 -31.85 -31.73 21.56
C ASP C 105 -32.52 -30.94 22.68
N GLU C 106 -33.83 -31.07 22.69
CA GLU C 106 -34.60 -30.33 23.64
C GLU C 106 -34.36 -30.75 25.08
N ASP C 107 -34.24 -32.04 25.32
CA ASP C 107 -34.03 -32.51 26.67
C ASP C 107 -32.72 -31.97 27.17
N TYR C 108 -31.74 -31.97 26.28
CA TYR C 108 -30.45 -31.50 26.70
C TYR C 108 -30.58 -30.05 27.06
N VAL C 109 -31.16 -29.27 26.15
CA VAL C 109 -31.24 -27.85 26.47
C VAL C 109 -32.05 -27.58 27.76
N GLN C 110 -33.14 -28.31 27.94
CA GLN C 110 -33.94 -28.04 29.12
C GLN C 110 -33.14 -28.29 30.39
N LYS C 111 -32.28 -29.30 30.37
CA LYS C 111 -31.51 -29.53 31.58
C LYS C 111 -30.58 -28.36 31.78
N ARG C 112 -30.01 -27.80 30.70
CA ARG C 112 -29.09 -26.67 30.87
C ARG C 112 -29.87 -25.45 31.42
N ILE C 113 -31.10 -25.24 30.96
CA ILE C 113 -31.89 -24.12 31.46
C ILE C 113 -32.24 -24.36 32.94
N GLU C 114 -32.59 -25.60 33.27
CA GLU C 114 -32.92 -25.83 34.68
C GLU C 114 -31.72 -25.62 35.55
N LEU C 115 -30.55 -25.99 35.06
CA LEU C 115 -29.36 -25.78 35.89
C LEU C 115 -29.19 -24.28 36.11
N ALA C 116 -29.31 -23.53 35.02
CA ALA C 116 -29.10 -22.10 35.14
C ALA C 116 -30.04 -21.42 36.10
N ASP C 117 -31.29 -21.88 36.03
CA ASP C 117 -32.29 -21.26 36.87
C ASP C 117 -32.03 -21.67 38.30
N SER C 118 -31.59 -22.90 38.51
CA SER C 118 -31.40 -23.34 39.88
C SER C 118 -30.22 -22.56 40.48
N VAL C 119 -29.23 -22.23 39.65
CA VAL C 119 -28.10 -21.44 40.15
C VAL C 119 -28.65 -20.08 40.56
N GLU C 120 -29.51 -19.55 39.72
CA GLU C 120 -30.04 -18.24 40.11
C GLU C 120 -30.84 -18.22 41.42
N GLU C 121 -31.68 -19.22 41.59
CA GLU C 121 -32.49 -19.25 42.81
C GLU C 121 -31.59 -19.37 44.03
N MET C 122 -30.47 -20.08 43.89
CA MET C 122 -29.56 -20.16 45.02
C MET C 122 -28.93 -18.79 45.19
N GLY C 123 -28.76 -18.05 44.10
CA GLY C 123 -28.20 -16.71 44.26
C GLY C 123 -29.21 -15.85 45.03
N GLU C 124 -30.50 -16.07 44.81
CA GLU C 124 -31.46 -15.22 45.51
C GLU C 124 -31.37 -15.41 47.01
N LYS C 125 -31.19 -16.65 47.42
CA LYS C 125 -31.10 -16.90 48.87
C LYS C 125 -29.88 -16.22 49.45
N LEU C 126 -28.75 -16.30 48.74
CA LEU C 126 -27.50 -15.70 49.22
C LEU C 126 -27.68 -14.19 49.31
N SER C 127 -28.31 -13.69 48.27
CA SER C 127 -28.56 -12.25 48.21
C SER C 127 -29.32 -11.67 49.40
N ALA C 128 -30.32 -12.42 49.85
CA ALA C 128 -31.16 -12.01 50.97
C ALA C 128 -30.30 -11.84 52.21
N THR C 129 -29.18 -12.55 52.33
CA THR C 129 -28.39 -12.39 53.56
C THR C 129 -27.27 -11.40 53.51
N LEU C 130 -27.02 -10.81 52.35
CA LEU C 130 -25.88 -9.89 52.23
C LEU C 130 -26.15 -8.65 53.05
N HIS C 131 -25.12 -8.06 53.64
CA HIS C 131 -25.24 -6.86 54.45
C HIS C 131 -25.76 -5.71 53.62
N ALA C 132 -26.61 -4.97 54.32
CA ALA C 132 -27.29 -3.86 53.67
C ALA C 132 -26.33 -2.79 53.17
N SER C 133 -25.13 -2.71 53.77
CA SER C 133 -24.22 -1.69 53.27
C SER C 133 -23.76 -2.02 51.82
N GLY C 134 -23.93 -3.26 51.34
CA GLY C 134 -23.44 -3.62 50.01
C GLY C 134 -22.01 -4.11 50.13
N ARG C 135 -21.48 -4.07 51.34
CA ARG C 135 -20.12 -4.54 51.55
C ARG C 135 -19.90 -5.97 51.13
N ASP C 136 -20.92 -6.83 51.17
CA ASP C 136 -20.57 -8.20 50.82
C ASP C 136 -21.03 -8.48 49.40
N ASP C 137 -21.38 -7.47 48.63
CA ASP C 137 -21.93 -7.75 47.30
C ASP C 137 -20.88 -8.40 46.41
N MET C 138 -21.34 -9.06 45.34
CA MET C 138 -20.45 -9.71 44.38
C MET C 138 -21.20 -9.71 43.04
N SER C 139 -20.50 -9.99 41.96
CA SER C 139 -21.16 -9.94 40.66
C SER C 139 -22.01 -11.20 40.54
N ILE C 140 -22.93 -11.19 39.58
CA ILE C 140 -23.75 -12.39 39.37
C ILE C 140 -22.79 -13.51 38.94
N LEU C 141 -21.74 -13.21 38.19
CA LEU C 141 -20.83 -14.30 37.80
C LEU C 141 -20.14 -14.91 39.03
N ALA C 142 -19.74 -14.06 39.95
CA ALA C 142 -19.12 -14.67 41.16
C ALA C 142 -20.07 -15.64 41.84
N MET C 143 -21.34 -15.26 41.89
CA MET C 143 -22.32 -16.14 42.50
C MET C 143 -22.47 -17.39 41.65
N GLN C 144 -22.31 -17.25 40.32
CA GLN C 144 -22.44 -18.43 39.46
C GLN C 144 -21.30 -19.39 39.70
N ARG C 145 -20.10 -18.83 39.84
CA ARG C 145 -19.00 -19.78 40.07
C ARG C 145 -19.18 -20.48 41.43
N LEU C 146 -19.55 -19.71 42.44
CA LEU C 146 -19.68 -20.24 43.79
C LEU C 146 -20.68 -21.38 43.74
N ASN C 147 -21.79 -21.16 43.03
CA ASN C 147 -22.81 -22.22 42.95
C ASN C 147 -22.54 -23.49 42.19
N GLU C 148 -21.83 -23.36 41.06
CA GLU C 148 -21.43 -24.50 40.26
C GLU C 148 -20.04 -25.04 40.63
N HIS C 149 -19.27 -24.39 41.48
CA HIS C 149 -17.93 -24.88 41.75
C HIS C 149 -17.10 -24.95 40.49
N GLN C 150 -16.92 -23.79 39.87
CA GLN C 150 -16.10 -23.76 38.68
C GLN C 150 -15.41 -22.42 38.71
N PRO C 151 -14.32 -22.33 37.97
CA PRO C 151 -13.53 -21.10 37.84
C PRO C 151 -14.11 -20.25 36.73
N ASN C 152 -15.27 -20.62 36.21
CA ASN C 152 -15.83 -19.71 35.20
C ASN C 152 -17.33 -19.84 35.33
N GLY C 153 -18.07 -18.92 34.72
CA GLY C 153 -19.53 -19.01 34.68
C GLY C 153 -19.86 -19.85 33.41
N PRO C 154 -21.08 -19.74 32.89
CA PRO C 154 -21.49 -20.49 31.68
C PRO C 154 -20.43 -20.26 30.60
N ALA C 155 -19.94 -21.34 30.02
CA ALA C 155 -18.81 -21.18 29.09
C ALA C 155 -18.92 -21.94 27.79
N THR C 156 -19.81 -22.92 27.71
CA THR C 156 -20.00 -23.61 26.43
C THR C 156 -20.99 -22.75 25.64
N PRO C 157 -21.08 -22.97 24.33
CA PRO C 157 -21.97 -22.14 23.52
C PRO C 157 -23.43 -22.15 23.94
N VAL C 158 -23.96 -23.33 24.26
CA VAL C 158 -25.37 -23.31 24.63
C VAL C 158 -25.57 -22.66 26.01
N ASP C 159 -24.66 -22.97 26.94
CA ASP C 159 -24.78 -22.44 28.28
C ASP C 159 -24.62 -20.95 28.19
N MET C 160 -23.70 -20.52 27.36
CA MET C 160 -23.51 -19.08 27.26
C MET C 160 -24.70 -18.36 26.68
N VAL C 161 -25.35 -18.94 25.66
CA VAL C 161 -26.49 -18.21 25.10
C VAL C 161 -27.68 -18.27 26.07
N VAL C 162 -27.78 -19.36 26.82
CA VAL C 162 -28.87 -19.39 27.80
C VAL C 162 -28.54 -18.32 28.83
N ASP C 163 -27.28 -18.17 29.22
CA ASP C 163 -26.90 -17.14 30.22
C ASP C 163 -27.21 -15.74 29.70
N TYR C 164 -26.92 -15.54 28.41
CA TYR C 164 -27.12 -14.20 27.83
C TYR C 164 -28.63 -13.92 27.78
N TYR C 165 -29.38 -14.96 27.43
CA TYR C 165 -30.83 -14.76 27.40
C TYR C 165 -31.36 -14.43 28.82
N LYS C 166 -30.90 -15.13 29.83
CA LYS C 166 -31.43 -14.92 31.15
C LYS C 166 -31.00 -13.60 31.71
N PHE C 167 -29.78 -13.16 31.46
CA PHE C 167 -29.32 -11.90 32.07
C PHE C 167 -29.07 -10.73 31.14
N ASP C 168 -28.15 -10.87 30.18
CA ASP C 168 -27.88 -9.72 29.31
C ASP C 168 -29.11 -9.24 28.56
N TYR C 169 -30.01 -10.15 28.20
CA TYR C 169 -31.21 -9.78 27.44
C TYR C 169 -32.13 -8.95 28.33
N GLU C 170 -31.90 -9.04 29.65
CA GLU C 170 -32.72 -8.24 30.56
C GLU C 170 -31.95 -6.99 31.01
N PHE C 171 -30.68 -7.17 31.38
CA PHE C 171 -29.92 -6.00 31.90
C PHE C 171 -29.02 -5.28 30.93
N ALA C 172 -28.78 -5.92 29.79
CA ALA C 172 -27.92 -5.37 28.75
C ALA C 172 -26.42 -5.26 29.07
N GLU C 173 -25.97 -5.97 30.11
CA GLU C 173 -24.55 -6.06 30.41
C GLU C 173 -24.45 -7.47 30.92
N PRO C 174 -23.28 -8.06 30.91
CA PRO C 174 -23.11 -9.42 31.40
C PRO C 174 -23.19 -9.55 32.92
N PRO C 175 -23.39 -10.78 33.38
CA PRO C 175 -23.51 -11.07 34.80
C PRO C 175 -22.22 -10.63 35.47
N ARG C 176 -21.08 -10.77 34.80
CA ARG C 176 -19.89 -10.38 35.53
C ARG C 176 -19.78 -8.91 35.90
N VAL C 177 -20.56 -8.00 35.35
CA VAL C 177 -20.31 -6.64 35.85
C VAL C 177 -21.55 -6.24 36.66
N THR C 178 -22.53 -7.13 36.73
CA THR C 178 -23.81 -6.79 37.38
C THR C 178 -23.88 -7.12 38.89
N SER C 179 -24.46 -6.21 39.69
CA SER C 179 -24.58 -6.41 41.13
C SER C 179 -25.57 -7.54 41.44
N LEU C 180 -25.12 -8.57 42.14
CA LEU C 180 -26.03 -9.64 42.54
C LEU C 180 -27.04 -9.08 43.53
N GLN C 181 -26.53 -8.36 44.50
CA GLN C 181 -27.43 -7.95 45.56
C GLN C 181 -28.62 -7.15 45.05
N ASN C 182 -28.34 -6.30 44.07
CA ASN C 182 -29.38 -5.44 43.56
C ASN C 182 -30.14 -5.90 42.32
N THR C 183 -29.96 -7.12 41.82
CA THR C 183 -30.71 -7.53 40.64
C THR C 183 -31.29 -8.92 40.84
N VAL C 184 -30.84 -9.67 41.83
CA VAL C 184 -31.36 -11.02 41.96
C VAL C 184 -31.72 -11.23 43.43
N PRO C 185 -32.99 -11.30 43.76
CA PRO C 185 -34.09 -11.19 42.81
C PRO C 185 -34.27 -9.74 42.38
N LEU C 186 -35.08 -9.51 41.34
CA LEU C 186 -35.31 -8.15 40.83
C LEU C 186 -36.64 -7.60 41.37
N ALA C 187 -36.65 -6.40 41.94
CA ALA C 187 -37.91 -5.90 42.51
C ALA C 187 -39.09 -5.82 41.56
N THR C 188 -38.80 -5.43 40.32
CA THR C 188 -39.83 -5.35 39.28
C THR C 188 -40.63 -6.64 39.24
N PHE C 189 -39.93 -7.77 39.24
CA PHE C 189 -40.65 -9.04 39.18
C PHE C 189 -41.18 -9.51 40.53
N SER C 190 -40.43 -9.29 41.62
CA SER C 190 -40.93 -9.75 42.92
C SER C 190 -42.18 -8.96 43.22
N ASP C 191 -42.18 -7.66 42.96
CA ASP C 191 -43.34 -6.88 43.36
C ASP C 191 -44.55 -6.94 42.45
N PHE C 192 -44.29 -6.82 41.15
CA PHE C 192 -45.34 -6.73 40.15
C PHE C 192 -45.72 -8.00 39.41
N GLY C 193 -44.94 -9.07 39.60
CA GLY C 193 -45.20 -10.34 38.90
C GLY C 193 -44.17 -10.76 37.84
N ASP C 194 -44.11 -12.05 37.53
CA ASP C 194 -43.13 -12.56 36.59
C ASP C 194 -43.45 -12.39 35.13
N ASP C 195 -44.69 -12.06 34.80
CA ASP C 195 -44.98 -11.94 33.38
C ASP C 195 -44.53 -10.64 32.73
N VAL C 196 -44.34 -10.70 31.41
CA VAL C 196 -44.00 -9.55 30.56
C VAL C 196 -44.95 -9.59 29.37
N TYR C 197 -45.39 -8.40 28.96
CA TYR C 197 -46.33 -8.25 27.87
C TYR C 197 -45.76 -7.32 26.81
N PHE C 198 -45.69 -7.85 25.60
CA PHE C 198 -45.10 -7.19 24.44
C PHE C 198 -46.16 -6.30 23.83
N VAL C 199 -45.91 -5.01 23.77
CA VAL C 199 -46.90 -4.11 23.20
C VAL C 199 -46.68 -4.05 21.70
N ALA C 200 -47.71 -4.32 20.92
CA ALA C 200 -47.58 -4.26 19.46
C ALA C 200 -48.83 -3.57 18.92
N ASP C 201 -48.85 -2.25 18.95
CA ASP C 201 -50.03 -1.50 18.57
C ASP C 201 -49.49 -0.36 17.76
N GLN C 202 -50.26 -0.03 16.73
CA GLN C 202 -49.86 1.02 15.81
C GLN C 202 -49.65 2.36 16.47
N ARG C 203 -50.40 2.56 17.55
CA ARG C 203 -50.26 3.85 18.24
C ARG C 203 -48.93 3.93 18.99
N GLY C 204 -48.30 2.78 19.26
CA GLY C 204 -47.02 2.81 19.96
C GLY C 204 -47.15 2.80 21.47
N TYR C 205 -46.17 2.18 22.12
CA TYR C 205 -46.10 2.13 23.60
C TYR C 205 -46.05 3.62 24.08
N GLU C 206 -45.46 4.50 23.27
CA GLU C 206 -45.39 5.93 23.57
C GLU C 206 -46.76 6.54 23.84
N ALA C 207 -47.79 5.91 23.31
CA ALA C 207 -49.14 6.42 23.56
C ALA C 207 -49.42 6.57 25.06
N VAL C 208 -48.76 5.76 25.87
CA VAL C 208 -48.96 5.90 27.31
C VAL C 208 -48.47 7.31 27.74
N VAL C 209 -47.33 7.72 27.20
CA VAL C 209 -46.78 9.02 27.57
C VAL C 209 -47.71 10.12 27.05
N TYR C 210 -48.19 9.99 25.81
CA TYR C 210 -49.11 11.02 25.31
C TYR C 210 -50.36 11.07 26.17
N TYR C 211 -50.80 9.92 26.67
CA TYR C 211 -52.00 9.94 27.49
C TYR C 211 -51.73 10.71 28.78
N LEU C 212 -50.58 10.49 29.40
CA LEU C 212 -50.34 11.22 30.66
C LEU C 212 -50.25 12.73 30.43
N ALA C 213 -49.55 13.11 29.37
CA ALA C 213 -49.29 14.51 29.02
C ALA C 213 -50.63 15.21 28.82
N GLY C 214 -51.51 14.50 28.13
CA GLY C 214 -52.81 15.06 27.79
C GLY C 214 -53.64 15.31 29.02
N GLN C 215 -53.27 14.70 30.13
CA GLN C 215 -54.05 14.99 31.30
C GLN C 215 -53.76 16.39 31.84
N TYR C 216 -52.74 17.12 31.39
CA TYR C 216 -52.60 18.44 32.00
C TYR C 216 -52.04 19.41 30.99
N LEU C 217 -51.51 18.95 29.86
CA LEU C 217 -51.03 19.99 28.98
C LEU C 217 -52.16 20.22 27.99
N LYS C 218 -52.31 21.44 27.49
CA LYS C 218 -53.37 21.67 26.50
C LYS C 218 -53.18 21.06 25.13
N THR C 219 -54.30 20.55 24.62
CA THR C 219 -54.33 19.94 23.28
C THR C 219 -55.42 20.47 22.34
N ASP C 220 -55.13 20.46 21.05
CA ASP C 220 -56.13 20.93 20.11
C ASP C 220 -57.35 20.03 20.17
N ASP C 221 -58.52 20.66 20.24
CA ASP C 221 -59.76 19.90 20.35
C ASP C 221 -59.97 19.14 19.03
N LYS C 222 -59.34 19.60 17.95
CA LYS C 222 -59.47 18.86 16.70
C LYS C 222 -58.36 17.81 16.60
N SER C 223 -57.14 18.27 16.31
CA SER C 223 -55.99 17.39 16.15
C SER C 223 -55.66 16.52 17.35
N GLY C 224 -56.04 16.91 18.55
CA GLY C 224 -55.69 16.06 19.67
C GLY C 224 -54.22 16.29 20.09
N LYS C 225 -53.50 17.02 19.25
CA LYS C 225 -52.10 17.36 19.47
C LYS C 225 -51.89 18.30 20.64
N ILE C 226 -50.82 18.10 21.40
CA ILE C 226 -50.54 19.05 22.48
C ILE C 226 -50.22 20.43 21.91
N VAL C 227 -50.86 21.45 22.47
CA VAL C 227 -50.57 22.81 21.99
C VAL C 227 -50.15 23.74 23.10
N ASP C 228 -50.02 23.20 24.30
CA ASP C 228 -49.58 24.01 25.42
C ASP C 228 -48.23 24.67 25.24
N PRO C 229 -48.15 25.99 25.38
CA PRO C 229 -46.87 26.66 25.25
C PRO C 229 -45.93 26.26 26.39
N ARG C 230 -46.41 25.56 27.42
CA ARG C 230 -45.48 25.09 28.44
C ARG C 230 -44.59 23.97 27.90
N LEU C 231 -44.95 23.39 26.76
CA LEU C 231 -44.13 22.33 26.16
C LEU C 231 -43.34 22.89 24.99
N GLN C 232 -42.01 22.82 24.97
CA GLN C 232 -41.31 23.42 23.84
C GLN C 232 -40.31 22.39 23.39
N LEU C 233 -40.54 21.91 22.17
CA LEU C 233 -39.74 20.86 21.54
C LEU C 233 -38.56 21.47 20.82
N ASN C 234 -37.61 20.62 20.40
CA ASN C 234 -36.42 21.12 19.72
C ASN C 234 -35.68 22.10 20.62
N LYS C 235 -35.76 21.90 21.94
CA LYS C 235 -35.03 22.78 22.85
C LYS C 235 -33.93 21.95 23.56
N VAL C 236 -32.71 22.04 23.06
CA VAL C 236 -31.61 21.25 23.62
C VAL C 236 -30.90 22.08 24.72
N VAL C 237 -31.13 21.71 25.98
CA VAL C 237 -30.50 22.40 27.10
C VAL C 237 -29.01 22.09 27.08
N ARG C 238 -28.16 23.10 27.04
CA ARG C 238 -26.70 22.91 27.03
C ARG C 238 -26.04 23.46 28.32
N GLU C 239 -26.78 24.29 29.07
CA GLU C 239 -26.21 24.86 30.28
C GLU C 239 -27.28 25.13 31.34
N ILE C 240 -26.95 24.80 32.58
CA ILE C 240 -27.89 25.04 33.68
C ILE C 240 -27.08 25.78 34.74
N LYS C 241 -27.37 27.06 34.96
CA LYS C 241 -26.65 27.80 35.99
C LYS C 241 -27.54 27.84 37.22
N TYR C 242 -27.02 27.67 38.45
CA TYR C 242 -27.94 27.67 39.57
C TYR C 242 -27.32 28.45 40.73
N SER C 243 -28.10 28.99 41.65
CA SER C 243 -27.51 29.78 42.78
C SER C 243 -28.42 29.41 43.90
N PRO C 244 -28.15 29.91 45.10
CA PRO C 244 -29.03 29.51 46.20
C PRO C 244 -30.44 30.03 45.96
N GLY C 245 -30.60 31.01 45.07
CA GLY C 245 -31.91 31.62 44.83
C GLY C 245 -32.73 31.15 43.63
N GLY C 246 -32.08 30.64 42.59
CA GLY C 246 -32.85 30.19 41.42
C GLY C 246 -31.93 29.52 40.38
N VAL C 247 -32.44 29.38 39.15
CA VAL C 247 -31.63 28.77 38.09
C VAL C 247 -31.90 29.48 36.77
N THR C 248 -30.96 29.36 35.85
CA THR C 248 -31.09 29.93 34.50
C THR C 248 -30.63 28.76 33.64
N VAL C 249 -31.41 28.47 32.59
CA VAL C 249 -31.20 27.36 31.66
C VAL C 249 -31.07 27.89 30.22
N LYS C 250 -30.01 27.46 29.55
CA LYS C 250 -29.79 28.00 28.20
C LYS C 250 -29.82 26.83 27.23
N THR C 251 -30.42 27.11 26.08
CA THR C 251 -30.57 26.09 25.04
C THR C 251 -29.65 26.32 23.88
N GLU C 252 -29.49 25.27 23.08
CA GLU C 252 -28.57 25.31 21.97
C GLU C 252 -28.91 26.39 20.95
N ASP C 253 -30.18 26.69 20.76
CA ASP C 253 -30.56 27.75 19.83
C ASP C 253 -30.42 29.13 20.48
N ASN C 254 -29.70 29.16 21.60
CA ASN C 254 -29.48 30.42 22.29
C ASN C 254 -30.57 30.98 23.18
N SER C 255 -31.74 30.37 23.29
CA SER C 255 -32.69 30.91 24.26
C SER C 255 -32.14 30.78 25.69
N VAL C 256 -32.62 31.64 26.58
CA VAL C 256 -32.17 31.57 27.97
C VAL C 256 -33.45 31.61 28.76
N TYR C 257 -33.60 30.80 29.80
CA TYR C 257 -34.85 30.80 30.56
C TYR C 257 -34.50 30.89 32.03
N SER C 258 -35.42 31.34 32.87
CA SER C 258 -35.13 31.50 34.29
C SER C 258 -36.22 30.80 35.01
N ALA C 259 -35.92 30.31 36.21
CA ALA C 259 -36.93 29.65 37.01
C ALA C 259 -36.42 29.58 38.45
N ASP C 260 -37.24 29.09 39.39
CA ASP C 260 -36.81 28.87 40.78
C ASP C 260 -36.12 27.49 40.98
N TYR C 261 -36.51 26.54 40.13
CA TYR C 261 -35.97 25.19 40.22
C TYR C 261 -35.85 24.53 38.84
N VAL C 262 -35.07 23.46 38.71
CA VAL C 262 -34.94 22.73 37.44
C VAL C 262 -34.98 21.25 37.82
N MET C 263 -35.71 20.50 37.01
CA MET C 263 -35.89 19.07 37.24
C MET C 263 -35.26 18.44 36.01
N VAL C 264 -34.13 17.76 36.21
CA VAL C 264 -33.39 17.16 35.11
C VAL C 264 -33.77 15.70 34.85
N SER C 265 -34.39 15.46 33.69
CA SER C 265 -34.83 14.10 33.37
C SER C 265 -34.00 13.40 32.29
N ALA C 266 -32.99 14.07 31.75
CA ALA C 266 -32.15 13.43 30.74
C ALA C 266 -31.53 12.17 31.30
N SER C 267 -31.21 11.23 30.41
CA SER C 267 -30.66 9.96 30.91
C SER C 267 -29.30 10.04 31.61
N LEU C 268 -29.00 8.95 32.33
CA LEU C 268 -27.71 8.79 33.00
C LEU C 268 -26.63 8.96 31.95
N GLY C 269 -26.85 8.37 30.78
CA GLY C 269 -25.86 8.45 29.70
C GLY C 269 -25.67 9.91 29.32
N VAL C 270 -26.76 10.66 29.27
CA VAL C 270 -26.56 12.07 28.92
C VAL C 270 -25.82 12.78 30.08
N LEU C 271 -26.17 12.45 31.32
CA LEU C 271 -25.46 13.06 32.45
C LEU C 271 -23.98 12.66 32.40
N GLN C 272 -23.67 11.48 31.88
CA GLN C 272 -22.27 11.06 31.78
C GLN C 272 -21.50 11.65 30.59
N SER C 273 -22.13 12.50 29.79
CA SER C 273 -21.46 13.09 28.64
C SER C 273 -21.35 14.59 29.00
N ASP C 274 -20.71 15.43 28.21
CA ASP C 274 -20.79 16.75 28.86
C ASP C 274 -21.78 17.63 28.13
N LEU C 275 -22.85 17.02 27.64
CA LEU C 275 -23.80 17.79 26.85
C LEU C 275 -24.35 18.92 27.71
N ILE C 276 -24.68 18.65 28.98
CA ILE C 276 -25.20 19.76 29.74
C ILE C 276 -24.13 20.26 30.67
N GLN C 277 -23.76 21.53 30.55
CA GLN C 277 -22.72 22.01 31.46
C GLN C 277 -23.41 22.62 32.67
N PHE C 278 -23.02 22.21 33.88
CA PHE C 278 -23.60 22.81 35.08
C PHE C 278 -22.70 23.91 35.61
N LYS C 279 -23.28 25.01 36.06
CA LYS C 279 -22.42 26.06 36.60
C LYS C 279 -23.09 26.54 37.91
N PRO C 280 -22.41 26.34 39.04
CA PRO C 280 -21.08 25.71 39.02
C PRO C 280 -21.17 24.20 38.73
N LYS C 281 -20.03 23.58 38.52
CA LYS C 281 -19.94 22.15 38.24
C LYS C 281 -20.60 21.47 39.41
N LEU C 282 -21.11 20.28 39.17
CA LEU C 282 -21.74 19.58 40.27
C LEU C 282 -20.68 19.16 41.25
N PRO C 283 -21.02 18.94 42.51
CA PRO C 283 -20.04 18.49 43.50
C PRO C 283 -19.44 17.14 43.16
N THR C 284 -18.21 16.96 43.59
CA THR C 284 -17.50 15.71 43.30
C THR C 284 -18.28 14.45 43.68
N TRP C 285 -18.96 14.53 44.82
CA TRP C 285 -19.72 13.37 45.27
C TRP C 285 -20.76 13.03 44.22
N LYS C 286 -21.37 14.07 43.67
CA LYS C 286 -22.42 13.80 42.68
C LYS C 286 -21.78 13.26 41.39
N VAL C 287 -20.67 13.88 40.99
CA VAL C 287 -20.03 13.45 39.73
C VAL C 287 -19.56 12.02 39.84
N ARG C 288 -19.05 11.65 41.00
CA ARG C 288 -18.61 10.28 41.10
C ARG C 288 -19.78 9.31 41.05
N ALA C 289 -20.90 9.69 41.68
CA ALA C 289 -22.03 8.75 41.66
C ALA C 289 -22.49 8.56 40.22
N ILE C 290 -22.52 9.67 39.50
CA ILE C 290 -22.97 9.63 38.12
C ILE C 290 -22.07 8.67 37.32
N TYR C 291 -20.75 8.82 37.43
CA TYR C 291 -19.89 7.97 36.63
C TYR C 291 -19.75 6.53 37.07
N GLN C 292 -20.06 6.23 38.33
CA GLN C 292 -19.93 4.83 38.75
C GLN C 292 -21.12 3.99 38.33
N PHE C 293 -22.29 4.60 38.11
CA PHE C 293 -23.42 3.77 37.69
C PHE C 293 -23.28 3.46 36.18
N ASP C 294 -23.90 2.40 35.64
CA ASP C 294 -23.71 2.04 34.23
C ASP C 294 -24.91 2.45 33.39
N MET C 295 -24.66 2.94 32.17
CA MET C 295 -25.76 3.29 31.27
C MET C 295 -25.57 2.21 30.21
N ALA C 296 -26.46 1.23 30.15
CA ALA C 296 -26.29 0.12 29.21
C ALA C 296 -26.86 0.43 27.83
N VAL C 297 -26.58 -0.40 26.82
CA VAL C 297 -27.18 -0.18 25.48
C VAL C 297 -27.76 -1.52 25.02
N TYR C 298 -28.94 -1.49 24.40
CA TYR C 298 -29.66 -2.71 23.99
C TYR C 298 -30.15 -2.31 22.60
N THR C 299 -29.64 -2.97 21.56
CA THR C 299 -29.94 -2.57 20.18
C THR C 299 -30.86 -3.58 19.48
N LYS C 300 -32.05 -3.15 19.11
CA LYS C 300 -33.03 -4.07 18.53
C LYS C 300 -32.90 -4.02 17.02
N ILE C 301 -32.22 -5.00 16.42
CA ILE C 301 -32.04 -4.87 14.98
C ILE C 301 -33.17 -5.57 14.21
N PHE C 302 -33.96 -4.79 13.50
CA PHE C 302 -35.11 -5.36 12.79
C PHE C 302 -34.69 -5.63 11.35
N LEU C 303 -35.17 -6.75 10.83
CA LEU C 303 -34.86 -7.19 9.45
C LEU C 303 -36.15 -7.60 8.74
N LYS C 304 -36.26 -7.16 7.50
CA LYS C 304 -37.43 -7.49 6.67
C LYS C 304 -36.97 -8.43 5.55
N PHE C 305 -37.70 -9.52 5.37
CA PHE C 305 -37.31 -10.43 4.29
C PHE C 305 -38.40 -10.55 3.21
N PRO C 306 -38.05 -10.94 2.00
CA PRO C 306 -39.07 -11.13 0.95
C PRO C 306 -39.91 -12.41 1.11
N ARG C 307 -39.50 -13.35 1.96
CA ARG C 307 -40.26 -14.59 2.19
C ARG C 307 -39.75 -15.10 3.54
N LYS C 308 -40.52 -15.92 4.24
CA LYS C 308 -40.12 -16.42 5.53
C LYS C 308 -39.27 -17.68 5.36
N PHE C 309 -38.32 -18.00 6.24
CA PHE C 309 -37.59 -19.23 6.04
C PHE C 309 -37.38 -19.82 7.42
N TRP C 310 -37.95 -19.17 8.44
CA TRP C 310 -37.77 -19.71 9.79
C TRP C 310 -39.05 -20.39 10.28
N PRO C 311 -38.99 -21.25 11.29
CA PRO C 311 -40.25 -21.88 11.71
C PRO C 311 -41.29 -20.93 12.34
N GLU C 312 -42.57 -21.24 12.23
CA GLU C 312 -43.65 -20.53 12.88
C GLU C 312 -44.45 -21.56 13.61
N GLY C 313 -45.11 -21.18 14.70
CA GLY C 313 -45.85 -22.24 15.39
C GLY C 313 -45.68 -22.20 16.91
N LYS C 314 -46.24 -23.18 17.61
CA LYS C 314 -46.20 -23.18 19.07
C LYS C 314 -44.76 -23.10 19.56
N GLY C 315 -44.51 -22.12 20.42
CA GLY C 315 -43.20 -21.99 21.02
C GLY C 315 -42.17 -21.42 20.09
N ARG C 316 -42.54 -21.07 18.86
CA ARG C 316 -41.49 -20.58 17.95
C ARG C 316 -41.06 -19.11 18.04
N GLU C 317 -41.79 -18.31 18.81
CA GLU C 317 -41.56 -16.87 18.92
C GLU C 317 -40.13 -16.46 19.27
N PHE C 318 -39.55 -17.14 20.25
CA PHE C 318 -38.19 -16.72 20.65
C PHE C 318 -37.25 -17.83 20.34
N PHE C 319 -36.10 -17.55 19.74
CA PHE C 319 -35.17 -18.64 19.48
C PHE C 319 -33.78 -18.10 19.75
N LEU C 320 -32.82 -18.98 20.03
CA LEU C 320 -31.49 -18.46 20.37
C LEU C 320 -30.48 -19.09 19.43
N TYR C 321 -29.41 -18.36 19.14
CA TYR C 321 -28.31 -18.82 18.30
C TYR C 321 -27.10 -19.04 19.22
N ALA C 322 -26.68 -20.29 19.37
CA ALA C 322 -25.57 -20.58 20.25
C ALA C 322 -24.22 -20.41 19.56
N SER C 323 -23.82 -19.15 19.40
CA SER C 323 -22.52 -18.87 18.78
C SER C 323 -21.42 -19.27 19.74
N SER C 324 -20.24 -19.57 19.22
CA SER C 324 -19.13 -19.85 20.16
C SER C 324 -18.58 -18.51 20.69
N ARG C 325 -18.99 -17.40 20.08
CA ARG C 325 -18.62 -16.02 20.44
C ARG C 325 -19.82 -15.48 21.22
N ARG C 326 -19.63 -15.36 22.53
CA ARG C 326 -20.72 -14.96 23.42
C ARG C 326 -21.39 -13.67 23.01
N GLY C 327 -22.71 -13.66 22.99
CA GLY C 327 -23.49 -12.47 22.67
C GLY C 327 -23.58 -12.09 21.19
N TYR C 328 -23.08 -12.93 20.29
CA TYR C 328 -23.06 -12.60 18.85
C TYR C 328 -24.42 -12.95 18.26
N TYR C 329 -25.20 -11.96 17.86
CA TYR C 329 -26.54 -12.15 17.29
C TYR C 329 -27.25 -13.36 17.90
N GLY C 330 -27.40 -13.36 19.22
CA GLY C 330 -27.90 -14.55 19.89
C GLY C 330 -29.36 -14.71 20.25
N VAL C 331 -30.06 -13.60 20.42
CA VAL C 331 -31.43 -13.69 20.88
C VAL C 331 -32.38 -13.22 19.81
N TRP C 332 -33.15 -14.16 19.29
CA TRP C 332 -34.01 -13.76 18.21
C TRP C 332 -35.49 -13.79 18.55
N GLN C 333 -36.28 -13.02 17.81
CA GLN C 333 -37.73 -13.05 18.01
C GLN C 333 -38.39 -12.94 16.61
N GLU C 334 -39.42 -13.77 16.38
CA GLU C 334 -40.17 -13.77 15.11
C GLU C 334 -41.58 -13.32 15.44
N PHE C 335 -42.14 -12.48 14.58
CA PHE C 335 -43.42 -11.86 14.87
C PHE C 335 -44.71 -12.40 14.24
N GLU C 336 -44.82 -13.72 14.13
CA GLU C 336 -46.07 -14.24 13.54
C GLU C 336 -47.30 -13.72 14.28
N LYS C 337 -47.18 -13.56 15.60
CA LYS C 337 -48.32 -13.07 16.38
C LYS C 337 -48.55 -11.59 16.23
N GLN C 338 -47.47 -10.84 16.40
CA GLN C 338 -47.60 -9.38 16.35
C GLN C 338 -47.76 -8.75 15.00
N TYR C 339 -47.04 -9.19 13.97
CA TYR C 339 -47.14 -8.46 12.69
C TYR C 339 -47.19 -9.61 11.68
N PRO C 340 -48.26 -10.39 11.74
CA PRO C 340 -48.43 -11.63 11.00
C PRO C 340 -48.06 -11.70 9.55
N ASP C 341 -48.24 -10.57 8.87
CA ASP C 341 -47.94 -10.74 7.46
C ASP C 341 -46.61 -10.12 7.09
N ALA C 342 -45.92 -9.61 8.10
CA ALA C 342 -44.68 -8.90 7.79
C ALA C 342 -43.35 -9.49 7.33
N ASN C 343 -43.05 -10.71 7.74
CA ASN C 343 -41.75 -11.29 7.34
C ASN C 343 -40.54 -10.56 7.95
N VAL C 344 -40.69 -10.19 9.22
CA VAL C 344 -39.68 -9.47 9.95
C VAL C 344 -39.17 -10.33 11.09
N LEU C 345 -37.88 -10.21 11.37
CA LEU C 345 -37.29 -10.90 12.51
C LEU C 345 -36.66 -9.77 13.31
N LEU C 346 -36.41 -9.99 14.60
CA LEU C 346 -35.76 -9.00 15.47
C LEU C 346 -34.61 -9.70 16.21
N VAL C 347 -33.37 -9.26 15.97
CA VAL C 347 -32.26 -9.87 16.68
C VAL C 347 -31.78 -8.77 17.64
N THR C 348 -31.53 -9.16 18.88
CA THR C 348 -31.16 -8.15 19.86
C THR C 348 -29.70 -8.34 20.28
N VAL C 349 -28.95 -7.22 20.37
CA VAL C 349 -27.56 -7.34 20.84
C VAL C 349 -27.43 -6.25 21.91
N THR C 350 -26.34 -6.24 22.68
CA THR C 350 -26.21 -5.22 23.71
C THR C 350 -24.72 -4.94 23.88
N ASP C 351 -24.42 -3.98 24.76
CA ASP C 351 -23.06 -3.77 25.28
C ASP C 351 -21.98 -3.73 24.21
N GLU C 352 -20.94 -4.55 24.33
CA GLU C 352 -19.84 -4.43 23.34
C GLU C 352 -20.31 -4.57 21.90
N GLU C 353 -21.18 -5.53 21.62
CA GLU C 353 -21.65 -5.68 20.23
C GLU C 353 -22.47 -4.45 19.84
N SER C 354 -23.26 -3.88 20.76
CA SER C 354 -24.02 -2.70 20.35
C SER C 354 -23.05 -1.59 19.96
N ARG C 355 -22.04 -1.32 20.78
CA ARG C 355 -21.18 -0.20 20.41
C ARG C 355 -20.45 -0.43 19.09
N ARG C 356 -20.09 -1.69 18.86
CA ARG C 356 -19.40 -1.99 17.60
C ARG C 356 -20.35 -1.78 16.42
N ILE C 357 -21.54 -2.36 16.54
CA ILE C 357 -22.47 -2.29 15.41
C ILE C 357 -22.92 -0.87 15.09
N GLU C 358 -23.13 -0.06 16.12
CA GLU C 358 -23.58 1.31 15.86
C GLU C 358 -22.54 2.07 15.06
N GLN C 359 -21.29 1.63 15.19
CA GLN C 359 -20.22 2.34 14.53
C GLN C 359 -19.96 1.80 13.14
N GLN C 360 -20.72 0.83 12.64
CA GLN C 360 -20.51 0.34 11.24
C GLN C 360 -21.79 0.53 10.45
N SER C 361 -21.74 0.44 9.13
CA SER C 361 -22.90 0.71 8.31
C SER C 361 -23.96 -0.36 8.46
N ASP C 362 -25.18 0.01 8.11
CA ASP C 362 -26.24 -0.98 8.18
C ASP C 362 -25.90 -2.13 7.24
N GLU C 363 -25.33 -1.75 6.11
CA GLU C 363 -25.03 -2.82 5.16
C GLU C 363 -24.06 -3.84 5.74
N GLN C 364 -23.05 -3.41 6.49
CA GLN C 364 -22.08 -4.35 7.04
C GLN C 364 -22.78 -5.23 8.06
N THR C 365 -23.68 -4.61 8.80
CA THR C 365 -24.39 -5.38 9.81
C THR C 365 -25.28 -6.42 9.15
N LYS C 366 -25.93 -5.98 8.09
CA LYS C 366 -26.83 -6.95 7.44
C LYS C 366 -26.03 -8.11 6.88
N ALA C 367 -24.84 -7.80 6.37
CA ALA C 367 -24.05 -8.90 5.86
C ALA C 367 -23.68 -9.85 6.97
N GLU C 368 -23.26 -9.36 8.13
CA GLU C 368 -22.88 -10.32 9.20
C GLU C 368 -24.08 -11.20 9.58
N ILE C 369 -25.22 -10.51 9.68
CA ILE C 369 -26.43 -11.21 10.10
C ILE C 369 -26.80 -12.27 9.08
N MET C 370 -26.66 -11.98 7.79
CA MET C 370 -27.00 -13.01 6.78
C MET C 370 -26.13 -14.24 6.95
N GLN C 371 -24.85 -14.06 7.28
CA GLN C 371 -23.96 -15.22 7.47
C GLN C 371 -24.47 -16.07 8.63
N VAL C 372 -24.85 -15.40 9.71
CA VAL C 372 -25.40 -16.14 10.87
C VAL C 372 -26.68 -16.92 10.47
N LEU C 373 -27.61 -16.24 9.83
CA LEU C 373 -28.86 -16.91 9.48
C LEU C 373 -28.66 -18.06 8.51
N ARG C 374 -27.69 -17.94 7.62
CA ARG C 374 -27.43 -19.05 6.71
C ARG C 374 -26.84 -20.24 7.42
N LYS C 375 -26.09 -19.97 8.48
CA LYS C 375 -25.49 -21.06 9.27
C LYS C 375 -26.58 -21.62 10.17
N MET C 376 -27.48 -20.77 10.65
CA MET C 376 -28.54 -21.28 11.53
C MET C 376 -29.51 -22.19 10.78
N PHE C 377 -29.80 -21.88 9.52
CA PHE C 377 -30.80 -22.65 8.76
C PHE C 377 -30.12 -23.18 7.51
N PRO C 378 -29.20 -24.11 7.70
CA PRO C 378 -28.47 -24.67 6.55
C PRO C 378 -29.43 -25.30 5.55
N GLY C 379 -30.57 -25.82 5.99
CA GLY C 379 -31.45 -26.47 5.02
C GLY C 379 -32.31 -25.51 4.17
N LYS C 380 -32.25 -24.22 4.43
CA LYS C 380 -33.10 -23.29 3.69
C LYS C 380 -32.27 -22.43 2.76
N ASP C 381 -32.93 -21.91 1.73
CA ASP C 381 -32.30 -20.99 0.79
C ASP C 381 -32.69 -19.69 1.46
N VAL C 382 -31.77 -19.08 2.20
CA VAL C 382 -32.14 -17.92 2.99
C VAL C 382 -32.03 -16.66 2.17
N PRO C 383 -33.12 -15.94 2.03
CA PRO C 383 -33.03 -14.72 1.22
C PRO C 383 -32.32 -13.55 1.92
N ASP C 384 -31.65 -12.68 1.18
CA ASP C 384 -31.08 -11.48 1.77
C ASP C 384 -32.21 -10.64 2.38
N ALA C 385 -31.97 -10.04 3.53
CA ALA C 385 -33.01 -9.20 4.10
C ALA C 385 -33.17 -8.04 3.14
N THR C 386 -34.38 -7.56 2.93
CA THR C 386 -34.40 -6.42 2.03
C THR C 386 -34.42 -5.12 2.83
N ASP C 387 -34.53 -5.15 4.14
CA ASP C 387 -34.45 -3.86 4.81
C ASP C 387 -33.90 -4.20 6.20
N ILE C 388 -33.23 -3.25 6.84
CA ILE C 388 -32.73 -3.53 8.17
C ILE C 388 -32.84 -2.22 8.90
N LEU C 389 -33.12 -2.32 10.20
CA LEU C 389 -33.23 -1.09 10.99
C LEU C 389 -32.32 -1.29 12.19
N VAL C 390 -31.33 -0.42 12.35
CA VAL C 390 -30.37 -0.55 13.44
C VAL C 390 -30.48 0.70 14.31
N PRO C 391 -31.17 0.62 15.43
CA PRO C 391 -31.29 1.83 16.28
C PRO C 391 -29.91 2.19 16.85
N ARG C 392 -29.60 3.48 16.89
CA ARG C 392 -28.30 3.92 17.41
C ARG C 392 -28.41 4.79 18.65
N TRP C 393 -28.94 4.17 19.67
CA TRP C 393 -29.14 4.90 20.92
C TRP C 393 -27.88 5.36 21.63
N TRP C 394 -26.80 4.57 21.60
CA TRP C 394 -25.59 5.00 22.30
C TRP C 394 -24.95 6.17 21.57
N SER C 395 -25.09 6.18 20.26
CA SER C 395 -24.53 7.27 19.45
C SER C 395 -25.41 8.49 19.57
N ASP C 396 -26.68 8.33 19.92
CA ASP C 396 -27.50 9.55 19.98
C ASP C 396 -27.17 10.41 21.21
N ARG C 397 -26.75 11.63 20.96
CA ARG C 397 -26.37 12.50 22.07
C ARG C 397 -27.46 12.81 23.07
N PHE C 398 -28.71 12.54 22.74
CA PHE C 398 -29.77 12.84 23.71
C PHE C 398 -30.12 11.62 24.55
N TYR C 399 -29.42 10.51 24.35
CA TYR C 399 -29.74 9.27 25.09
C TYR C 399 -28.45 8.63 25.57
N LYS C 400 -27.46 8.48 24.70
CA LYS C 400 -26.18 7.85 25.09
C LYS C 400 -26.35 6.50 25.77
N GLY C 401 -27.32 5.72 25.31
CA GLY C 401 -27.53 4.38 25.88
C GLY C 401 -29.04 4.09 25.93
N THR C 402 -29.49 2.94 26.45
CA THR C 402 -30.92 2.67 26.46
C THR C 402 -31.48 2.61 27.86
N PHE C 403 -30.66 2.14 28.81
CA PHE C 403 -31.14 2.11 30.20
C PHE C 403 -30.02 1.73 31.17
N SER C 404 -30.17 2.19 32.41
CA SER C 404 -29.15 1.95 33.43
C SER C 404 -29.12 0.48 33.87
N ASN C 405 -27.99 0.07 34.40
CA ASN C 405 -27.84 -1.27 34.98
C ASN C 405 -26.95 -1.02 36.22
N TRP C 406 -27.25 -1.73 37.30
CA TRP C 406 -26.56 -1.57 38.58
C TRP C 406 -25.35 -2.47 38.62
N PRO C 407 -24.17 -1.87 38.66
CA PRO C 407 -22.92 -2.62 38.66
C PRO C 407 -22.42 -3.00 40.04
N VAL C 408 -21.63 -4.07 40.07
CA VAL C 408 -21.08 -4.51 41.34
C VAL C 408 -20.12 -3.39 41.77
N GLY C 409 -20.09 -3.00 43.04
CA GLY C 409 -19.23 -1.87 43.37
C GLY C 409 -20.15 -0.69 43.74
N VAL C 410 -21.36 -0.67 43.24
CA VAL C 410 -22.13 0.48 43.70
C VAL C 410 -23.08 -0.02 44.79
N ASN C 411 -23.13 0.68 45.93
CA ASN C 411 -24.05 0.32 47.03
C ASN C 411 -25.28 1.24 47.06
N ARG C 412 -26.26 0.98 47.95
CA ARG C 412 -27.42 1.87 47.89
C ARG C 412 -27.12 3.32 48.21
N TYR C 413 -26.15 3.51 49.09
CA TYR C 413 -25.85 4.87 49.45
C TYR C 413 -25.44 5.63 48.19
N GLU C 414 -24.53 5.03 47.43
CA GLU C 414 -24.02 5.68 46.22
C GLU C 414 -25.11 5.76 45.17
N TYR C 415 -25.98 4.77 45.14
CA TYR C 415 -27.04 4.91 44.13
C TYR C 415 -27.94 6.08 44.57
N ASP C 416 -28.20 6.21 45.86
CA ASP C 416 -29.07 7.32 46.20
C ASP C 416 -28.38 8.64 45.91
N GLN C 417 -27.05 8.66 45.99
CA GLN C 417 -26.31 9.88 45.63
C GLN C 417 -26.61 10.31 44.20
N LEU C 418 -27.03 9.33 43.41
CA LEU C 418 -27.39 9.59 42.03
C LEU C 418 -28.76 10.28 41.97
N ARG C 419 -29.66 9.93 42.87
CA ARG C 419 -30.97 10.56 42.81
C ARG C 419 -30.94 11.95 43.45
N ALA C 420 -30.03 12.18 44.38
CA ALA C 420 -30.00 13.43 45.16
C ALA C 420 -29.96 14.81 44.51
N PRO C 421 -30.77 15.76 44.98
CA PRO C 421 -30.75 17.08 44.32
C PRO C 421 -29.47 17.78 44.77
N VAL C 422 -29.11 18.82 44.03
CA VAL C 422 -27.91 19.58 44.34
C VAL C 422 -28.45 21.01 44.40
N GLY C 423 -28.68 21.52 45.60
CA GLY C 423 -29.21 22.89 45.67
C GLY C 423 -30.62 22.91 45.08
N ARG C 424 -30.80 23.81 44.10
CA ARG C 424 -32.10 23.89 43.41
C ARG C 424 -32.19 22.98 42.16
N VAL C 425 -31.19 22.14 41.95
CA VAL C 425 -31.21 21.25 40.80
C VAL C 425 -31.68 19.87 41.26
N TYR C 426 -32.83 19.46 40.75
CA TYR C 426 -33.37 18.14 41.03
C TYR C 426 -33.19 17.18 39.84
N PHE C 427 -33.23 15.87 40.12
CA PHE C 427 -33.04 14.90 39.06
C PHE C 427 -34.19 13.90 39.07
N THR C 428 -34.49 13.36 37.91
CA THR C 428 -35.53 12.32 37.90
C THR C 428 -35.12 11.47 36.69
N GLY C 429 -35.84 10.37 36.53
CA GLY C 429 -35.50 9.48 35.42
C GLY C 429 -35.34 8.07 35.96
N GLU C 430 -35.34 7.13 35.03
CA GLU C 430 -35.27 5.73 35.40
C GLU C 430 -34.07 5.40 36.27
N HIS C 431 -32.94 6.06 35.99
CA HIS C 431 -31.73 5.85 36.82
C HIS C 431 -31.89 6.48 38.21
N THR C 432 -33.03 7.09 38.52
CA THR C 432 -33.25 7.66 39.86
C THR C 432 -34.36 6.86 40.53
N SER C 433 -34.85 5.81 39.88
CA SER C 433 -35.94 5.02 40.45
C SER C 433 -35.47 4.22 41.63
N GLU C 434 -36.10 4.44 42.77
CA GLU C 434 -35.58 3.77 43.93
C GLU C 434 -35.46 2.27 43.78
N HIS C 435 -36.48 1.64 43.21
CA HIS C 435 -36.38 0.19 43.07
C HIS C 435 -36.55 -0.41 41.70
N TYR C 436 -36.79 0.45 40.73
CA TYR C 436 -37.07 -0.07 39.40
C TYR C 436 -36.19 0.56 38.36
N ASN C 437 -34.92 0.78 38.68
CA ASN C 437 -34.14 1.40 37.62
C ASN C 437 -34.16 0.52 36.39
N GLY C 438 -34.09 1.21 35.26
CA GLY C 438 -34.08 0.59 33.96
C GLY C 438 -35.42 0.29 33.28
N TYR C 439 -36.57 0.58 33.90
CA TYR C 439 -37.87 0.29 33.28
C TYR C 439 -38.78 1.46 32.98
N VAL C 440 -39.83 1.21 32.22
CA VAL C 440 -40.77 2.29 31.89
C VAL C 440 -41.49 2.63 33.21
N HIS C 441 -41.82 1.61 33.99
CA HIS C 441 -42.53 1.92 35.21
C HIS C 441 -41.62 2.64 36.19
N GLY C 442 -40.33 2.39 36.07
CA GLY C 442 -39.35 3.05 36.93
C GLY C 442 -39.33 4.52 36.56
N ALA C 443 -39.37 4.81 35.26
CA ALA C 443 -39.33 6.20 34.82
C ALA C 443 -40.58 6.87 35.32
N TYR C 444 -41.71 6.21 35.14
CA TYR C 444 -43.00 6.79 35.55
C TYR C 444 -43.00 7.14 37.05
N LEU C 445 -42.67 6.15 37.87
CA LEU C 445 -42.64 6.39 39.31
C LEU C 445 -41.58 7.36 39.73
N SER C 446 -40.46 7.37 39.02
CA SER C 446 -39.38 8.27 39.43
C SER C 446 -39.80 9.72 39.27
N GLY C 447 -40.62 10.01 38.26
CA GLY C 447 -41.04 11.39 38.03
C GLY C 447 -41.92 11.85 39.20
N ILE C 448 -42.73 10.93 39.70
CA ILE C 448 -43.67 11.26 40.76
C ILE C 448 -42.88 11.48 42.05
N ASP C 449 -41.97 10.57 42.35
CA ASP C 449 -41.14 10.74 43.54
C ASP C 449 -40.32 12.01 43.48
N SER C 450 -39.67 12.21 42.35
CA SER C 450 -38.84 13.39 42.22
C SER C 450 -39.72 14.63 42.44
N ALA C 451 -40.89 14.62 41.83
CA ALA C 451 -41.73 15.81 41.93
C ALA C 451 -42.12 16.02 43.40
N GLU C 452 -42.38 14.93 44.08
CA GLU C 452 -42.80 15.09 45.47
C GLU C 452 -41.71 15.73 46.35
N ILE C 453 -40.50 15.22 46.22
CA ILE C 453 -39.39 15.78 46.97
C ILE C 453 -39.33 17.25 46.62
N LEU C 454 -39.49 17.64 45.36
CA LEU C 454 -39.42 19.05 45.02
C LEU C 454 -40.58 19.85 45.62
N ILE C 455 -41.75 19.23 45.64
CA ILE C 455 -42.94 19.87 46.20
C ILE C 455 -42.75 20.16 47.68
N ASN C 456 -42.30 19.18 48.45
CA ASN C 456 -42.06 19.44 49.86
C ASN C 456 -41.10 20.58 50.16
N CYS C 457 -40.05 20.66 49.35
CA CYS C 457 -39.04 21.67 49.56
C CYS C 457 -39.58 23.02 49.17
N ALA C 458 -40.08 23.11 47.94
CA ALA C 458 -40.58 24.37 47.44
C ALA C 458 -41.85 24.87 48.11
N GLN C 459 -42.80 23.97 48.34
CA GLN C 459 -44.06 24.43 48.90
C GLN C 459 -44.11 24.42 50.39
N LYS C 460 -43.67 23.29 50.92
CA LYS C 460 -43.69 23.11 52.35
C LYS C 460 -42.41 23.62 53.05
N LYS C 461 -41.41 24.05 52.29
CA LYS C 461 -40.14 24.54 52.83
C LYS C 461 -39.49 23.50 53.71
N MET C 462 -39.87 22.24 53.49
CA MET C 462 -39.26 21.12 54.20
C MET C 462 -38.44 20.32 53.20
N CYS C 463 -37.20 20.72 52.98
CA CYS C 463 -36.34 20.04 52.01
C CYS C 463 -35.67 18.86 52.67
N LYS C 464 -36.22 17.66 52.45
CA LYS C 464 -35.67 16.45 53.06
C LYS C 464 -34.18 16.29 52.80
N TYR C 465 -33.47 15.95 53.87
CA TYR C 465 -32.04 15.84 53.72
C TYR C 465 -31.56 14.51 53.13
N HIS C 466 -31.95 13.40 53.75
CA HIS C 466 -31.53 12.11 53.21
C HIS C 466 -32.50 11.58 52.15
C1 NAG D . 45.33 -26.36 -7.13
C2 NAG D . 46.16 -25.99 -8.31
C3 NAG D . 46.95 -27.13 -8.91
C4 NAG D . 47.65 -27.98 -7.87
C5 NAG D . 46.68 -28.34 -6.70
C6 NAG D . 47.32 -29.02 -5.47
C7 NAG D . 45.49 -24.01 -9.49
C8 NAG D . 44.62 -23.42 -10.57
N2 NAG D . 45.34 -25.30 -9.33
O3 NAG D . 47.73 -26.71 -10.07
O4 NAG D . 48.02 -29.23 -8.49
O5 NAG D . 45.99 -27.16 -6.20
O6 NAG D . 48.75 -29.19 -5.52
O7 NAG D . 46.26 -23.35 -8.82
C1 NAG D . 49.63 -29.58 -7.89
C2 NAG D . 49.80 -30.86 -8.60
C3 NAG D . 51.25 -31.28 -8.32
C4 NAG D . 52.28 -30.25 -8.70
C5 NAG D . 51.88 -28.87 -8.14
C6 NAG D . 52.47 -27.69 -8.93
C7 NAG D . 47.94 -32.41 -8.70
C8 NAG D . 47.04 -33.34 -7.91
N2 NAG D . 48.84 -31.77 -7.96
O3 NAG D . 51.50 -32.53 -9.00
O4 NAG D . 53.64 -30.64 -8.39
O5 NAG D . 50.50 -28.67 -8.48
O6 NAG D . 53.25 -28.25 -10.00
O7 NAG D . 47.82 -32.30 -9.92
C1 NAG E . -56.11 -7.31 29.92
C2 NAG E . -56.34 -8.29 31.00
C3 NAG E . -57.40 -9.29 30.69
C4 NAG E . -58.63 -8.67 30.13
C5 NAG E . -58.23 -7.84 28.92
C6 NAG E . -59.40 -6.99 28.43
C7 NAG E . -54.32 -8.72 32.26
C8 NAG E . -53.07 -9.57 32.25
N2 NAG E . -55.02 -8.94 31.20
O3 NAG E . -57.64 -10.15 31.82
O4 NAG E . -59.36 -9.76 29.60
O5 NAG E . -57.33 -6.79 29.45
O6 NAG E . -60.51 -7.00 29.32
O7 NAG E . -54.68 -7.95 33.12
C1 NAG E . -60.99 -9.56 30.03
C2 NAG E . -61.65 -10.72 29.32
C3 NAG E . -63.05 -10.61 29.84
C4 NAG E . -63.05 -10.71 31.34
C5 NAG E . -62.14 -9.70 32.06
C6 NAG E . -61.71 -10.16 33.45
C7 NAG E . -61.07 -11.11 27.00
C8 NAG E . -61.23 -10.61 25.58
N2 NAG E . -61.75 -10.39 27.90
O3 NAG E . -63.81 -11.70 29.27
O4 NAG E . -64.38 -10.66 31.84
O5 NAG E . -60.88 -9.88 31.37
O6 NAG E . -62.18 -11.49 33.73
O7 NAG E . -60.39 -12.05 27.30
C1 MAN E . -65.29 -10.97 32.39
C2 MAN E . -66.59 -10.41 32.92
C3 MAN E . -67.06 -11.20 34.14
C4 MAN E . -67.20 -12.68 33.76
C5 MAN E . -65.90 -13.22 33.21
C6 MAN E . -66.04 -14.69 32.79
O2 MAN E . -67.29 -9.44 32.07
O3 MAN E . -68.27 -10.67 34.68
O4 MAN E . -67.61 -13.56 34.79
O5 MAN E . -65.40 -12.39 32.14
O6 MAN E . -67.15 -14.83 31.85
C1 MAN E . -67.78 -16.00 31.40
C2 MAN E . -69.05 -15.77 30.63
C3 MAN E . -69.99 -15.19 31.68
C4 MAN E . -70.23 -16.30 32.69
C5 MAN E . -68.92 -16.72 33.34
C6 MAN E . -69.11 -17.88 34.33
O2 MAN E . -69.46 -17.02 30.02
O3 MAN E . -71.24 -14.84 31.09
O4 MAN E . -71.11 -15.89 33.71
O5 MAN E . -67.98 -17.10 32.30
O6 MAN E . -68.46 -19.12 33.94
C1 FCA E . -56.80 -11.12 32.16
C2 FCA E . -57.37 -12.19 31.25
C3 FCA E . -58.82 -12.34 31.46
C4 FCA E . -58.99 -12.89 32.89
C5 FCA E . -58.44 -11.80 33.82
C6 FCA E . -58.44 -12.21 35.30
O2 FCA E . -57.16 -11.73 29.88
O3 FCA E . -59.30 -13.34 30.56
O4 FCA E . -58.22 -14.10 33.05
O5 FCA E . -57.08 -11.53 33.51
PA FAD F . 8.31 13.47 -34.39
O1A FAD F . 8.97 12.12 -34.44
O2A FAD F . 6.87 13.78 -34.17
O5B FAD F . 8.68 14.15 -35.81
C5B FAD F . 9.84 13.71 -36.58
C4B FAD F . 9.46 13.50 -38.04
O4B FAD F . 10.52 12.96 -38.85
C3B FAD F . 8.39 12.41 -38.16
O3B FAD F . 7.22 12.88 -38.84
C2B FAD F . 9.08 11.23 -38.81
O2B FAD F . 8.22 10.45 -39.61
C1B FAD F . 10.13 11.88 -39.67
N9A FAD F . 11.33 11.12 -40.02
C8A FAD F . 11.97 10.16 -39.28
N7A FAD F . 13.01 9.68 -39.95
C5A FAD F . 13.08 10.38 -41.15
C6A FAD F . 13.96 10.36 -42.26
N6A FAD F . 15.03 9.56 -42.37
N1A FAD F . 13.68 11.18 -43.29
C2A FAD F . 12.61 11.98 -43.19
N3A FAD F . 11.73 12.10 -42.20
C4A FAD F . 12.01 11.27 -41.20
N1 FAD F . 3.66 14.28 -25.35
C2 FAD F . 2.74 15.02 -24.79
O2 FAD F . 2.86 16.24 -24.64
N3 FAD F . 1.59 14.39 -24.32
C4 FAD F . 1.38 13.01 -24.34
O4 FAD F . 0.30 12.56 -23.95
C4X FAD F . 2.41 12.23 -24.91
N5 FAD F . 2.45 10.87 -24.81
C5X FAD F . 3.08 10.20 -25.83
C6 FAD F . 2.74 8.88 -26.14
C7 FAD F . 3.20 8.25 -27.30
C7M FAD F . 2.86 6.83 -27.68
C8 FAD F . 4.03 9.05 -28.14
C8M FAD F . 4.58 8.50 -29.42
C9 FAD F . 4.40 10.36 -27.86
C9A FAD F . 3.96 10.96 -26.67
N10 FAD F . 4.24 12.29 -26.40
C10 FAD F . 3.51 12.95 -25.44
C1' FAD F . 5.49 12.98 -26.83
C2' FAD F . 5.20 13.86 -28.04
O2' FAD F . 4.31 13.12 -28.89
C3' FAD F . 6.51 14.05 -28.83
O3' FAD F . 7.43 14.64 -27.91
C4' FAD F . 6.46 14.98 -30.08
O4' FAD F . 5.23 14.78 -30.83
C5' FAD F . 7.69 14.70 -30.98
O5' FAD F . 7.66 15.64 -32.03
P FAD F . 9.01 15.83 -32.86
O1P FAD F . 8.79 16.77 -33.99
O2P FAD F . 10.19 15.95 -31.92
O3P FAD F . 9.16 14.29 -33.29
O4 NBA G . 1.08 10.06 -23.00
C4 NBA G . 2.43 10.17 -23.47
C5 NBA G . 3.26 11.04 -22.49
C6 NBA G . 3.52 10.24 -21.21
N7 NBA G . 2.28 9.68 -20.65
C8 NBA G . 1.61 10.76 -19.91
C9 NBA G . 0.28 10.27 -19.29
C10 NBA G . 0.52 9.76 -17.87
N11 NBA G . -0.44 10.48 -17.03
C12 NBA G . 0.42 11.10 -16.03
C13 NBA G . -0.48 11.90 -15.06
C14 NBA G . 0.16 13.30 -14.92
N15 NBA G . -0.35 13.96 -13.70
C16 NBA G . 0.54 15.03 -13.24
C1 NAG H . -11.18 25.52 -22.09
C2 NAG H . -11.21 26.21 -20.76
C3 NAG H . -12.59 26.55 -20.24
C4 NAG H . -13.40 27.22 -21.32
C5 NAG H . -13.38 26.41 -22.65
C6 NAG H . -13.85 27.12 -23.93
C7 NAG H . -9.20 25.83 -19.56
C8 NAG H . -8.52 24.92 -18.58
N2 NAG H . -10.43 25.42 -19.81
O3 NAG H . -12.51 27.24 -18.95
O4 NAG H . -14.77 27.32 -20.96
O5 NAG H . -11.99 26.16 -23.01
O6 NAG H . -14.12 28.52 -23.74
O7 NAG H . -8.72 26.83 -20.09
C1 NAG I . -15.36 29.03 -21.17
C2 NAG I . -16.78 28.86 -20.69
C3 NAG I . -17.50 30.16 -20.87
C4 NAG I . -16.78 31.26 -20.13
C5 NAG I . -15.29 31.31 -20.52
C6 NAG I . -14.47 32.30 -19.68
C7 NAG I . -17.93 26.77 -21.06
C8 NAG I . -18.55 25.92 -22.12
N2 NAG I . -17.44 27.89 -21.57
O3 NAG I . -18.84 29.95 -20.38
O4 NAG I . -17.43 32.53 -20.31
O5 NAG I . -14.71 29.99 -20.40
O6 NAG I . -15.30 32.98 -18.71
O7 NAG I . -17.89 26.44 -19.88
PA FAD J . 29.24 -10.40 5.57
O1A FAD J . 27.81 -9.97 5.37
O2A FAD J . 29.64 -11.77 5.14
O5B FAD J . 29.65 -10.28 7.11
C5B FAD J . 28.98 -9.36 7.99
C4B FAD J . 28.69 -10.09 9.30
O4B FAD J . 27.91 -9.14 10.12
C3B FAD J . 27.74 -11.26 9.09
O3B FAD J . 28.19 -12.49 9.67
C2B FAD J . 26.41 -10.74 9.65
O2B FAD J . 25.73 -11.80 10.32
C1B FAD J . 26.88 -9.86 10.78
N9A FAD J . 25.99 -8.81 11.25
C8A FAD J . 25.13 -8.08 10.47
N7A FAD J . 24.53 -7.11 11.13
C5A FAD J . 25.07 -7.26 12.41
C6A FAD J . 24.79 -6.55 13.61
N6A FAD J . 23.88 -5.57 13.60
N1A FAD J . 25.45 -6.92 14.77
C2A FAD J . 26.30 -7.98 14.70
N3A FAD J . 26.61 -8.72 13.62
C4A FAD J . 26.00 -8.28 12.50
N1 FAD J . 31.67 -13.59 -3.86
C2 FAD J . 32.61 -14.31 -4.47
O2 FAD J . 33.76 -13.89 -4.37
N3 FAD J . 32.25 -15.40 -5.25
C4 FAD J . 30.91 -15.76 -5.40
O4 FAD J . 30.58 -16.82 -5.96
C4X FAD J . 29.92 -14.95 -4.73
N5 FAD J . 28.59 -15.13 -4.99
C5X FAD J . 27.74 -14.58 -4.06
C6 FAD J . 26.47 -15.14 -4.00
C7 FAD J . 25.64 -14.87 -2.91
C7M FAD J . 24.27 -15.50 -2.94
C8 FAD J . 26.13 -14.09 -1.81
C8M FAD J . 25.26 -13.88 -0.57
C9 FAD J . 27.42 -13.52 -1.86
C9A FAD J . 28.21 -13.76 -2.98
N10 FAD J . 29.45 -13.19 -3.11
C10 FAD J . 30.35 -13.83 -3.96
C1' FAD J . 29.82 -12.06 -2.25
C2' FAD J . 30.55 -12.50 -0.99
O2' FAD J . 29.99 -13.64 -0.32
C3' FAD J . 30.66 -11.30 -0.02
O3' FAD J . 31.29 -10.18 -0.67
C4' FAD J . 31.42 -11.49 1.28
O4' FAD J . 31.28 -12.80 1.83
C5' FAD J . 31.05 -10.38 2.26
O5' FAD J . 31.74 -10.54 3.50
P FAD J . 31.65 -9.22 4.38
O1P FAD J . 32.43 -9.55 5.62
O2P FAD J . 31.73 -7.89 3.67
O3P FAD J . 30.09 -9.22 4.84
O4 NBA K . 28.16 -16.24 -7.06
C4 NBA K . 28.18 -14.97 -6.41
C5 NBA K . 28.90 -13.83 -7.18
C6 NBA K . 28.38 -13.42 -8.56
N7 NBA K . 28.05 -14.57 -9.44
C8 NBA K . 29.24 -15.21 -9.99
C9 NBA K . 28.74 -16.39 -10.85
C10 NBA K . 28.76 -16.01 -12.33
N11 NBA K . 30.03 -16.51 -12.85
C12 NBA K . 30.32 -15.71 -14.05
C13 NBA K . 31.38 -16.37 -14.95
C14 NBA K . 32.59 -15.40 -14.91
N15 NBA K . 33.40 -15.39 -16.13
C16 NBA K . 34.40 -14.32 -15.99
PA FAD L . -36.02 9.39 28.49
O1A FAD L . -34.63 9.30 27.95
O2A FAD L . -37.13 8.53 28.01
O5B FAD L . -36.48 10.92 28.59
C5B FAD L . -35.57 11.99 28.76
C4B FAD L . -35.92 12.98 27.69
O4B FAD L . -34.92 14.02 27.78
C3B FAD L . -35.85 12.38 26.28
O3B FAD L . -36.96 12.86 25.52
C2B FAD L . -34.65 13.15 25.69
O2B FAD L . -34.76 13.52 24.34
C1B FAD L . -34.63 14.48 26.47
N9A FAD L . -33.34 15.17 26.52
C8A FAD L . -32.10 14.59 26.62
N7A FAD L . -31.12 15.50 26.72
C5A FAD L . -31.77 16.74 26.67
C6A FAD L . -31.31 18.06 26.68
N6A FAD L . -29.99 18.39 26.78
N1A FAD L . -32.22 19.04 26.58
C2A FAD L . -33.52 18.74 26.49
N3A FAD L . -34.07 17.54 26.46
C4A FAD L . -33.14 16.56 26.51
N1 FAD L . -38.20 -0.59 29.76
C2 FAD L . -39.31 -1.30 29.92
O2 FAD L . -40.06 -1.13 30.90
N3 FAD L . -39.62 -2.23 28.92
C4 FAD L . -38.83 -2.50 27.82
O4 FAD L . -39.22 -3.38 27.04
C4X FAD L . -37.56 -1.79 27.74
N5 FAD L . -36.59 -2.06 26.83
C5X FAD L . -35.92 -0.96 26.37
C6 FAD L . -35.26 -1.03 25.12
C7 FAD L . -34.69 0.13 24.55
C7M FAD L . -33.98 -0.02 23.21
C8 FAD L . -34.74 1.37 25.30
C8M FAD L . -34.12 2.66 24.80
C9 FAD L . -35.38 1.44 26.56
C9A FAD L . -35.96 0.29 27.08
N10 FAD L . -36.60 0.32 28.30
C10 FAD L . -37.34 -0.77 28.73
C1' FAD L . -36.32 1.39 29.27
C2' FAD L . -37.43 2.47 29.30
O2' FAD L . -37.65 2.75 27.92
C3' FAD L . -36.83 3.71 29.98
O3' FAD L . -36.50 3.34 31.33
C4' FAD L . -37.66 4.99 30.04
O4' FAD L . -38.46 5.12 28.87
C5' FAD L . -36.74 6.20 30.17
O5' FAD L . -37.62 7.25 30.52
P FAD L . -36.97 8.62 31.07
O1P FAD L . -37.90 9.78 31.15
O2P FAD L . -36.17 8.19 32.25
O3P FAD L . -35.78 8.92 30.01
O4 NBA M . -36.61 -4.40 26.30
C4 NBA M . -35.95 -3.40 27.07
C5 NBA M . -35.76 -3.92 28.53
C6 NBA M . -34.77 -5.10 28.58
N7 NBA M . -35.23 -6.15 27.66
C8 NBA M . -36.38 -6.84 28.25
C9 NBA M . -36.47 -8.01 27.24
C10 NBA M . -35.97 -9.30 27.92
N11 NBA M . -37.23 -9.93 28.34
C12 NBA M . -36.75 -10.94 29.29
C13 NBA M . -37.89 -11.81 29.87
C14 NBA M . -37.86 -11.74 31.41
N15 NBA M . -38.85 -12.67 32.00
C16 NBA M . -38.95 -12.50 33.45
#